data_1PGV
# 
_entry.id   1PGV 
# 
_audit_conform.dict_name       mmcif_pdbx.dic 
_audit_conform.dict_version    5.376 
_audit_conform.dict_location   http://mmcif.pdb.org/dictionaries/ascii/mmcif_pdbx.dic 
# 
loop_
_database_2.database_id 
_database_2.database_code 
_database_2.pdbx_database_accession 
_database_2.pdbx_DOI 
PDB   1PGV         pdb_00001pgv 10.2210/pdb1pgv/pdb 
RCSB  RCSB019313   ?            ?                   
WWPDB D_1000019313 ?            ?                   
# 
loop_
_pdbx_database_related.db_name 
_pdbx_database_related.db_id 
_pdbx_database_related.details 
_pdbx_database_related.content_type 
PDB      1IO0    'Chicken tropomodulin C-terminal domain' unspecified 
TargetDB C06A5.7 .                                        unspecified 
# 
_pdbx_database_status.status_code                     REL 
_pdbx_database_status.entry_id                        1PGV 
_pdbx_database_status.recvd_initial_deposition_date   2003-05-28 
_pdbx_database_status.deposit_site                    RCSB 
_pdbx_database_status.process_site                    RCSB 
_pdbx_database_status.SG_entry                        Y 
_pdbx_database_status.status_code_sf                  REL 
_pdbx_database_status.pdb_format_compatible           Y 
_pdbx_database_status.status_code_mr                  ? 
_pdbx_database_status.status_code_cs                  ? 
_pdbx_database_status.methods_development_category    ? 
_pdbx_database_status.status_code_nmr_data            ? 
# 
loop_
_audit_author.name 
_audit_author.pdbx_ordinal 
'Symersky, J.'                                            1  
'Lu, S.'                                                  2  
'Li, S.'                                                  3  
'Chen, L.'                                                4  
'Meehan, E.'                                              5  
'Luo, M.'                                                 6  
'Qiu, S.'                                                 7  
'Bunzel, R.J.'                                            8  
'Luo, D.'                                                 9  
'Arabashi, A.'                                            10 
'Nagy, L.A.'                                              11 
'Lin, G.'                                                 12 
'Luan, W.C.-H.'                                           13 
'Carson, M.'                                              14 
'Gray, R.'                                                15 
'Huang, W.'                                               16 
'Southeast Collaboratory for Structural Genomics (SECSG)' 17 
# 
loop_
_citation.id 
_citation.title 
_citation.journal_abbrev 
_citation.journal_volume 
_citation.page_first 
_citation.page_last 
_citation.year 
_citation.journal_id_ASTM 
_citation.country 
_citation.journal_id_ISSN 
_citation.journal_id_CSD 
_citation.book_publisher 
_citation.pdbx_database_id_PubMed 
_citation.pdbx_database_id_DOI 
primary 'Structural genomics of Caenorhabditis elegans: crystal structure of the tropomodulin C-terminal domain' Proteins 56 384  
386  2004 PSFGEY US 0887-3585 0867 ? 15211521 10.1002/prot.10597        
1       
;Purification, nanocrystallization and preliminary X_ray analysis of a C_terminal   
part of tropomodulin protein 1, isoform a, from Caenorhabditis elegans
;
'Acta Crystallogr.,Sect.D' 59 1106 1108 2003 ABCRE6 DK 0907-4449 0766 ? ?        10.1107/S0907444903008217 
2       
;Crystal structure of the C-terminal half of tropomodulin and structural   
basis of actin filament pointed-end capping
;
Biophys.J.                 83 2716 2725 2002 BIOJAU US 0006-3495 0030 ? ?        ?                         
# 
loop_
_citation_author.citation_id 
_citation_author.name 
_citation_author.ordinal 
_citation_author.identifier_ORCID 
primary 'Lu, S.'         1  ? 
primary 'Symersky, J.'   2  ? 
primary 'Li, S.'         3  ? 
primary 'Carson, M.'     4  ? 
primary 'Chen, L.'       5  ? 
primary 'Meehan, E.'     6  ? 
primary 'Luo, M.'        7  ? 
1       'Ding, H.'       8  ? 
1       'Qiu, S.'        9  ? 
1       'Bunzel, R.J.'   10 ? 
1       'Luo, D.'        11 ? 
1       'Arabashi, A.'   12 ? 
1       'Lu, S.'         13 ? 
1       'Symersky, J.'   14 ? 
1       'Nagy, L.A.'     15 ? 
1       'Delucas, L.J.'  16 ? 
1       'Li, S.'         17 ? 
1       'Luo, M.'        18 ? 
2       'Krieger, I.'    19 ? 
2       'Kostyukova, A.' 20 ? 
2       'Yamashita, A.'  21 ? 
2       'Nitanai, Y.'    22 ? 
2       'Maeda, Y.'      23 ? 
# 
_cell.entry_id           1PGV 
_cell.length_a           31.706 
_cell.length_b           50.621 
_cell.length_c           107.132 
_cell.angle_alpha        90.00 
_cell.angle_beta         90.00 
_cell.angle_gamma        90.00 
_cell.Z_PDB              4 
_cell.pdbx_unique_axis   ? 
# 
_symmetry.entry_id                         1PGV 
_symmetry.space_group_name_H-M             'P 21 21 21' 
_symmetry.cell_setting                     orthorhombic 
_symmetry.pdbx_full_space_group_name_H-M   ? 
_symmetry.Int_Tables_number                19 
# 
loop_
_entity.id 
_entity.type 
_entity.src_method 
_entity.pdbx_description 
_entity.formula_weight 
_entity.pdbx_number_of_molecules 
_entity.pdbx_ec 
_entity.pdbx_mutation 
_entity.pdbx_fragment 
_entity.details 
1 polymer man 'tropomodulin TMD-1' 22389.314 1   ? ? 'C-terminal domain' ? 
2 water   nat water                18.015    131 ? ? ?                   ? 
# 
_entity_name_com.entity_id   1 
_entity_name_com.name        'tmd-1; Tropomodulin protein 1, isoform a' 
# 
_entity_poly.entity_id                      1 
_entity_poly.type                           'polypeptide(L)' 
_entity_poly.nstd_linkage                   no 
_entity_poly.nstd_monomer                   no 
_entity_poly.pdbx_seq_one_letter_code       
;GSHGTTFNGIMQSYVPRIVPDEPDNDTDVESCINRLREDDTDLKEVNINNMKRVSKERIRSLIEAACNSKHIEKFSLANT
AISDSEARGLIELIETSPSLRVLNVESNFLTPELLARLLRSTLVTQSIVEFKADNQRQSVLGNQVEMDMMMAIEENESLL
RVGISFASMEARHRVSEALERNYERVRLRRLGKDPNV
;
_entity_poly.pdbx_seq_one_letter_code_can   
;GSHGTTFNGIMQSYVPRIVPDEPDNDTDVESCINRLREDDTDLKEVNINNMKRVSKERIRSLIEAACNSKHIEKFSLANT
AISDSEARGLIELIETSPSLRVLNVESNFLTPELLARLLRSTLVTQSIVEFKADNQRQSVLGNQVEMDMMMAIEENESLL
RVGISFASMEARHRVSEALERNYERVRLRRLGKDPNV
;
_entity_poly.pdbx_strand_id                 A 
_entity_poly.pdbx_target_identifier         C06A5.7 
# 
loop_
_entity_poly_seq.entity_id 
_entity_poly_seq.num 
_entity_poly_seq.mon_id 
_entity_poly_seq.hetero 
1 1   GLY n 
1 2   SER n 
1 3   HIS n 
1 4   GLY n 
1 5   THR n 
1 6   THR n 
1 7   PHE n 
1 8   ASN n 
1 9   GLY n 
1 10  ILE n 
1 11  MET n 
1 12  GLN n 
1 13  SER n 
1 14  TYR n 
1 15  VAL n 
1 16  PRO n 
1 17  ARG n 
1 18  ILE n 
1 19  VAL n 
1 20  PRO n 
1 21  ASP n 
1 22  GLU n 
1 23  PRO n 
1 24  ASP n 
1 25  ASN n 
1 26  ASP n 
1 27  THR n 
1 28  ASP n 
1 29  VAL n 
1 30  GLU n 
1 31  SER n 
1 32  CYS n 
1 33  ILE n 
1 34  ASN n 
1 35  ARG n 
1 36  LEU n 
1 37  ARG n 
1 38  GLU n 
1 39  ASP n 
1 40  ASP n 
1 41  THR n 
1 42  ASP n 
1 43  LEU n 
1 44  LYS n 
1 45  GLU n 
1 46  VAL n 
1 47  ASN n 
1 48  ILE n 
1 49  ASN n 
1 50  ASN n 
1 51  MET n 
1 52  LYS n 
1 53  ARG n 
1 54  VAL n 
1 55  SER n 
1 56  LYS n 
1 57  GLU n 
1 58  ARG n 
1 59  ILE n 
1 60  ARG n 
1 61  SER n 
1 62  LEU n 
1 63  ILE n 
1 64  GLU n 
1 65  ALA n 
1 66  ALA n 
1 67  CYS n 
1 68  ASN n 
1 69  SER n 
1 70  LYS n 
1 71  HIS n 
1 72  ILE n 
1 73  GLU n 
1 74  LYS n 
1 75  PHE n 
1 76  SER n 
1 77  LEU n 
1 78  ALA n 
1 79  ASN n 
1 80  THR n 
1 81  ALA n 
1 82  ILE n 
1 83  SER n 
1 84  ASP n 
1 85  SER n 
1 86  GLU n 
1 87  ALA n 
1 88  ARG n 
1 89  GLY n 
1 90  LEU n 
1 91  ILE n 
1 92  GLU n 
1 93  LEU n 
1 94  ILE n 
1 95  GLU n 
1 96  THR n 
1 97  SER n 
1 98  PRO n 
1 99  SER n 
1 100 LEU n 
1 101 ARG n 
1 102 VAL n 
1 103 LEU n 
1 104 ASN n 
1 105 VAL n 
1 106 GLU n 
1 107 SER n 
1 108 ASN n 
1 109 PHE n 
1 110 LEU n 
1 111 THR n 
1 112 PRO n 
1 113 GLU n 
1 114 LEU n 
1 115 LEU n 
1 116 ALA n 
1 117 ARG n 
1 118 LEU n 
1 119 LEU n 
1 120 ARG n 
1 121 SER n 
1 122 THR n 
1 123 LEU n 
1 124 VAL n 
1 125 THR n 
1 126 GLN n 
1 127 SER n 
1 128 ILE n 
1 129 VAL n 
1 130 GLU n 
1 131 PHE n 
1 132 LYS n 
1 133 ALA n 
1 134 ASP n 
1 135 ASN n 
1 136 GLN n 
1 137 ARG n 
1 138 GLN n 
1 139 SER n 
1 140 VAL n 
1 141 LEU n 
1 142 GLY n 
1 143 ASN n 
1 144 GLN n 
1 145 VAL n 
1 146 GLU n 
1 147 MET n 
1 148 ASP n 
1 149 MET n 
1 150 MET n 
1 151 MET n 
1 152 ALA n 
1 153 ILE n 
1 154 GLU n 
1 155 GLU n 
1 156 ASN n 
1 157 GLU n 
1 158 SER n 
1 159 LEU n 
1 160 LEU n 
1 161 ARG n 
1 162 VAL n 
1 163 GLY n 
1 164 ILE n 
1 165 SER n 
1 166 PHE n 
1 167 ALA n 
1 168 SER n 
1 169 MET n 
1 170 GLU n 
1 171 ALA n 
1 172 ARG n 
1 173 HIS n 
1 174 ARG n 
1 175 VAL n 
1 176 SER n 
1 177 GLU n 
1 178 ALA n 
1 179 LEU n 
1 180 GLU n 
1 181 ARG n 
1 182 ASN n 
1 183 TYR n 
1 184 GLU n 
1 185 ARG n 
1 186 VAL n 
1 187 ARG n 
1 188 LEU n 
1 189 ARG n 
1 190 ARG n 
1 191 LEU n 
1 192 GLY n 
1 193 LYS n 
1 194 ASP n 
1 195 PRO n 
1 196 ASN n 
1 197 VAL n 
# 
_entity_src_gen.entity_id                          1 
_entity_src_gen.pdbx_src_id                        1 
_entity_src_gen.pdbx_alt_source_flag               sample 
_entity_src_gen.pdbx_seq_type                      ? 
_entity_src_gen.pdbx_beg_seq_num                   ? 
_entity_src_gen.pdbx_end_seq_num                   ? 
_entity_src_gen.gene_src_common_name               ? 
_entity_src_gen.gene_src_genus                     Caenorhabditis 
_entity_src_gen.pdbx_gene_src_gene                 ? 
_entity_src_gen.gene_src_species                   ? 
_entity_src_gen.gene_src_strain                    ? 
_entity_src_gen.gene_src_tissue                    ? 
_entity_src_gen.gene_src_tissue_fraction           ? 
_entity_src_gen.gene_src_details                   ? 
_entity_src_gen.pdbx_gene_src_fragment             ? 
_entity_src_gen.pdbx_gene_src_scientific_name      'Caenorhabditis elegans' 
_entity_src_gen.pdbx_gene_src_ncbi_taxonomy_id     6239 
_entity_src_gen.pdbx_gene_src_variant              ? 
_entity_src_gen.pdbx_gene_src_cell_line            ? 
_entity_src_gen.pdbx_gene_src_atcc                 ? 
_entity_src_gen.pdbx_gene_src_organ                ? 
_entity_src_gen.pdbx_gene_src_organelle            ? 
_entity_src_gen.pdbx_gene_src_cell                 ? 
_entity_src_gen.pdbx_gene_src_cellular_location    ? 
_entity_src_gen.host_org_common_name               ? 
_entity_src_gen.pdbx_host_org_scientific_name      'Escherichia coli' 
_entity_src_gen.pdbx_host_org_ncbi_taxonomy_id     562 
_entity_src_gen.host_org_genus                     Escherichia 
_entity_src_gen.pdbx_host_org_gene                 ? 
_entity_src_gen.pdbx_host_org_organ                ? 
_entity_src_gen.host_org_species                   ? 
_entity_src_gen.pdbx_host_org_tissue               ? 
_entity_src_gen.pdbx_host_org_tissue_fraction      ? 
_entity_src_gen.pdbx_host_org_strain               'BL21(DE3)plySs' 
_entity_src_gen.pdbx_host_org_variant              ? 
_entity_src_gen.pdbx_host_org_cell_line            ? 
_entity_src_gen.pdbx_host_org_atcc                 ? 
_entity_src_gen.pdbx_host_org_culture_collection   ? 
_entity_src_gen.pdbx_host_org_cell                 ? 
_entity_src_gen.pdbx_host_org_organelle            ? 
_entity_src_gen.pdbx_host_org_cellular_location    ? 
_entity_src_gen.pdbx_host_org_vector_type          plasmid 
_entity_src_gen.pdbx_host_org_vector               ? 
_entity_src_gen.host_org_details                   ? 
_entity_src_gen.expression_system_id               ? 
_entity_src_gen.plasmid_name                       pET28b 
_entity_src_gen.plasmid_details                    ? 
_entity_src_gen.pdbx_description                   ? 
# 
_struct_ref.id                         1 
_struct_ref.entity_id                  1 
_struct_ref.db_name                    UNP 
_struct_ref.db_code                    TMOD_CAEEL 
_struct_ref.pdbx_db_accession          O01479 
_struct_ref.pdbx_align_begin           196 
_struct_ref.pdbx_seq_one_letter_code   
;ESTGTTFNGIMQSYVPRIVPDEPDNDTDVESCINRLREDDTDLKEVNINNMKRVSKERIRSLIEAACNSKHIEKFSLANT
AISDSEARGLIELIETSPSLRVLNVESNFLTPELLARLLRSTLVTQSIVEFKADNQRQSVLGNQVEMDMMMAIEENESLL
RVGISFASMEARHRVSEALERNYERVRLRRLGKDPNV
;
_struct_ref.pdbx_db_isoform            ? 
# 
_struct_ref_seq.align_id                      1 
_struct_ref_seq.ref_id                        1 
_struct_ref_seq.pdbx_PDB_id_code              1PGV 
_struct_ref_seq.pdbx_strand_id                A 
_struct_ref_seq.seq_align_beg                 1 
_struct_ref_seq.pdbx_seq_align_beg_ins_code   ? 
_struct_ref_seq.seq_align_end                 197 
_struct_ref_seq.pdbx_seq_align_end_ins_code   ? 
_struct_ref_seq.pdbx_db_accession             O01479 
_struct_ref_seq.db_align_beg                  196 
_struct_ref_seq.pdbx_db_align_beg_ins_code    ? 
_struct_ref_seq.db_align_end                  392 
_struct_ref_seq.pdbx_db_align_end_ins_code    ? 
_struct_ref_seq.pdbx_auth_seq_align_beg       196 
_struct_ref_seq.pdbx_auth_seq_align_end       392 
# 
loop_
_struct_ref_seq_dif.align_id 
_struct_ref_seq_dif.pdbx_pdb_id_code 
_struct_ref_seq_dif.mon_id 
_struct_ref_seq_dif.pdbx_pdb_strand_id 
_struct_ref_seq_dif.seq_num 
_struct_ref_seq_dif.pdbx_pdb_ins_code 
_struct_ref_seq_dif.pdbx_seq_db_name 
_struct_ref_seq_dif.pdbx_seq_db_accession_code 
_struct_ref_seq_dif.db_mon_id 
_struct_ref_seq_dif.pdbx_seq_db_seq_num 
_struct_ref_seq_dif.details 
_struct_ref_seq_dif.pdbx_auth_seq_num 
_struct_ref_seq_dif.pdbx_ordinal 
1 1PGV GLY A 1 ? UNP O01479 GLU 196 'cloning artifact' 196 1 
1 1PGV HIS A 3 ? UNP O01479 THR 198 'cloning artifact' 198 2 
# 
loop_
_chem_comp.id 
_chem_comp.type 
_chem_comp.mon_nstd_flag 
_chem_comp.name 
_chem_comp.pdbx_synonyms 
_chem_comp.formula 
_chem_comp.formula_weight 
ALA 'L-peptide linking' y ALANINE         ? 'C3 H7 N O2'     89.093  
ARG 'L-peptide linking' y ARGININE        ? 'C6 H15 N4 O2 1' 175.209 
ASN 'L-peptide linking' y ASPARAGINE      ? 'C4 H8 N2 O3'    132.118 
ASP 'L-peptide linking' y 'ASPARTIC ACID' ? 'C4 H7 N O4'     133.103 
CYS 'L-peptide linking' y CYSTEINE        ? 'C3 H7 N O2 S'   121.158 
GLN 'L-peptide linking' y GLUTAMINE       ? 'C5 H10 N2 O3'   146.144 
GLU 'L-peptide linking' y 'GLUTAMIC ACID' ? 'C5 H9 N O4'     147.129 
GLY 'peptide linking'   y GLYCINE         ? 'C2 H5 N O2'     75.067  
HIS 'L-peptide linking' y HISTIDINE       ? 'C6 H10 N3 O2 1' 156.162 
HOH non-polymer         . WATER           ? 'H2 O'           18.015  
ILE 'L-peptide linking' y ISOLEUCINE      ? 'C6 H13 N O2'    131.173 
LEU 'L-peptide linking' y LEUCINE         ? 'C6 H13 N O2'    131.173 
LYS 'L-peptide linking' y LYSINE          ? 'C6 H15 N2 O2 1' 147.195 
MET 'L-peptide linking' y METHIONINE      ? 'C5 H11 N O2 S'  149.211 
PHE 'L-peptide linking' y PHENYLALANINE   ? 'C9 H11 N O2'    165.189 
PRO 'L-peptide linking' y PROLINE         ? 'C5 H9 N O2'     115.130 
SER 'L-peptide linking' y SERINE          ? 'C3 H7 N O3'     105.093 
THR 'L-peptide linking' y THREONINE       ? 'C4 H9 N O3'     119.119 
TYR 'L-peptide linking' y TYROSINE        ? 'C9 H11 N O3'    181.189 
VAL 'L-peptide linking' y VALINE          ? 'C5 H11 N O2'    117.146 
# 
_exptl.entry_id          1PGV 
_exptl.method            'X-RAY DIFFRACTION' 
_exptl.crystals_number   1 
# 
_exptl_crystal.id                    1 
_exptl_crystal.density_Matthews      2.08 
_exptl_crystal.density_percent_sol   40.5 
_exptl_crystal.density_meas          ? 
_exptl_crystal.description           ? 
# 
_exptl_crystal_grow.crystal_id      1 
_exptl_crystal_grow.method          'VAPOR DIFFUSION, HANGING DROP' 
_exptl_crystal_grow.temp            277 
_exptl_crystal_grow.pH              8 
_exptl_crystal_grow.pdbx_details    
;RESERVOIR: 28% PEG400, 0.1 M KCL, 10 MM MGCL2, 0.1 M TRIS, PH 8.
PROTEIN SOLUTION: 13.7 MG/ML IN 10 MM HEPES, PH 7.5.
DROPS: 1 MICROLITER RESERVOIR + 1 MICROLITER PROTEIN SOLUTION.
VAPOR DIFFUSION, HANGING DROP, temperature 277K
;
_exptl_crystal_grow.temp_details    ? 
_exptl_crystal_grow.pdbx_pH_range   . 
# 
_diffrn.id                     1 
_diffrn.ambient_temp           100 
_diffrn.ambient_temp_details   ? 
_diffrn.crystal_id             1 
# 
_diffrn_detector.diffrn_id              1 
_diffrn_detector.detector               CCD 
_diffrn_detector.type                   MARRESEARCH 
_diffrn_detector.pdbx_collection_date   2003-02-16 
_diffrn_detector.details                ? 
# 
_diffrn_radiation.diffrn_id                        1 
_diffrn_radiation.wavelength_id                    1 
_diffrn_radiation.pdbx_monochromatic_or_laue_m_l   M 
_diffrn_radiation.monochromator                    ? 
_diffrn_radiation.pdbx_diffrn_protocol             'SINGLE WAVELENGTH' 
_diffrn_radiation.pdbx_scattering_type             x-ray 
# 
_diffrn_radiation_wavelength.id           1 
_diffrn_radiation_wavelength.wavelength   0.9840 
_diffrn_radiation_wavelength.wt           1.0 
# 
_diffrn_source.diffrn_id                   1 
_diffrn_source.source                      SYNCHROTRON 
_diffrn_source.type                        'APS BEAMLINE 22-ID' 
_diffrn_source.pdbx_synchrotron_site       APS 
_diffrn_source.pdbx_synchrotron_beamline   22-ID 
_diffrn_source.pdbx_wavelength             ? 
_diffrn_source.pdbx_wavelength_list        0.9840 
# 
_reflns.entry_id                     1PGV 
_reflns.observed_criterion_sigma_F   ? 
_reflns.observed_criterion_sigma_I   -1 
_reflns.d_resolution_high            1.80 
_reflns.d_resolution_low             50.0 
_reflns.number_all                   ? 
_reflns.number_obs                   16153 
_reflns.percent_possible_obs         96.9 
_reflns.pdbx_Rmerge_I_obs            ? 
_reflns.pdbx_Rsym_value              0.064 
_reflns.pdbx_netI_over_sigmaI        10.6 
_reflns.B_iso_Wilson_estimate        24.3 
_reflns.pdbx_redundancy              8.8 
_reflns.R_free_details               ? 
_reflns.limit_h_max                  ? 
_reflns.limit_h_min                  ? 
_reflns.limit_k_max                  ? 
_reflns.limit_k_min                  ? 
_reflns.limit_l_max                  ? 
_reflns.limit_l_min                  ? 
_reflns.observed_criterion_F_max     ? 
_reflns.observed_criterion_F_min     ? 
_reflns.pdbx_diffrn_id               1 
_reflns.pdbx_ordinal                 1 
# 
_reflns_shell.d_res_high             1.80 
_reflns_shell.d_res_low              1.86 
_reflns_shell.percent_possible_all   85.3 
_reflns_shell.Rmerge_I_obs           ? 
_reflns_shell.pdbx_Rsym_value        0.243 
_reflns_shell.meanI_over_sigI_obs    3.5 
_reflns_shell.pdbx_redundancy        3.2 
_reflns_shell.percent_possible_obs   ? 
_reflns_shell.number_unique_all      1421 
_reflns_shell.pdbx_diffrn_id         ? 
_reflns_shell.pdbx_ordinal           1 
# 
_refine.entry_id                                 1PGV 
_refine.ls_d_res_high                            1.80 
_refine.ls_d_res_low                             50. 
_refine.pdbx_ls_sigma_F                          0 
_refine.pdbx_ls_sigma_I                          ? 
_refine.ls_number_reflns_all                     16153 
_refine.ls_number_reflns_obs                     16153 
_refine.ls_number_reflns_R_free                  786 
_refine.ls_percent_reflns_obs                    96.9 
_refine.ls_R_factor_all                          ? 
_refine.ls_R_factor_obs                          ? 
_refine.ls_R_factor_R_work                       0.209 
_refine.ls_R_factor_R_free                       0.234 
_refine.ls_redundancy_reflns_obs                 ? 
_refine.pdbx_data_cutoff_high_absF               10000 
_refine.pdbx_data_cutoff_low_absF                0 
_refine.ls_number_parameters                     ? 
_refine.ls_number_restraints                     ? 
_refine.ls_percent_reflns_R_free                 4.9 
_refine.ls_R_factor_R_free_error                 ? 
_refine.ls_R_factor_R_free_error_details         ? 
_refine.pdbx_method_to_determine_struct          'MOLECULAR REPLACEMENT' 
_refine.pdbx_starting_model                      'PDB entry 1IO0' 
_refine.pdbx_ls_cross_valid_method               THROUGHOUT 
_refine.pdbx_R_Free_selection_details            random 
_refine.pdbx_stereochem_target_val_spec_case     ? 
_refine.pdbx_stereochemistry_target_values       'Engh & Huber' 
_refine.solvent_model_details                    'FLAT MODEL' 
_refine.solvent_model_param_bsol                 45.83 
_refine.solvent_model_param_ksol                 0.39 
_refine.occupancy_max                            ? 
_refine.occupancy_min                            ? 
_refine.pdbx_isotropic_thermal_model             isotropic 
_refine.B_iso_mean                               25.50 
_refine.aniso_B[1][1]                            ? 
_refine.aniso_B[1][2]                            ? 
_refine.aniso_B[1][3]                            ? 
_refine.aniso_B[2][2]                            ? 
_refine.aniso_B[2][3]                            ? 
_refine.aniso_B[3][3]                            ? 
_refine.details                                  ? 
_refine.B_iso_min                                ? 
_refine.B_iso_max                                ? 
_refine.correlation_coeff_Fo_to_Fc               ? 
_refine.correlation_coeff_Fo_to_Fc_free          ? 
_refine.pdbx_solvent_vdw_probe_radii             ? 
_refine.pdbx_solvent_ion_probe_radii             ? 
_refine.pdbx_solvent_shrinkage_radii             ? 
_refine.overall_SU_R_Cruickshank_DPI             ? 
_refine.overall_SU_R_free                        ? 
_refine.overall_SU_B                             ? 
_refine.overall_SU_ML                            ? 
_refine.pdbx_overall_ESU_R                       ? 
_refine.pdbx_overall_ESU_R_Free                  ? 
_refine.pdbx_data_cutoff_high_rms_absF           10000 
_refine.pdbx_refine_id                           'X-RAY DIFFRACTION' 
_refine.pdbx_diffrn_id                           1 
_refine.pdbx_TLS_residual_ADP_flag               ? 
_refine.pdbx_overall_phase_error                 ? 
_refine.pdbx_overall_SU_R_free_Cruickshank_DPI   ? 
_refine.pdbx_overall_SU_R_Blow_DPI               ? 
_refine.pdbx_overall_SU_R_free_Blow_DPI          ? 
# 
_refine_analyze.entry_id                        1PGV 
_refine_analyze.Luzzati_coordinate_error_obs    0.21 
_refine_analyze.Luzzati_sigma_a_obs             0.13 
_refine_analyze.Luzzati_d_res_low_obs           5.0 
_refine_analyze.Luzzati_coordinate_error_free   ? 
_refine_analyze.Luzzati_sigma_a_free            ? 
_refine_analyze.Luzzati_d_res_low_free          ? 
_refine_analyze.number_disordered_residues      ? 
_refine_analyze.occupancy_sum_non_hydrogen      ? 
_refine_analyze.occupancy_sum_hydrogen          ? 
_refine_analyze.pdbx_Luzzati_d_res_high_obs     ? 
_refine_analyze.pdbx_refine_id                  'X-RAY DIFFRACTION' 
# 
_refine_hist.pdbx_refine_id                   'X-RAY DIFFRACTION' 
_refine_hist.cycle_id                         LAST 
_refine_hist.pdbx_number_atoms_protein        1343 
_refine_hist.pdbx_number_atoms_nucleic_acid   0 
_refine_hist.pdbx_number_atoms_ligand         0 
_refine_hist.number_atoms_solvent             131 
_refine_hist.number_atoms_total               1474 
_refine_hist.d_res_high                       1.80 
_refine_hist.d_res_low                        50. 
# 
loop_
_refine_ls_restr.type 
_refine_ls_restr.dev_ideal 
_refine_ls_restr.dev_ideal_target 
_refine_ls_restr.number 
_refine_ls_restr.weight 
_refine_ls_restr.pdbx_refine_id 
_refine_ls_restr.pdbx_restraint_function 
c_bond_d     0.005 ?   ? ? 'X-RAY DIFFRACTION' ? 
c_angle_deg  1.0   ?   ? ? 'X-RAY DIFFRACTION' ? 
c_mcbond_it  1.203 1.5 ? ? 'X-RAY DIFFRACTION' ? 
c_mcangle_it 1.750 2.0 ? ? 'X-RAY DIFFRACTION' ? 
c_scbond_it  2.470 2.0 ? ? 'X-RAY DIFFRACTION' ? 
c_scangle_it 3.809 2.5 ? ? 'X-RAY DIFFRACTION' ? 
# 
_refine_ls_shell.pdbx_total_number_of_bins_used   15 
_refine_ls_shell.d_res_high                       1.80 
_refine_ls_shell.d_res_low                        1.84 
_refine_ls_shell.number_reflns_R_work             ? 
_refine_ls_shell.R_factor_R_work                  0.279 
_refine_ls_shell.percent_reflns_obs               ? 
_refine_ls_shell.R_factor_R_free                  0.31 
_refine_ls_shell.R_factor_R_free_error            ? 
_refine_ls_shell.percent_reflns_R_free            ? 
_refine_ls_shell.number_reflns_R_free             47 
_refine_ls_shell.number_reflns_obs                857 
_refine_ls_shell.redundancy_reflns_obs            ? 
_refine_ls_shell.number_reflns_all                ? 
_refine_ls_shell.pdbx_refine_id                   'X-RAY DIFFRACTION' 
_refine_ls_shell.R_factor_all                     ? 
# 
loop_
_pdbx_xplor_file.serial_no 
_pdbx_xplor_file.param_file 
_pdbx_xplor_file.topol_file 
_pdbx_xplor_file.pdbx_refine_id 
1 PROTEIN_REP.PARAM PROTEIN.TOP 'X-RAY DIFFRACTION' 
2 WATER_REP.PARAM   WATER.TOP   'X-RAY DIFFRACTION' 
# 
_struct.entry_id                  1PGV 
_struct.title                     'Structural Genomics of Caenorhabditis elegans: tropomodulin C-terminal domain' 
_struct.pdbx_model_details        ? 
_struct.pdbx_CASP_flag            ? 
_struct.pdbx_model_type_details   ? 
# 
_struct_keywords.entry_id        1PGV 
_struct_keywords.pdbx_keywords   'PROTEIN BINDING' 
_struct_keywords.text            
;Structural genomics; tropomodulin, PSI, Protein Structure Initiative, Southeast Collaboratory for Structural Genomics, SECSG, PROTEIN BINDING
;
# 
loop_
_struct_asym.id 
_struct_asym.pdbx_blank_PDB_chainid_flag 
_struct_asym.pdbx_modified 
_struct_asym.entity_id 
_struct_asym.details 
A N N 1 ? 
B N N 2 ? 
# 
loop_
_struct_conf.conf_type_id 
_struct_conf.id 
_struct_conf.pdbx_PDB_helix_id 
_struct_conf.beg_label_comp_id 
_struct_conf.beg_label_asym_id 
_struct_conf.beg_label_seq_id 
_struct_conf.pdbx_beg_PDB_ins_code 
_struct_conf.end_label_comp_id 
_struct_conf.end_label_asym_id 
_struct_conf.end_label_seq_id 
_struct_conf.pdbx_end_PDB_ins_code 
_struct_conf.beg_auth_comp_id 
_struct_conf.beg_auth_asym_id 
_struct_conf.beg_auth_seq_id 
_struct_conf.end_auth_comp_id 
_struct_conf.end_auth_asym_id 
_struct_conf.end_auth_seq_id 
_struct_conf.pdbx_PDB_helix_class 
_struct_conf.details 
_struct_conf.pdbx_PDB_helix_length 
HELX_P HELX_P1 1 ASP A 28  ? GLU A 38  ? ASP A 223 GLU A 233 1 ? 11 
HELX_P HELX_P2 2 SER A 55  ? CYS A 67  ? SER A 250 CYS A 262 1 ? 13 
HELX_P HELX_P3 3 SER A 83  ? ARG A 88  ? SER A 278 ARG A 283 1 ? 6  
HELX_P HELX_P4 4 GLY A 89  ? SER A 97  ? GLY A 284 SER A 292 1 ? 9  
HELX_P HELX_P5 5 THR A 111 ? THR A 122 ? THR A 306 THR A 317 1 ? 12 
HELX_P HELX_P6 6 GLY A 142 ? ASN A 156 ? GLY A 337 ASN A 351 1 ? 15 
HELX_P HELX_P7 7 SER A 168 ? LEU A 191 ? SER A 363 LEU A 386 1 ? 24 
# 
_struct_conf_type.id          HELX_P 
_struct_conf_type.criteria    ? 
_struct_conf_type.reference   ? 
# 
_struct_sheet.id               A 
_struct_sheet.type             ? 
_struct_sheet.number_strands   5 
_struct_sheet.details          ? 
# 
loop_
_struct_sheet_order.sheet_id 
_struct_sheet_order.range_id_1 
_struct_sheet_order.range_id_2 
_struct_sheet_order.offset 
_struct_sheet_order.sense 
A 1 2 ? parallel 
A 2 3 ? parallel 
A 3 4 ? parallel 
A 4 5 ? parallel 
# 
loop_
_struct_sheet_range.sheet_id 
_struct_sheet_range.id 
_struct_sheet_range.beg_label_comp_id 
_struct_sheet_range.beg_label_asym_id 
_struct_sheet_range.beg_label_seq_id 
_struct_sheet_range.pdbx_beg_PDB_ins_code 
_struct_sheet_range.end_label_comp_id 
_struct_sheet_range.end_label_asym_id 
_struct_sheet_range.end_label_seq_id 
_struct_sheet_range.pdbx_end_PDB_ins_code 
_struct_sheet_range.beg_auth_comp_id 
_struct_sheet_range.beg_auth_asym_id 
_struct_sheet_range.beg_auth_seq_id 
_struct_sheet_range.end_auth_comp_id 
_struct_sheet_range.end_auth_asym_id 
_struct_sheet_range.end_auth_seq_id 
A 1 GLU A 45  ? ASN A 47  ? GLU A 240 ASN A 242 
A 2 LYS A 74  ? SER A 76  ? LYS A 269 SER A 271 
A 3 VAL A 102 ? ASN A 104 ? VAL A 297 ASN A 299 
A 4 GLU A 130 ? LYS A 132 ? GLU A 325 LYS A 327 
A 5 ARG A 161 ? GLY A 163 ? ARG A 356 GLY A 358 
# 
loop_
_pdbx_struct_sheet_hbond.sheet_id 
_pdbx_struct_sheet_hbond.range_id_1 
_pdbx_struct_sheet_hbond.range_id_2 
_pdbx_struct_sheet_hbond.range_1_label_atom_id 
_pdbx_struct_sheet_hbond.range_1_label_comp_id 
_pdbx_struct_sheet_hbond.range_1_label_asym_id 
_pdbx_struct_sheet_hbond.range_1_label_seq_id 
_pdbx_struct_sheet_hbond.range_1_PDB_ins_code 
_pdbx_struct_sheet_hbond.range_1_auth_atom_id 
_pdbx_struct_sheet_hbond.range_1_auth_comp_id 
_pdbx_struct_sheet_hbond.range_1_auth_asym_id 
_pdbx_struct_sheet_hbond.range_1_auth_seq_id 
_pdbx_struct_sheet_hbond.range_2_label_atom_id 
_pdbx_struct_sheet_hbond.range_2_label_comp_id 
_pdbx_struct_sheet_hbond.range_2_label_asym_id 
_pdbx_struct_sheet_hbond.range_2_label_seq_id 
_pdbx_struct_sheet_hbond.range_2_PDB_ins_code 
_pdbx_struct_sheet_hbond.range_2_auth_atom_id 
_pdbx_struct_sheet_hbond.range_2_auth_comp_id 
_pdbx_struct_sheet_hbond.range_2_auth_asym_id 
_pdbx_struct_sheet_hbond.range_2_auth_seq_id 
A 1 2 N VAL A 46  ? N VAL A 241 O LYS A 74  ? O LYS A 269 
A 2 3 N PHE A 75  ? N PHE A 270 O VAL A 102 ? O VAL A 297 
A 3 4 N LEU A 103 ? N LEU A 298 O GLU A 130 ? O GLU A 325 
A 4 5 N PHE A 131 ? N PHE A 326 O GLY A 163 ? O GLY A 358 
# 
_atom_sites.entry_id                    1PGV 
_atom_sites.fract_transf_matrix[1][1]   -0.02862908 
_atom_sites.fract_transf_matrix[1][2]   -0.01287751 
_atom_sites.fract_transf_matrix[1][3]   -0.00305237 
_atom_sites.fract_transf_matrix[2][1]   -0.00761075 
_atom_sites.fract_transf_matrix[2][2]   0.01782546 
_atom_sites.fract_transf_matrix[2][3]   -0.00381962 
_atom_sites.fract_transf_matrix[3][1]   0.00155194 
_atom_sites.fract_transf_matrix[3][2]   -0.00129015 
_atom_sites.fract_transf_matrix[3][3]   -0.00911321 
_atom_sites.fract_transf_vector[1]      0.003450 
_atom_sites.fract_transf_vector[2]      0.482051 
_atom_sites.fract_transf_vector[3]      0.117437 
# 
loop_
_atom_type.symbol 
C 
N 
O 
S 
# 
loop_
_atom_site.group_PDB 
_atom_site.id 
_atom_site.type_symbol 
_atom_site.label_atom_id 
_atom_site.label_alt_id 
_atom_site.label_comp_id 
_atom_site.label_asym_id 
_atom_site.label_entity_id 
_atom_site.label_seq_id 
_atom_site.pdbx_PDB_ins_code 
_atom_site.Cartn_x 
_atom_site.Cartn_y 
_atom_site.Cartn_z 
_atom_site.occupancy 
_atom_site.B_iso_or_equiv 
_atom_site.pdbx_formal_charge 
_atom_site.auth_seq_id 
_atom_site.auth_comp_id 
_atom_site.auth_asym_id 
_atom_site.auth_atom_id 
_atom_site.pdbx_PDB_model_num 
ATOM   1    N N   . THR A 1 27  ? -2.617  3.410   -19.564 1.00 38.47 ? 222 THR A N   1 
ATOM   2    C CA  . THR A 1 27  ? -1.435  4.060   -18.930 1.00 37.52 ? 222 THR A CA  1 
ATOM   3    C C   . THR A 1 27  ? -0.148  3.719   -19.672 1.00 37.72 ? 222 THR A C   1 
ATOM   4    O O   . THR A 1 27  ? 0.015   2.613   -20.185 1.00 38.33 ? 222 THR A O   1 
ATOM   5    C CB  . THR A 1 27  ? -1.290  3.630   -17.452 1.00 37.57 ? 222 THR A CB  1 
ATOM   6    O OG1 . THR A 1 27  ? -2.428  4.085   -16.710 1.00 35.68 ? 222 THR A OG1 1 
ATOM   7    C CG2 . THR A 1 27  ? -0.022  4.214   -16.843 1.00 36.40 ? 222 THR A CG2 1 
ATOM   8    N N   . ASP A 1 28  ? 0.763   4.684   -19.726 1.00 37.32 ? 223 ASP A N   1 
ATOM   9    C CA  . ASP A 1 28  ? 2.040   4.508   -20.405 1.00 37.11 ? 223 ASP A CA  1 
ATOM   10   C C   . ASP A 1 28  ? 3.103   4.101   -19.386 1.00 36.09 ? 223 ASP A C   1 
ATOM   11   O O   . ASP A 1 28  ? 3.823   4.951   -18.860 1.00 35.79 ? 223 ASP A O   1 
ATOM   12   C CB  . ASP A 1 28  ? 2.447   5.821   -21.076 1.00 38.20 ? 223 ASP A CB  1 
ATOM   13   C CG  . ASP A 1 28  ? 3.627   5.660   -22.008 1.00 38.94 ? 223 ASP A CG  1 
ATOM   14   O OD1 . ASP A 1 28  ? 4.550   4.881   -21.681 1.00 38.51 ? 223 ASP A OD1 1 
ATOM   15   O OD2 . ASP A 1 28  ? 3.636   6.328   -23.065 1.00 38.67 ? 223 ASP A OD2 1 
ATOM   16   N N   . VAL A 1 29  ? 3.203   2.801   -19.115 1.00 34.95 ? 224 VAL A N   1 
ATOM   17   C CA  . VAL A 1 29  ? 4.172   2.293   -18.147 1.00 33.53 ? 224 VAL A CA  1 
ATOM   18   C C   . VAL A 1 29  ? 5.576   2.833   -18.392 1.00 33.77 ? 224 VAL A C   1 
ATOM   19   O O   . VAL A 1 29  ? 6.251   3.280   -17.464 1.00 31.26 ? 224 VAL A O   1 
ATOM   20   C CB  . VAL A 1 29  ? 4.234   0.748   -18.170 1.00 34.30 ? 224 VAL A CB  1 
ATOM   21   C CG1 . VAL A 1 29  ? 5.277   0.255   -17.180 1.00 33.23 ? 224 VAL A CG1 1 
ATOM   22   C CG2 . VAL A 1 29  ? 2.872   0.169   -17.838 1.00 33.33 ? 224 VAL A CG2 1 
ATOM   23   N N   . GLU A 1 30  ? 6.009   2.796   -19.647 1.00 34.62 ? 225 GLU A N   1 
ATOM   24   C CA  . GLU A 1 30  ? 7.337   3.268   -20.011 1.00 35.04 ? 225 GLU A CA  1 
ATOM   25   C C   . GLU A 1 30  ? 7.537   4.737   -19.637 1.00 34.94 ? 225 GLU A C   1 
ATOM   26   O O   . GLU A 1 30  ? 8.565   5.107   -19.068 1.00 34.24 ? 225 GLU A O   1 
ATOM   27   C CB  . GLU A 1 30  ? 7.559   3.074   -21.511 1.00 37.76 ? 225 GLU A CB  1 
ATOM   28   C CG  . GLU A 1 30  ? 9.000   2.809   -21.893 1.00 41.61 ? 225 GLU A CG  1 
ATOM   29   C CD  . GLU A 1 30  ? 9.586   1.621   -21.148 1.00 43.79 ? 225 GLU A CD  1 
ATOM   30   O OE1 . GLU A 1 30  ? 8.901   0.578   -21.050 1.00 45.36 ? 225 GLU A OE1 1 
ATOM   31   O OE2 . GLU A 1 30  ? 10.734  1.729   -20.667 1.00 45.08 ? 225 GLU A OE2 1 
ATOM   32   N N   . SER A 1 31  ? 6.555   5.572   -19.961 1.00 34.13 ? 226 SER A N   1 
ATOM   33   C CA  . SER A 1 31  ? 6.644   6.994   -19.649 1.00 33.35 ? 226 SER A CA  1 
ATOM   34   C C   . SER A 1 31  ? 6.670   7.209   -18.137 1.00 31.90 ? 226 SER A C   1 
ATOM   35   O O   . SER A 1 31  ? 7.445   8.020   -17.631 1.00 31.69 ? 226 SER A O   1 
ATOM   36   C CB  . SER A 1 31  ? 5.461   7.749   -20.261 1.00 34.32 ? 226 SER A CB  1 
ATOM   37   O OG  . SER A 1 31  ? 5.541   9.130   -19.958 1.00 35.43 ? 226 SER A OG  1 
ATOM   38   N N   . CYS A 1 32  ? 5.821   6.477   -17.421 1.00 31.63 ? 227 CYS A N   1 
ATOM   39   C CA  . CYS A 1 32  ? 5.762   6.589   -15.967 1.00 30.66 ? 227 CYS A CA  1 
ATOM   40   C C   . CYS A 1 32  ? 7.120   6.256   -15.353 1.00 30.13 ? 227 CYS A C   1 
ATOM   41   O O   . CYS A 1 32  ? 7.590   6.947   -14.449 1.00 28.57 ? 227 CYS A O   1 
ATOM   42   C CB  . CYS A 1 32  ? 4.690   5.651   -15.403 1.00 30.36 ? 227 CYS A CB  1 
ATOM   43   S SG  . CYS A 1 32  ? 2.988   6.193   -15.696 1.00 30.55 ? 227 CYS A SG  1 
ATOM   44   N N   . ILE A 1 33  ? 7.749   5.197   -15.851 1.00 30.18 ? 228 ILE A N   1 
ATOM   45   C CA  . ILE A 1 33  ? 9.057   4.795   -15.352 1.00 29.87 ? 228 ILE A CA  1 
ATOM   46   C C   . ILE A 1 33  ? 10.049  5.942   -15.495 1.00 30.89 ? 228 ILE A C   1 
ATOM   47   O O   . ILE A 1 33  ? 10.706  6.330   -14.530 1.00 31.43 ? 228 ILE A O   1 
ATOM   48   C CB  . ILE A 1 33  ? 9.598   3.565   -16.120 1.00 29.89 ? 228 ILE A CB  1 
ATOM   49   C CG1 . ILE A 1 33  ? 8.790   2.321   -15.737 1.00 28.32 ? 228 ILE A CG1 1 
ATOM   50   C CG2 . ILE A 1 33  ? 11.081  3.367   -15.815 1.00 29.03 ? 228 ILE A CG2 1 
ATOM   51   C CD1 . ILE A 1 33  ? 9.172   1.072   -16.507 1.00 30.06 ? 228 ILE A CD1 1 
ATOM   52   N N   . ASN A 1 34  ? 10.152  6.489   -16.701 1.00 30.89 ? 229 ASN A N   1 
ATOM   53   C CA  . ASN A 1 34  ? 11.077  7.591   -16.947 1.00 31.70 ? 229 ASN A CA  1 
ATOM   54   C C   . ASN A 1 34  ? 10.765  8.816   -16.096 1.00 29.37 ? 229 ASN A C   1 
ATOM   55   O O   . ASN A 1 34  ? 11.669  9.427   -15.533 1.00 28.97 ? 229 ASN A O   1 
ATOM   56   C CB  . ASN A 1 34  ? 11.068  7.983   -18.428 1.00 34.25 ? 229 ASN A CB  1 
ATOM   57   C CG  . ASN A 1 34  ? 11.711  6.932   -19.314 1.00 36.67 ? 229 ASN A CG  1 
ATOM   58   O OD1 . ASN A 1 34  ? 12.820  6.468   -19.040 1.00 37.85 ? 229 ASN A OD1 1 
ATOM   59   N ND2 . ASN A 1 34  ? 11.021  6.557   -20.386 1.00 38.33 ? 229 ASN A ND2 1 
ATOM   60   N N   . ARG A 1 35  ? 9.488   9.173   -16.000 1.00 28.10 ? 230 ARG A N   1 
ATOM   61   C CA  . ARG A 1 35  ? 9.091   10.339  -15.219 1.00 27.72 ? 230 ARG A CA  1 
ATOM   62   C C   . ARG A 1 35  ? 9.334   10.174  -13.720 1.00 27.82 ? 230 ARG A C   1 
ATOM   63   O O   . ARG A 1 35  ? 9.823   11.090  -13.065 1.00 27.84 ? 230 ARG A O   1 
ATOM   64   C CB  . ARG A 1 35  ? 7.620   10.673  -15.484 1.00 26.78 ? 230 ARG A CB  1 
ATOM   65   C CG  . ARG A 1 35  ? 7.356   11.141  -16.912 1.00 26.75 ? 230 ARG A CG  1 
ATOM   66   C CD  . ARG A 1 35  ? 5.891   11.460  -17.129 1.00 24.66 ? 230 ARG A CD  1 
ATOM   67   N NE  . ARG A 1 35  ? 5.452   12.599  -16.323 1.00 23.81 ? 230 ARG A NE  1 
ATOM   68   C CZ  . ARG A 1 35  ? 4.180   12.945  -16.159 1.00 22.54 ? 230 ARG A CZ  1 
ATOM   69   N NH1 . ARG A 1 35  ? 3.220   12.238  -16.743 1.00 23.08 ? 230 ARG A NH1 1 
ATOM   70   N NH2 . ARG A 1 35  ? 3.865   13.995  -15.410 1.00 22.26 ? 230 ARG A NH2 1 
ATOM   71   N N   . LEU A 1 36  ? 8.995   9.009   -13.178 1.00 28.40 ? 231 LEU A N   1 
ATOM   72   C CA  . LEU A 1 36  ? 9.201   8.763   -11.752 1.00 29.58 ? 231 LEU A CA  1 
ATOM   73   C C   . LEU A 1 36  ? 10.687  8.811   -11.400 1.00 30.31 ? 231 LEU A C   1 
ATOM   74   O O   . LEU A 1 36  ? 11.072  9.363   -10.369 1.00 30.32 ? 231 LEU A O   1 
ATOM   75   C CB  . LEU A 1 36  ? 8.602   7.409   -11.355 1.00 29.04 ? 231 LEU A CB  1 
ATOM   76   C CG  . LEU A 1 36  ? 7.072   7.359   -11.310 1.00 28.83 ? 231 LEU A CG  1 
ATOM   77   C CD1 . LEU A 1 36  ? 6.596   5.928   -11.156 1.00 28.83 ? 231 LEU A CD1 1 
ATOM   78   C CD2 . LEU A 1 36  ? 6.568   8.224   -10.161 1.00 28.64 ? 231 LEU A CD2 1 
ATOM   79   N N   . ARG A 1 37  ? 11.520  8.240   -12.264 1.00 32.43 ? 232 ARG A N   1 
ATOM   80   C CA  . ARG A 1 37  ? 12.962  8.233   -12.037 1.00 34.27 ? 232 ARG A CA  1 
ATOM   81   C C   . ARG A 1 37  ? 13.519  9.650   -11.957 1.00 34.63 ? 232 ARG A C   1 
ATOM   82   O O   . ARG A 1 37  ? 14.435  9.924   -11.182 1.00 34.16 ? 232 ARG A O   1 
ATOM   83   C CB  . ARG A 1 37  ? 13.682  7.479   -13.158 1.00 35.20 ? 232 ARG A CB  1 
ATOM   84   C CG  . ARG A 1 37  ? 13.506  5.976   -13.120 1.00 38.32 ? 232 ARG A CG  1 
ATOM   85   C CD  . ARG A 1 37  ? 14.248  5.318   -14.271 1.00 39.04 ? 232 ARG A CD  1 
ATOM   86   N NE  . ARG A 1 37  ? 14.161  3.862   -14.221 1.00 41.82 ? 232 ARG A NE  1 
ATOM   87   C CZ  . ARG A 1 37  ? 14.482  3.062   -15.234 1.00 41.93 ? 232 ARG A CZ  1 
ATOM   88   N NH1 . ARG A 1 37  ? 14.911  3.582   -16.378 1.00 43.37 ? 232 ARG A NH1 1 
ATOM   89   N NH2 . ARG A 1 37  ? 14.372  1.747   -15.107 1.00 41.27 ? 232 ARG A NH2 1 
ATOM   90   N N   . GLU A 1 38  ? 12.959  10.545  -12.764 1.00 34.27 ? 233 GLU A N   1 
ATOM   91   C CA  . GLU A 1 38  ? 13.406  11.932  -12.791 1.00 35.13 ? 233 GLU A CA  1 
ATOM   92   C C   . GLU A 1 38  ? 12.677  12.762  -11.740 1.00 34.32 ? 233 GLU A C   1 
ATOM   93   O O   . GLU A 1 38  ? 12.799  13.987  -11.709 1.00 34.55 ? 233 GLU A O   1 
ATOM   94   C CB  . GLU A 1 38  ? 13.178  12.526  -14.184 1.00 38.29 ? 233 GLU A CB  1 
ATOM   95   C CG  . GLU A 1 38  ? 13.862  11.746  -15.296 1.00 42.89 ? 233 GLU A CG  1 
ATOM   96   C CD  . GLU A 1 38  ? 13.640  12.353  -16.668 1.00 45.60 ? 233 GLU A CD  1 
ATOM   97   O OE1 . GLU A 1 38  ? 12.467  12.539  -17.058 1.00 48.21 ? 233 GLU A OE1 1 
ATOM   98   O OE2 . GLU A 1 38  ? 14.640  12.638  -17.362 1.00 48.20 ? 233 GLU A OE2 1 
ATOM   99   N N   . ASP A 1 39  ? 11.917  12.084  -10.886 1.00 32.23 ? 234 ASP A N   1 
ATOM   100  C CA  . ASP A 1 39  ? 11.176  12.743  -9.817  1.00 30.99 ? 234 ASP A CA  1 
ATOM   101  C C   . ASP A 1 39  ? 10.260  13.850  -10.347 1.00 30.25 ? 234 ASP A C   1 
ATOM   102  O O   . ASP A 1 39  ? 10.248  14.972  -9.835  1.00 29.45 ? 234 ASP A O   1 
ATOM   103  C CB  . ASP A 1 39  ? 12.161  13.299  -8.782  1.00 32.24 ? 234 ASP A CB  1 
ATOM   104  C CG  . ASP A 1 39  ? 11.472  13.826  -7.543  1.00 32.91 ? 234 ASP A CG  1 
ATOM   105  O OD1 . ASP A 1 39  ? 10.407  13.289  -7.179  1.00 32.19 ? 234 ASP A OD1 1 
ATOM   106  O OD2 . ASP A 1 39  ? 12.006  14.769  -6.924  1.00 35.42 ? 234 ASP A OD2 1 
ATOM   107  N N   . ASP A 1 40  ? 9.489   13.510  -11.374 1.00 29.70 ? 235 ASP A N   1 
ATOM   108  C CA  . ASP A 1 40  ? 8.549   14.436  -12.001 1.00 28.91 ? 235 ASP A CA  1 
ATOM   109  C C   . ASP A 1 40  ? 7.620   15.037  -10.951 1.00 29.73 ? 235 ASP A C   1 
ATOM   110  O O   . ASP A 1 40  ? 6.924   14.313  -10.237 1.00 28.43 ? 235 ASP A O   1 
ATOM   111  C CB  . ASP A 1 40  ? 7.737   13.690  -13.059 1.00 29.58 ? 235 ASP A CB  1 
ATOM   112  C CG  . ASP A 1 40  ? 6.861   14.609  -13.877 1.00 30.03 ? 235 ASP A CG  1 
ATOM   113  O OD1 . ASP A 1 40  ? 5.877   15.144  -13.329 1.00 31.41 ? 235 ASP A OD1 1 
ATOM   114  O OD2 . ASP A 1 40  ? 7.164   14.793  -15.072 1.00 31.57 ? 235 ASP A OD2 1 
ATOM   115  N N   . THR A 1 41  ? 7.599   16.365  -10.871 1.00 27.69 ? 236 THR A N   1 
ATOM   116  C CA  . THR A 1 41  ? 6.776   17.061  -9.887  1.00 29.11 ? 236 THR A CA  1 
ATOM   117  C C   . THR A 1 41  ? 5.270   16.999  -10.140 1.00 28.38 ? 236 THR A C   1 
ATOM   118  O O   . THR A 1 41  ? 4.478   17.242  -9.228  1.00 27.27 ? 236 THR A O   1 
ATOM   119  C CB  . THR A 1 41  ? 7.181   18.550  -9.789  1.00 30.42 ? 236 THR A CB  1 
ATOM   120  O OG1 A THR A 1 41  ? 6.382   19.200  -8.793  0.50 30.62 ? 236 THR A OG1 1 
ATOM   121  O OG1 B THR A 1 41  ? 6.849   19.215  -11.014 0.50 31.23 ? 236 THR A OG1 1 
ATOM   122  C CG2 A THR A 1 41  ? 6.982   19.243  -11.129 0.50 31.02 ? 236 THR A CG2 1 
ATOM   123  C CG2 B THR A 1 41  ? 8.674   18.683  -9.543  0.50 30.08 ? 236 THR A CG2 1 
ATOM   124  N N   . ASP A 1 42  ? 4.873   16.660  -11.364 1.00 27.98 ? 237 ASP A N   1 
ATOM   125  C CA  . ASP A 1 42  ? 3.455   16.610  -11.715 1.00 26.40 ? 237 ASP A CA  1 
ATOM   126  C C   . ASP A 1 42  ? 2.819   15.223  -11.725 1.00 26.16 ? 237 ASP A C   1 
ATOM   127  O O   . ASP A 1 42  ? 1.593   15.101  -11.670 1.00 25.72 ? 237 ASP A O   1 
ATOM   128  C CB  . ASP A 1 42  ? 3.248   17.278  -13.075 1.00 28.58 ? 237 ASP A CB  1 
ATOM   129  C CG  . ASP A 1 42  ? 3.879   18.656  -13.142 1.00 30.07 ? 237 ASP A CG  1 
ATOM   130  O OD1 . ASP A 1 42  ? 4.728   18.883  -14.028 1.00 32.34 ? 237 ASP A OD1 1 
ATOM   131  O OD2 . ASP A 1 42  ? 3.528   19.512  -12.302 1.00 31.44 ? 237 ASP A OD2 1 
ATOM   132  N N   . LEU A 1 43  ? 3.635   14.178  -11.807 1.00 25.00 ? 238 LEU A N   1 
ATOM   133  C CA  . LEU A 1 43  ? 3.100   12.820  -11.811 1.00 24.72 ? 238 LEU A CA  1 
ATOM   134  C C   . LEU A 1 43  ? 2.744   12.422  -10.381 1.00 25.20 ? 238 LEU A C   1 
ATOM   135  O O   . LEU A 1 43  ? 3.610   12.001  -9.612  1.00 24.46 ? 238 LEU A O   1 
ATOM   136  C CB  . LEU A 1 43  ? 4.129   11.848  -12.395 1.00 23.77 ? 238 LEU A CB  1 
ATOM   137  C CG  . LEU A 1 43  ? 3.705   10.378  -12.498 1.00 23.75 ? 238 LEU A CG  1 
ATOM   138  C CD1 . LEU A 1 43  ? 2.363   10.261  -13.204 1.00 24.70 ? 238 LEU A CD1 1 
ATOM   139  C CD2 . LEU A 1 43  ? 4.775   9.601   -13.249 1.00 22.53 ? 238 LEU A CD2 1 
ATOM   140  N N   . LYS A 1 44  ? 1.465   12.564  -10.035 1.00 24.79 ? 239 LYS A N   1 
ATOM   141  C CA  . LYS A 1 44  ? 0.976   12.250  -8.695  1.00 26.82 ? 239 LYS A CA  1 
ATOM   142  C C   . LYS A 1 44  ? 0.240   10.921  -8.612  1.00 26.45 ? 239 LYS A C   1 
ATOM   143  O O   . LYS A 1 44  ? 0.129   10.331  -7.533  1.00 27.15 ? 239 LYS A O   1 
ATOM   144  C CB  . LYS A 1 44  ? 0.037   13.353  -8.207  1.00 29.69 ? 239 LYS A CB  1 
ATOM   145  C CG  . LYS A 1 44  ? 0.631   14.750  -8.255  1.00 33.37 ? 239 LYS A CG  1 
ATOM   146  C CD  . LYS A 1 44  ? 1.852   14.873  -7.368  1.00 36.21 ? 239 LYS A CD  1 
ATOM   147  C CE  . LYS A 1 44  ? 2.403   16.293  -7.400  1.00 38.75 ? 239 LYS A CE  1 
ATOM   148  N NZ  . LYS A 1 44  ? 1.382   17.294  -6.989  1.00 40.19 ? 239 LYS A NZ  1 
ATOM   149  N N   . GLU A 1 45  ? -0.287  10.461  -9.739  1.00 26.39 ? 240 GLU A N   1 
ATOM   150  C CA  . GLU A 1 45  ? -1.013  9.201   -9.764  1.00 26.35 ? 240 GLU A CA  1 
ATOM   151  C C   . GLU A 1 45  ? -0.565  8.279   -10.884 1.00 25.91 ? 240 GLU A C   1 
ATOM   152  O O   . GLU A 1 45  ? -0.479  8.678   -12.047 1.00 23.64 ? 240 GLU A O   1 
ATOM   153  C CB  . GLU A 1 45  ? -2.524  9.449   -9.875  1.00 30.80 ? 240 GLU A CB  1 
ATOM   154  C CG  . GLU A 1 45  ? -3.321  8.188   -10.209 1.00 36.89 ? 240 GLU A CG  1 
ATOM   155  C CD  . GLU A 1 45  ? -4.807  8.311   -9.918  1.00 40.82 ? 240 GLU A CD  1 
ATOM   156  O OE1 . GLU A 1 45  ? -5.392  9.373   -10.220 1.00 43.71 ? 240 GLU A OE1 1 
ATOM   157  O OE2 . GLU A 1 45  ? -5.393  7.333   -9.399  1.00 42.80 ? 240 GLU A OE2 1 
ATOM   158  N N   . VAL A 1 46  ? -0.261  7.041   -10.511 1.00 24.68 ? 241 VAL A N   1 
ATOM   159  C CA  . VAL A 1 46  ? 0.149   6.017   -11.457 1.00 24.35 ? 241 VAL A CA  1 
ATOM   160  C C   . VAL A 1 46  ? -0.822  4.874   -11.225 1.00 24.72 ? 241 VAL A C   1 
ATOM   161  O O   . VAL A 1 46  ? -0.877  4.306   -10.135 1.00 25.21 ? 241 VAL A O   1 
ATOM   162  C CB  . VAL A 1 46  ? 1.589   5.531   -11.192 1.00 24.02 ? 241 VAL A CB  1 
ATOM   163  C CG1 . VAL A 1 46  ? 1.930   4.386   -12.135 1.00 23.02 ? 241 VAL A CG1 1 
ATOM   164  C CG2 . VAL A 1 46  ? 2.566   6.672   -11.384 1.00 24.41 ? 241 VAL A CG2 1 
ATOM   165  N N   . ASN A 1 47  ? -1.603  4.550   -12.248 1.00 25.59 ? 242 ASN A N   1 
ATOM   166  C CA  . ASN A 1 47  ? -2.592  3.494   -12.137 1.00 25.85 ? 242 ASN A CA  1 
ATOM   167  C C   . ASN A 1 47  ? -2.411  2.484   -13.261 1.00 27.16 ? 242 ASN A C   1 
ATOM   168  O O   . ASN A 1 47  ? -2.651  2.802   -14.427 1.00 26.20 ? 242 ASN A O   1 
ATOM   169  C CB  . ASN A 1 47  ? -3.998  4.097   -12.215 1.00 28.69 ? 242 ASN A CB  1 
ATOM   170  C CG  . ASN A 1 47  ? -5.086  3.094   -11.894 1.00 30.53 ? 242 ASN A CG  1 
ATOM   171  O OD1 . ASN A 1 47  ? -5.037  1.940   -12.322 1.00 31.56 ? 242 ASN A OD1 1 
ATOM   172  N ND2 . ASN A 1 47  ? -6.091  3.537   -11.147 1.00 33.63 ? 242 ASN A ND2 1 
ATOM   173  N N   . ILE A 1 48  ? -1.977  1.272   -12.921 1.00 26.27 ? 243 ILE A N   1 
ATOM   174  C CA  . ILE A 1 48  ? -1.807  0.237   -13.934 1.00 26.98 ? 243 ILE A CA  1 
ATOM   175  C C   . ILE A 1 48  ? -2.747  -0.927  -13.656 1.00 27.32 ? 243 ILE A C   1 
ATOM   176  O O   . ILE A 1 48  ? -2.455  -2.076  -13.998 1.00 27.34 ? 243 ILE A O   1 
ATOM   177  C CB  . ILE A 1 48  ? -0.354  -0.285  -13.996 1.00 27.37 ? 243 ILE A CB  1 
ATOM   178  C CG1 . ILE A 1 48  ? 0.033   -0.945  -12.670 1.00 26.98 ? 243 ILE A CG1 1 
ATOM   179  C CG2 . ILE A 1 48  ? 0.590   0.860   -14.333 1.00 27.77 ? 243 ILE A CG2 1 
ATOM   180  C CD1 . ILE A 1 48  ? 1.412   -1.589  -12.695 1.00 25.53 ? 243 ILE A CD1 1 
ATOM   181  N N   . ASN A 1 49  ? -3.881  -0.621  -13.033 1.00 27.00 ? 244 ASN A N   1 
ATOM   182  C CA  . ASN A 1 49  ? -4.872  -1.639  -12.716 1.00 28.12 ? 244 ASN A CA  1 
ATOM   183  C C   . ASN A 1 49  ? -5.267  -2.416  -13.968 1.00 29.98 ? 244 ASN A C   1 
ATOM   184  O O   . ASN A 1 49  ? -5.447  -1.835  -15.037 1.00 29.72 ? 244 ASN A O   1 
ATOM   185  C CB  . ASN A 1 49  ? -6.132  -1.006  -12.110 1.00 29.58 ? 244 ASN A CB  1 
ATOM   186  C CG  . ASN A 1 49  ? -5.915  -0.482  -10.698 1.00 29.48 ? 244 ASN A CG  1 
ATOM   187  O OD1 . ASN A 1 49  ? -4.883  -0.737  -10.078 1.00 28.83 ? 244 ASN A OD1 1 
ATOM   188  N ND2 . ASN A 1 49  ? -6.901  0.243   -10.181 1.00 30.82 ? 244 ASN A ND2 1 
ATOM   189  N N   . ASN A 1 50  ? -5.387  -3.735  -13.823 1.00 31.01 ? 245 ASN A N   1 
ATOM   190  C CA  . ASN A 1 50  ? -5.791  -4.619  -14.913 1.00 31.57 ? 245 ASN A CA  1 
ATOM   191  C C   . ASN A 1 50  ? -4.793  -4.799  -16.053 1.00 32.64 ? 245 ASN A C   1 
ATOM   192  O O   . ASN A 1 50  ? -5.121  -5.411  -17.067 1.00 31.41 ? 245 ASN A O   1 
ATOM   193  C CB  . ASN A 1 50  ? -7.127  -4.146  -15.487 1.00 31.84 ? 245 ASN A CB  1 
ATOM   194  C CG  . ASN A 1 50  ? -8.153  -3.879  -14.411 1.00 32.11 ? 245 ASN A CG  1 
ATOM   195  O OD1 . ASN A 1 50  ? -8.487  -4.761  -13.618 1.00 32.90 ? 245 ASN A OD1 1 
ATOM   196  N ND2 . ASN A 1 50  ? -8.660  -2.649  -14.372 1.00 33.31 ? 245 ASN A ND2 1 
ATOM   197  N N   . MET A 1 51  ? -3.580  -4.281  -15.893 1.00 33.35 ? 246 MET A N   1 
ATOM   198  C CA  . MET A 1 51  ? -2.564  -4.420  -16.930 1.00 35.75 ? 246 MET A CA  1 
ATOM   199  C C   . MET A 1 51  ? -1.705  -5.663  -16.684 1.00 37.56 ? 246 MET A C   1 
ATOM   200  O O   . MET A 1 51  ? -0.581  -5.570  -16.195 1.00 38.78 ? 246 MET A O   1 
ATOM   201  C CB  . MET A 1 51  ? -1.685  -3.165  -16.982 1.00 34.50 ? 246 MET A CB  1 
ATOM   202  C CG  . MET A 1 51  ? -2.441  -1.913  -17.413 1.00 35.14 ? 246 MET A CG  1 
ATOM   203  S SD  . MET A 1 51  ? -1.396  -0.448  -17.570 1.00 34.61 ? 246 MET A SD  1 
ATOM   204  C CE  . MET A 1 51  ? -0.788  -0.638  -19.249 1.00 36.38 ? 246 MET A CE  1 
ATOM   205  N N   . LYS A 1 52  ? -2.248  -6.826  -17.031 1.00 39.00 ? 247 LYS A N   1 
ATOM   206  C CA  . LYS A 1 52  ? -1.550  -8.096  -16.842 1.00 40.58 ? 247 LYS A CA  1 
ATOM   207  C C   . LYS A 1 52  ? -0.546  -8.379  -17.958 1.00 42.39 ? 247 LYS A C   1 
ATOM   208  O O   . LYS A 1 52  ? 0.290   -9.277  -17.840 1.00 42.72 ? 247 LYS A O   1 
ATOM   209  C CB  . LYS A 1 52  ? -2.569  -9.233  -16.767 1.00 40.45 ? 247 LYS A CB  1 
ATOM   210  C CG  . LYS A 1 52  ? -3.557  -9.092  -15.623 1.00 38.84 ? 247 LYS A CG  1 
ATOM   211  C CD  . LYS A 1 52  ? -4.610  -10.183 -15.651 1.00 39.93 ? 247 LYS A CD  1 
ATOM   212  C CE  . LYS A 1 52  ? -5.499  -10.110 -14.421 1.00 38.77 ? 247 LYS A CE  1 
ATOM   213  N NZ  . LYS A 1 52  ? -6.555  -11.158 -14.413 1.00 40.14 ? 247 LYS A NZ  1 
ATOM   214  N N   . ARG A 1 53  ? -0.637  -7.605  -19.034 1.00 44.05 ? 248 ARG A N   1 
ATOM   215  C CA  . ARG A 1 53  ? 0.241   -7.751  -20.192 1.00 46.12 ? 248 ARG A CA  1 
ATOM   216  C C   . ARG A 1 53  ? 1.676   -7.335  -19.884 1.00 46.31 ? 248 ARG A C   1 
ATOM   217  O O   . ARG A 1 53  ? 2.628   -7.965  -20.343 1.00 46.60 ? 248 ARG A O   1 
ATOM   218  C CB  . ARG A 1 53  ? -0.273  -6.886  -21.344 1.00 48.35 ? 248 ARG A CB  1 
ATOM   219  C CG  . ARG A 1 53  ? -0.303  -5.403  -20.990 1.00 51.54 ? 248 ARG A CG  1 
ATOM   220  C CD  . ARG A 1 53  ? -0.030  -4.515  -22.192 1.00 53.39 ? 248 ARG A CD  1 
ATOM   221  N NE  . ARG A 1 53  ? 0.222   -3.135  -21.778 1.00 55.63 ? 248 ARG A NE  1 
ATOM   222  C CZ  . ARG A 1 53  ? 0.534   -2.145  -22.610 1.00 55.61 ? 248 ARG A CZ  1 
ATOM   223  N NH1 . ARG A 1 53  ? 0.632   -2.376  -23.913 1.00 56.31 ? 248 ARG A NH1 1 
ATOM   224  N NH2 . ARG A 1 53  ? 0.753   -0.924  -22.137 1.00 56.03 ? 248 ARG A NH2 1 
ATOM   225  N N   . VAL A 1 54  ? 1.821   -6.260  -19.119 1.00 45.84 ? 249 VAL A N   1 
ATOM   226  C CA  . VAL A 1 54  ? 3.134   -5.736  -18.767 1.00 45.58 ? 249 VAL A CA  1 
ATOM   227  C C   . VAL A 1 54  ? 4.071   -6.812  -18.239 1.00 45.67 ? 249 VAL A C   1 
ATOM   228  O O   . VAL A 1 54  ? 3.709   -7.586  -17.351 1.00 45.26 ? 249 VAL A O   1 
ATOM   229  C CB  . VAL A 1 54  ? 3.014   -4.616  -17.711 1.00 45.41 ? 249 VAL A CB  1 
ATOM   230  C CG1 . VAL A 1 54  ? 4.382   -4.013  -17.432 1.00 45.05 ? 249 VAL A CG1 1 
ATOM   231  C CG2 . VAL A 1 54  ? 2.046   -3.549  -18.197 1.00 45.85 ? 249 VAL A CG2 1 
ATOM   232  N N   . SER A 1 55  ? 5.280   -6.863  -18.795 1.00 45.75 ? 250 SER A N   1 
ATOM   233  C CA  . SER A 1 55  ? 6.260   -7.842  -18.354 1.00 45.42 ? 250 SER A CA  1 
ATOM   234  C C   . SER A 1 55  ? 6.565   -7.550  -16.893 1.00 45.38 ? 250 SER A C   1 
ATOM   235  O O   . SER A 1 55  ? 6.532   -6.396  -16.463 1.00 45.39 ? 250 SER A O   1 
ATOM   236  C CB  . SER A 1 55  ? 7.540   -7.743  -19.187 1.00 45.40 ? 250 SER A CB  1 
ATOM   237  O OG  . SER A 1 55  ? 8.194   -6.507  -18.978 1.00 46.14 ? 250 SER A OG  1 
ATOM   238  N N   . LYS A 1 56  ? 6.862   -8.594  -16.132 1.00 44.86 ? 251 LYS A N   1 
ATOM   239  C CA  . LYS A 1 56  ? 7.145   -8.434  -14.716 1.00 44.44 ? 251 LYS A CA  1 
ATOM   240  C C   . LYS A 1 56  ? 8.414   -7.639  -14.445 1.00 43.94 ? 251 LYS A C   1 
ATOM   241  O O   . LYS A 1 56  ? 8.567   -7.053  -13.372 1.00 43.72 ? 251 LYS A O   1 
ATOM   242  C CB  . LYS A 1 56  ? 7.215   -9.809  -14.046 1.00 44.50 ? 251 LYS A CB  1 
ATOM   243  C CG  . LYS A 1 56  ? 5.997   -10.675 -14.345 1.00 44.89 ? 251 LYS A CG  1 
ATOM   244  C CD  . LYS A 1 56  ? 4.692   -9.909  -14.121 1.00 43.68 ? 251 LYS A CD  1 
ATOM   245  C CE  . LYS A 1 56  ? 3.499   -10.660 -14.699 1.00 44.58 ? 251 LYS A CE  1 
ATOM   246  N NZ  . LYS A 1 56  ? 2.209   -9.938  -14.495 1.00 42.67 ? 251 LYS A NZ  1 
ATOM   247  N N   . GLU A 1 57  ? 9.327   -7.610  -15.411 1.00 43.20 ? 252 GLU A N   1 
ATOM   248  C CA  . GLU A 1 57  ? 10.558  -6.856  -15.229 1.00 41.76 ? 252 GLU A CA  1 
ATOM   249  C C   . GLU A 1 57  ? 10.223  -5.371  -15.306 1.00 39.38 ? 252 GLU A C   1 
ATOM   250  O O   . GLU A 1 57  ? 10.850  -4.546  -14.642 1.00 38.31 ? 252 GLU A O   1 
ATOM   251  C CB  . GLU A 1 57  ? 11.581  -7.219  -16.307 1.00 44.55 ? 252 GLU A CB  1 
ATOM   252  C CG  . GLU A 1 57  ? 12.974  -6.676  -16.029 1.00 48.10 ? 252 GLU A CG  1 
ATOM   253  C CD  . GLU A 1 57  ? 13.990  -7.122  -17.064 1.00 51.13 ? 252 GLU A CD  1 
ATOM   254  O OE1 . GLU A 1 57  ? 14.057  -8.340  -17.346 1.00 52.65 ? 252 GLU A OE1 1 
ATOM   255  O OE2 . GLU A 1 57  ? 14.725  -6.258  -17.591 1.00 53.14 ? 252 GLU A OE2 1 
ATOM   256  N N   . ARG A 1 58  ? 9.225   -5.040  -16.120 1.00 37.98 ? 253 ARG A N   1 
ATOM   257  C CA  . ARG A 1 58  ? 8.787   -3.654  -16.272 1.00 37.32 ? 253 ARG A CA  1 
ATOM   258  C C   . ARG A 1 58  ? 8.055   -3.204  -15.009 1.00 35.67 ? 253 ARG A C   1 
ATOM   259  O O   . ARG A 1 58  ? 8.221   -2.073  -14.547 1.00 34.22 ? 253 ARG A O   1 
ATOM   260  C CB  . ARG A 1 58  ? 7.862   -3.515  -17.485 1.00 38.89 ? 253 ARG A CB  1 
ATOM   261  C CG  . ARG A 1 58  ? 8.562   -3.612  -18.835 1.00 41.81 ? 253 ARG A CG  1 
ATOM   262  C CD  . ARG A 1 58  ? 9.444   -2.399  -19.108 1.00 43.72 ? 253 ARG A CD  1 
ATOM   263  N NE  . ARG A 1 58  ? 10.615  -2.350  -18.238 1.00 45.89 ? 253 ARG A NE  1 
ATOM   264  C CZ  . ARG A 1 58  ? 11.519  -1.376  -18.258 1.00 46.37 ? 253 ARG A CZ  1 
ATOM   265  N NH1 . ARG A 1 58  ? 11.386  -0.363  -19.104 1.00 46.11 ? 253 ARG A NH1 1 
ATOM   266  N NH2 . ARG A 1 58  ? 12.561  -1.418  -17.437 1.00 46.08 ? 253 ARG A NH2 1 
ATOM   267  N N   . ILE A 1 59  ? 7.236   -4.091  -14.456 1.00 34.96 ? 254 ILE A N   1 
ATOM   268  C CA  . ILE A 1 59  ? 6.506   -3.773  -13.238 1.00 34.20 ? 254 ILE A CA  1 
ATOM   269  C C   . ILE A 1 59  ? 7.529   -3.566  -12.126 1.00 33.51 ? 254 ILE A C   1 
ATOM   270  O O   . ILE A 1 59  ? 7.397   -2.651  -11.310 1.00 32.02 ? 254 ILE A O   1 
ATOM   271  C CB  . ILE A 1 59  ? 5.524   -4.900  -12.859 1.00 35.72 ? 254 ILE A CB  1 
ATOM   272  C CG1 . ILE A 1 59  ? 4.386   -4.946  -13.882 1.00 36.87 ? 254 ILE A CG1 1 
ATOM   273  C CG2 . ILE A 1 59  ? 4.982   -4.677  -11.449 1.00 36.83 ? 254 ILE A CG2 1 
ATOM   274  C CD1 . ILE A 1 59  ? 3.350   -6.012  -13.622 1.00 38.26 ? 254 ILE A CD1 1 
ATOM   275  N N   . ARG A 1 60  ? 8.557   -4.410  -12.099 1.00 32.39 ? 255 ARG A N   1 
ATOM   276  C CA  . ARG A 1 60  ? 9.600   -4.279  -11.091 1.00 31.74 ? 255 ARG A CA  1 
ATOM   277  C C   . ARG A 1 60  ? 10.336  -2.956  -11.272 1.00 29.69 ? 255 ARG A C   1 
ATOM   278  O O   . ARG A 1 60  ? 10.664  -2.286  -10.297 1.00 27.84 ? 255 ARG A O   1 
ATOM   279  C CB  . ARG A 1 60  ? 10.608  -5.428  -11.192 1.00 35.11 ? 255 ARG A CB  1 
ATOM   280  C CG  . ARG A 1 60  ? 10.142  -6.754  -10.614 1.00 38.65 ? 255 ARG A CG  1 
ATOM   281  C CD  . ARG A 1 60  ? 11.256  -7.793  -10.737 1.00 42.83 ? 255 ARG A CD  1 
ATOM   282  N NE  . ARG A 1 60  ? 10.971  -9.025  -10.004 1.00 47.39 ? 255 ARG A NE  1 
ATOM   283  C CZ  . ARG A 1 60  ? 11.796  -10.067 -9.951  1.00 49.33 ? 255 ARG A CZ  1 
ATOM   284  N NH1 . ARG A 1 60  ? 12.958  -10.029 -10.590 1.00 50.51 ? 255 ARG A NH1 1 
ATOM   285  N NH2 . ARG A 1 60  ? 11.466  -11.148 -9.254  1.00 49.96 ? 255 ARG A NH2 1 
ATOM   286  N N   . SER A 1 61  ? 10.597  -2.581  -12.522 1.00 28.81 ? 256 SER A N   1 
ATOM   287  C CA  . SER A 1 61  ? 11.297  -1.331  -12.798 1.00 27.12 ? 256 SER A CA  1 
ATOM   288  C C   . SER A 1 61  ? 10.424  -0.123  -12.453 1.00 26.52 ? 256 SER A C   1 
ATOM   289  O O   . SER A 1 61  ? 10.928  0.918   -12.031 1.00 25.41 ? 256 SER A O   1 
ATOM   290  C CB  . SER A 1 61  ? 11.730  -1.274  -14.267 1.00 28.37 ? 256 SER A CB  1 
ATOM   291  O OG  A SER A 1 61  ? 10.628  -1.464  -15.136 0.50 29.76 ? 256 SER A OG  1 
ATOM   292  O OG  B SER A 1 61  ? 12.683  -2.283  -14.559 0.50 26.03 ? 256 SER A OG  1 
ATOM   293  N N   . LEU A 1 62  ? 9.114   -0.273  -12.628 1.00 25.83 ? 257 LEU A N   1 
ATOM   294  C CA  . LEU A 1 62  ? 8.169   0.797   -12.318 1.00 24.72 ? 257 LEU A CA  1 
ATOM   295  C C   . LEU A 1 62  ? 8.179   1.055   -10.811 1.00 24.98 ? 257 LEU A C   1 
ATOM   296  O O   . LEU A 1 62  ? 8.290   2.197   -10.364 1.00 24.57 ? 257 LEU A O   1 
ATOM   297  C CB  . LEU A 1 62  ? 6.760   0.403   -12.763 1.00 25.08 ? 257 LEU A CB  1 
ATOM   298  C CG  . LEU A 1 62  ? 5.638   1.395   -12.431 1.00 24.66 ? 257 LEU A CG  1 
ATOM   299  C CD1 . LEU A 1 62  ? 5.868   2.711   -13.178 1.00 24.95 ? 257 LEU A CD1 1 
ATOM   300  C CD2 . LEU A 1 62  ? 4.298   0.791   -12.811 1.00 24.81 ? 257 LEU A CD2 1 
ATOM   301  N N   . ILE A 1 63  ? 8.057   -0.018  -10.033 1.00 24.04 ? 258 ILE A N   1 
ATOM   302  C CA  . ILE A 1 63  ? 8.068   0.088   -8.578  1.00 22.71 ? 258 ILE A CA  1 
ATOM   303  C C   . ILE A 1 63  ? 9.365   0.735   -8.115  1.00 22.38 ? 258 ILE A C   1 
ATOM   304  O O   . ILE A 1 63  ? 9.361   1.631   -7.274  1.00 21.03 ? 258 ILE A O   1 
ATOM   305  C CB  . ILE A 1 63  ? 7.936   -1.305  -7.915  1.00 22.60 ? 258 ILE A CB  1 
ATOM   306  C CG1 . ILE A 1 63  ? 6.535   -1.862  -8.167  1.00 22.35 ? 258 ILE A CG1 1 
ATOM   307  C CG2 . ILE A 1 63  ? 8.228   -1.204  -6.425  1.00 22.35 ? 258 ILE A CG2 1 
ATOM   308  C CD1 . ILE A 1 63  ? 6.359   -3.322  -7.789  1.00 22.57 ? 258 ILE A CD1 1 
ATOM   309  N N   . GLU A 1 64  ? 10.480  0.280   -8.674  1.00 25.09 ? 259 GLU A N   1 
ATOM   310  C CA  . GLU A 1 64  ? 11.785  0.818   -8.315  1.00 26.37 ? 259 GLU A CA  1 
ATOM   311  C C   . GLU A 1 64  ? 11.863  2.300   -8.676  1.00 26.00 ? 259 GLU A C   1 
ATOM   312  O O   . GLU A 1 64  ? 12.436  3.102   -7.940  1.00 25.28 ? 259 GLU A O   1 
ATOM   313  C CB  . GLU A 1 64  ? 12.883  0.035   -9.042  1.00 29.98 ? 259 GLU A CB  1 
ATOM   314  C CG  . GLU A 1 64  ? 14.300  0.462   -8.698  1.00 35.26 ? 259 GLU A CG  1 
ATOM   315  C CD  . GLU A 1 64  ? 15.350  -0.368  -9.424  1.00 39.06 ? 259 GLU A CD  1 
ATOM   316  O OE1 . GLU A 1 64  ? 16.556  -0.125  -9.212  1.00 41.78 ? 259 GLU A OE1 1 
ATOM   317  O OE2 . GLU A 1 64  ? 14.970  -1.266  -10.208 1.00 41.79 ? 259 GLU A OE2 1 
ATOM   318  N N   . ALA A 1 65  ? 11.278  2.658   -9.813  1.00 25.90 ? 260 ALA A N   1 
ATOM   319  C CA  . ALA A 1 65  ? 11.286  4.048   -10.262 1.00 24.81 ? 260 ALA A CA  1 
ATOM   320  C C   . ALA A 1 65  ? 10.508  4.925   -9.282  1.00 24.31 ? 260 ALA A C   1 
ATOM   321  O O   . ALA A 1 65  ? 10.944  6.024   -8.930  1.00 23.32 ? 260 ALA A O   1 
ATOM   322  C CB  . ALA A 1 65  ? 10.672  4.143   -11.648 1.00 26.27 ? 260 ALA A CB  1 
ATOM   323  N N   . ALA A 1 66  ? 9.357   4.428   -8.840  1.00 23.16 ? 261 ALA A N   1 
ATOM   324  C CA  . ALA A 1 66  ? 8.507   5.160   -7.905  1.00 23.02 ? 261 ALA A CA  1 
ATOM   325  C C   . ALA A 1 66  ? 9.249   5.578   -6.637  1.00 21.96 ? 261 ALA A C   1 
ATOM   326  O O   . ALA A 1 66  ? 8.884   6.568   -5.996  1.00 21.54 ? 261 ALA A O   1 
ATOM   327  C CB  . ALA A 1 66  ? 7.287   4.319   -7.547  1.00 21.71 ? 261 ALA A CB  1 
ATOM   328  N N   . CYS A 1 67  ? 10.288  4.829   -6.271  1.00 22.65 ? 262 CYS A N   1 
ATOM   329  C CA  . CYS A 1 67  ? 11.066  5.143   -5.073  1.00 24.01 ? 262 CYS A CA  1 
ATOM   330  C C   . CYS A 1 67  ? 11.819  6.462   -5.188  1.00 25.37 ? 262 CYS A C   1 
ATOM   331  O O   . CYS A 1 67  ? 12.162  7.075   -4.180  1.00 26.21 ? 262 CYS A O   1 
ATOM   332  C CB  . CYS A 1 67  ? 12.072  4.029   -4.777  1.00 25.59 ? 262 CYS A CB  1 
ATOM   333  S SG  . CYS A 1 67  ? 11.315  2.465   -4.325  1.00 26.85 ? 262 CYS A SG  1 
ATOM   334  N N   . ASN A 1 68  ? 12.077  6.893   -6.419  1.00 26.47 ? 263 ASN A N   1 
ATOM   335  C CA  . ASN A 1 68  ? 12.801  8.139   -6.654  1.00 27.87 ? 263 ASN A CA  1 
ATOM   336  C C   . ASN A 1 68  ? 11.907  9.375   -6.654  1.00 27.78 ? 263 ASN A C   1 
ATOM   337  O O   . ASN A 1 68  ? 12.398  10.506  -6.662  1.00 27.13 ? 263 ASN A O   1 
ATOM   338  C CB  . ASN A 1 68  ? 13.550  8.047   -7.980  1.00 30.58 ? 263 ASN A CB  1 
ATOM   339  C CG  . ASN A 1 68  ? 14.524  6.891   -8.008  1.00 33.60 ? 263 ASN A CG  1 
ATOM   340  O OD1 . ASN A 1 68  ? 15.455  6.836   -7.207  1.00 36.15 ? 263 ASN A OD1 1 
ATOM   341  N ND2 . ASN A 1 68  ? 14.310  5.953   -8.925  1.00 35.15 ? 263 ASN A ND2 1 
ATOM   342  N N   . SER A 1 69  ? 10.596  9.159   -6.636  1.00 25.10 ? 264 SER A N   1 
ATOM   343  C CA  . SER A 1 69  ? 9.648   10.268  -6.643  1.00 23.19 ? 264 SER A CA  1 
ATOM   344  C C   . SER A 1 69  ? 9.186   10.704  -5.258  1.00 24.53 ? 264 SER A C   1 
ATOM   345  O O   . SER A 1 69  ? 8.748   9.884   -4.452  1.00 23.85 ? 264 SER A O   1 
ATOM   346  C CB  . SER A 1 69  ? 8.420   9.907   -7.476  1.00 23.44 ? 264 SER A CB  1 
ATOM   347  O OG  . SER A 1 69  ? 7.381   10.849  -7.264  1.00 23.58 ? 264 SER A OG  1 
ATOM   348  N N   . LYS A 1 70  ? 9.278   12.001  -4.985  1.00 24.08 ? 265 LYS A N   1 
ATOM   349  C CA  . LYS A 1 70  ? 8.828   12.525  -3.706  1.00 25.88 ? 265 LYS A CA  1 
ATOM   350  C C   . LYS A 1 70  ? 7.490   13.216  -3.932  1.00 24.81 ? 265 LYS A C   1 
ATOM   351  O O   . LYS A 1 70  ? 7.018   13.975  -3.090  1.00 25.96 ? 265 LYS A O   1 
ATOM   352  C CB  . LYS A 1 70  ? 9.848   13.514  -3.133  1.00 28.91 ? 265 LYS A CB  1 
ATOM   353  C CG  . LYS A 1 70  ? 10.213  14.665  -4.052  1.00 32.13 ? 265 LYS A CG  1 
ATOM   354  C CD  . LYS A 1 70  ? 11.223  15.586  -3.375  1.00 36.30 ? 265 LYS A CD  1 
ATOM   355  C CE  . LYS A 1 70  ? 11.739  16.652  -4.329  1.00 37.86 ? 265 LYS A CE  1 
ATOM   356  N NZ  . LYS A 1 70  ? 10.642  17.506  -4.863  1.00 41.14 ? 265 LYS A NZ  1 
ATOM   357  N N   . HIS A 1 71  ? 6.873   12.921  -5.071  1.00 24.57 ? 266 HIS A N   1 
ATOM   358  C CA  . HIS A 1 71  ? 5.599   13.526  -5.431  1.00 24.37 ? 266 HIS A CA  1 
ATOM   359  C C   . HIS A 1 71  ? 4.447   12.542  -5.606  1.00 23.28 ? 266 HIS A C   1 
ATOM   360  O O   . HIS A 1 71  ? 3.291   12.894  -5.383  1.00 24.09 ? 266 HIS A O   1 
ATOM   361  C CB  . HIS A 1 71  ? 5.781   14.339  -6.716  1.00 25.44 ? 266 HIS A CB  1 
ATOM   362  C CG  . HIS A 1 71  ? 6.831   15.401  -6.607  1.00 25.54 ? 266 HIS A CG  1 
ATOM   363  N ND1 . HIS A 1 71  ? 6.633   16.576  -5.913  1.00 27.86 ? 266 HIS A ND1 1 
ATOM   364  C CD2 . HIS A 1 71  ? 8.100   15.452  -7.077  1.00 25.64 ? 266 HIS A CD2 1 
ATOM   365  C CE1 . HIS A 1 71  ? 7.734   17.305  -5.960  1.00 26.71 ? 266 HIS A CE1 1 
ATOM   366  N NE2 . HIS A 1 71  ? 8.639   16.646  -6.661  1.00 28.43 ? 266 HIS A NE2 1 
ATOM   367  N N   . ILE A 1 72  ? 4.747   11.308  -6.001  1.00 23.31 ? 267 ILE A N   1 
ATOM   368  C CA  . ILE A 1 72  ? 3.688   10.329  -6.209  1.00 21.40 ? 267 ILE A CA  1 
ATOM   369  C C   . ILE A 1 72  ? 2.770   10.224  -4.991  1.00 21.72 ? 267 ILE A C   1 
ATOM   370  O O   . ILE A 1 72  ? 3.231   10.088  -3.859  1.00 20.45 ? 267 ILE A O   1 
ATOM   371  C CB  . ILE A 1 72  ? 4.269   8.938   -6.562  1.00 22.37 ? 267 ILE A CB  1 
ATOM   372  C CG1 . ILE A 1 72  ? 3.127   7.953   -6.818  1.00 22.53 ? 267 ILE A CG1 1 
ATOM   373  C CG2 . ILE A 1 72  ? 5.196   8.462   -5.454  1.00 22.74 ? 267 ILE A CG2 1 
ATOM   374  C CD1 . ILE A 1 72  ? 3.586   6.598   -7.352  1.00 23.06 ? 267 ILE A CD1 1 
ATOM   375  N N   . GLU A 1 73  ? 1.465   10.298  -5.241  1.00 20.30 ? 268 GLU A N   1 
ATOM   376  C CA  . GLU A 1 73  ? 0.458   10.243  -4.190  1.00 21.39 ? 268 GLU A CA  1 
ATOM   377  C C   . GLU A 1 73  ? -0.407  8.997   -4.244  1.00 19.93 ? 268 GLU A C   1 
ATOM   378  O O   . GLU A 1 73  ? -0.920  8.545   -3.218  1.00 20.59 ? 268 GLU A O   1 
ATOM   379  C CB  . GLU A 1 73  ? -0.446  11.480  -4.272  1.00 22.76 ? 268 GLU A CB  1 
ATOM   380  C CG  . GLU A 1 73  ? 0.238   12.763  -3.841  1.00 25.44 ? 268 GLU A CG  1 
ATOM   381  C CD  . GLU A 1 73  ? -0.619  13.993  -4.080  1.00 29.72 ? 268 GLU A CD  1 
ATOM   382  O OE1 . GLU A 1 73  ? -1.859  13.859  -4.147  1.00 31.26 ? 268 GLU A OE1 1 
ATOM   383  O OE2 . GLU A 1 73  ? -0.044  15.094  -4.187  1.00 31.63 ? 268 GLU A OE2 1 
ATOM   384  N N   . LYS A 1 74  ? -0.588  8.451   -5.440  1.00 20.09 ? 269 LYS A N   1 
ATOM   385  C CA  . LYS A 1 74  ? -1.404  7.256   -5.603  1.00 19.84 ? 269 LYS A CA  1 
ATOM   386  C C   . LYS A 1 74  ? -0.734  6.270   -6.546  1.00 19.77 ? 269 LYS A C   1 
ATOM   387  O O   . LYS A 1 74  ? -0.309  6.628   -7.643  1.00 18.91 ? 269 LYS A O   1 
ATOM   388  C CB  . LYS A 1 74  ? -2.787  7.620   -6.143  1.00 21.90 ? 269 LYS A CB  1 
ATOM   389  C CG  . LYS A 1 74  ? -3.574  8.566   -5.255  1.00 26.52 ? 269 LYS A CG  1 
ATOM   390  C CD  . LYS A 1 74  ? -4.953  8.847   -5.841  1.00 31.80 ? 269 LYS A CD  1 
ATOM   391  C CE  . LYS A 1 74  ? -5.749  9.796   -4.957  1.00 35.04 ? 269 LYS A CE  1 
ATOM   392  N NZ  . LYS A 1 74  ? -7.123  10.021  -5.493  1.00 38.37 ? 269 LYS A NZ  1 
ATOM   393  N N   . PHE A 1 75  ? -0.634  5.020   -6.103  1.00 19.26 ? 270 PHE A N   1 
ATOM   394  C CA  . PHE A 1 75  ? -0.012  3.977   -6.904  1.00 19.45 ? 270 PHE A CA  1 
ATOM   395  C C   . PHE A 1 75  ? -0.925  2.763   -6.830  1.00 18.93 ? 270 PHE A C   1 
ATOM   396  O O   . PHE A 1 75  ? -1.114  2.181   -5.762  1.00 18.49 ? 270 PHE A O   1 
ATOM   397  C CB  . PHE A 1 75  ? 1.382   3.663   -6.352  1.00 19.50 ? 270 PHE A CB  1 
ATOM   398  C CG  . PHE A 1 75  ? 2.202   2.757   -7.233  1.00 21.58 ? 270 PHE A CG  1 
ATOM   399  C CD1 . PHE A 1 75  ? 1.928   2.644   -8.593  1.00 23.50 ? 270 PHE A CD1 1 
ATOM   400  C CD2 . PHE A 1 75  ? 3.275   2.043   -6.707  1.00 22.98 ? 270 PHE A CD2 1 
ATOM   401  C CE1 . PHE A 1 75  ? 2.714   1.835   -9.418  1.00 24.20 ? 270 PHE A CE1 1 
ATOM   402  C CE2 . PHE A 1 75  ? 4.068   1.232   -7.523  1.00 24.71 ? 270 PHE A CE2 1 
ATOM   403  C CZ  . PHE A 1 75  ? 3.784   1.131   -8.880  1.00 25.52 ? 270 PHE A CZ  1 
ATOM   404  N N   . SER A 1 76  ? -1.520  2.400   -7.963  1.00 20.32 ? 271 SER A N   1 
ATOM   405  C CA  . SER A 1 76  ? -2.441  1.273   -7.992  1.00 20.58 ? 271 SER A CA  1 
ATOM   406  C C   . SER A 1 76  ? -2.004  0.207   -8.990  1.00 21.32 ? 271 SER A C   1 
ATOM   407  O O   . SER A 1 76  ? -1.741  0.503   -10.159 1.00 19.73 ? 271 SER A O   1 
ATOM   408  C CB  . SER A 1 76  ? -3.850  1.761   -8.340  1.00 21.68 ? 271 SER A CB  1 
ATOM   409  O OG  A SER A 1 76  ? -4.813  0.748   -8.112  0.50 23.68 ? 271 SER A OG  1 
ATOM   410  O OG  B SER A 1 76  ? -4.301  2.735   -7.413  0.50 22.20 ? 271 SER A OG  1 
ATOM   411  N N   . LEU A 1 77  ? -1.925  -1.031  -8.509  1.00 21.52 ? 272 LEU A N   1 
ATOM   412  C CA  . LEU A 1 77  ? -1.525  -2.168  -9.333  1.00 23.70 ? 272 LEU A CA  1 
ATOM   413  C C   . LEU A 1 77  ? -2.507  -3.306  -9.104  1.00 23.11 ? 272 LEU A C   1 
ATOM   414  O O   . LEU A 1 77  ? -2.114  -4.474  -9.043  1.00 24.55 ? 272 LEU A O   1 
ATOM   415  C CB  . LEU A 1 77  ? -0.124  -2.658  -8.952  1.00 24.79 ? 272 LEU A CB  1 
ATOM   416  C CG  . LEU A 1 77  ? 1.008   -1.667  -8.704  1.00 26.70 ? 272 LEU A CG  1 
ATOM   417  C CD1 . LEU A 1 77  ? 0.815   -0.998  -7.348  1.00 26.19 ? 272 LEU A CD1 1 
ATOM   418  C CD2 . LEU A 1 77  ? 2.342   -2.412  -8.733  1.00 26.90 ? 272 LEU A CD2 1 
ATOM   419  N N   . ALA A 1 78  ? -3.781  -2.967  -8.961  1.00 23.05 ? 273 ALA A N   1 
ATOM   420  C CA  . ALA A 1 78  ? -4.809  -3.969  -8.731  1.00 23.48 ? 273 ALA A CA  1 
ATOM   421  C C   . ALA A 1 78  ? -4.993  -4.856  -9.954  1.00 23.92 ? 273 ALA A C   1 
ATOM   422  O O   . ALA A 1 78  ? -4.917  -4.393  -11.090 1.00 23.42 ? 273 ALA A O   1 
ATOM   423  C CB  . ALA A 1 78  ? -6.134  -3.297  -8.379  1.00 22.85 ? 273 ALA A CB  1 
ATOM   424  N N   . ASN A 1 79  ? -5.226  -6.138  -9.707  1.00 24.11 ? 274 ASN A N   1 
ATOM   425  C CA  . ASN A 1 79  ? -5.448  -7.093  -10.781 1.00 26.01 ? 274 ASN A CA  1 
ATOM   426  C C   . ASN A 1 79  ? -4.417  -7.003  -11.905 1.00 26.07 ? 274 ASN A C   1 
ATOM   427  O O   . ASN A 1 79  ? -4.768  -6.800  -13.068 1.00 27.83 ? 274 ASN A O   1 
ATOM   428  C CB  . ASN A 1 79  ? -6.857  -6.899  -11.342 1.00 26.50 ? 274 ASN A CB  1 
ATOM   429  C CG  . ASN A 1 79  ? -7.268  -8.007  -12.285 1.00 28.45 ? 274 ASN A CG  1 
ATOM   430  O OD1 . ASN A 1 79  ? -7.107  -9.191  -11.977 1.00 28.11 ? 274 ASN A OD1 1 
ATOM   431  N ND2 . ASN A 1 79  ? -7.820  -7.631  -13.435 1.00 28.14 ? 274 ASN A ND2 1 
ATOM   432  N N   . THR A 1 80  ? -3.143  -7.143  -11.550 1.00 24.90 ? 275 THR A N   1 
ATOM   433  C CA  . THR A 1 80  ? -2.061  -7.113  -12.528 1.00 24.56 ? 275 THR A CA  1 
ATOM   434  C C   . THR A 1 80  ? -1.336  -8.457  -12.494 1.00 23.85 ? 275 THR A C   1 
ATOM   435  O O   . THR A 1 80  ? -0.259  -8.606  -13.067 1.00 25.15 ? 275 THR A O   1 
ATOM   436  C CB  . THR A 1 80  ? -1.042  -6.001  -12.225 1.00 25.09 ? 275 THR A CB  1 
ATOM   437  O OG1 . THR A 1 80  ? -0.612  -6.104  -10.863 1.00 23.67 ? 275 THR A OG1 1 
ATOM   438  C CG2 . THR A 1 80  ? -1.664  -4.627  -12.461 1.00 24.34 ? 275 THR A CG2 1 
ATOM   439  N N   . ALA A 1 81  ? -1.940  -9.419  -11.804 1.00 24.50 ? 276 ALA A N   1 
ATOM   440  C CA  . ALA A 1 81  ? -1.388  -10.764 -11.680 1.00 24.09 ? 276 ALA A CA  1 
ATOM   441  C C   . ALA A 1 81  ? 0.040   -10.781 -11.141 1.00 25.30 ? 276 ALA A C   1 
ATOM   442  O O   . ALA A 1 81  ? 0.850   -11.609 -11.553 1.00 25.59 ? 276 ALA A O   1 
ATOM   443  C CB  . ALA A 1 81  ? -1.444  -11.477 -13.034 1.00 24.49 ? 276 ALA A CB  1 
ATOM   444  N N   . ILE A 1 82  ? 0.356   -9.872  -10.221 1.00 24.92 ? 277 ILE A N   1 
ATOM   445  C CA  . ILE A 1 82  ? 1.698   -9.840  -9.652  1.00 23.40 ? 277 ILE A CA  1 
ATOM   446  C C   . ILE A 1 82  ? 1.777   -10.751 -8.432  1.00 22.75 ? 277 ILE A C   1 
ATOM   447  O O   . ILE A 1 82  ? 0.771   -11.012 -7.776  1.00 21.83 ? 277 ILE A O   1 
ATOM   448  C CB  . ILE A 1 82  ? 2.114   -8.413  -9.240  1.00 23.97 ? 277 ILE A CB  1 
ATOM   449  C CG1 . ILE A 1 82  ? 1.061   -7.807  -8.308  1.00 22.42 ? 277 ILE A CG1 1 
ATOM   450  C CG2 . ILE A 1 82  ? 2.309   -7.553  -10.482 1.00 24.90 ? 277 ILE A CG2 1 
ATOM   451  C CD1 . ILE A 1 82  ? 1.468   -6.467  -7.724  1.00 24.02 ? 277 ILE A CD1 1 
ATOM   452  N N   . SER A 1 83  ? 2.977   -11.246 -8.153  1.00 22.87 ? 278 SER A N   1 
ATOM   453  C CA  . SER A 1 83  ? 3.202   -12.130 -7.011  1.00 24.12 ? 278 SER A CA  1 
ATOM   454  C C   . SER A 1 83  ? 4.265   -11.510 -6.114  1.00 23.04 ? 278 SER A C   1 
ATOM   455  O O   . SER A 1 83  ? 4.761   -10.423 -6.394  1.00 23.32 ? 278 SER A O   1 
ATOM   456  C CB  . SER A 1 83  ? 3.666   -13.511 -7.489  1.00 26.16 ? 278 SER A CB  1 
ATOM   457  O OG  . SER A 1 83  ? 4.979   -13.443 -8.011  1.00 31.48 ? 278 SER A OG  1 
ATOM   458  N N   . ASP A 1 84  ? 4.622   -12.200 -5.036  1.00 22.18 ? 279 ASP A N   1 
ATOM   459  C CA  . ASP A 1 84  ? 5.619   -11.677 -4.112  1.00 23.92 ? 279 ASP A CA  1 
ATOM   460  C C   . ASP A 1 84  ? 6.915   -11.216 -4.768  1.00 25.49 ? 279 ASP A C   1 
ATOM   461  O O   . ASP A 1 84  ? 7.492   -10.209 -4.361  1.00 25.48 ? 279 ASP A O   1 
ATOM   462  C CB  . ASP A 1 84  ? 5.945   -12.717 -3.039  1.00 22.43 ? 279 ASP A CB  1 
ATOM   463  C CG  . ASP A 1 84  ? 4.874   -12.815 -1.977  1.00 22.68 ? 279 ASP A CG  1 
ATOM   464  O OD1 . ASP A 1 84  ? 3.769   -12.261 -2.183  1.00 23.18 ? 279 ASP A OD1 1 
ATOM   465  O OD2 . ASP A 1 84  ? 5.138   -13.449 -0.933  1.00 20.61 ? 279 ASP A OD2 1 
ATOM   466  N N   . SER A 1 85  ? 7.376   -11.945 -5.779  1.00 27.87 ? 280 SER A N   1 
ATOM   467  C CA  . SER A 1 85  ? 8.619   -11.580 -6.444  1.00 30.90 ? 280 SER A CA  1 
ATOM   468  C C   . SER A 1 85  ? 8.581   -10.174 -7.047  1.00 31.48 ? 280 SER A C   1 
ATOM   469  O O   . SER A 1 85  ? 9.558   -9.432  -6.953  1.00 31.52 ? 280 SER A O   1 
ATOM   470  C CB  . SER A 1 85  ? 8.973   -12.620 -7.515  1.00 32.55 ? 280 SER A CB  1 
ATOM   471  O OG  . SER A 1 85  ? 7.864   -12.906 -8.347  1.00 38.54 ? 280 SER A OG  1 
ATOM   472  N N   . GLU A 1 86  ? 7.455   -9.798  -7.644  1.00 30.33 ? 281 GLU A N   1 
ATOM   473  C CA  . GLU A 1 86  ? 7.336   -8.469  -8.240  1.00 31.92 ? 281 GLU A CA  1 
ATOM   474  C C   . GLU A 1 86  ? 6.970   -7.390  -7.224  1.00 30.90 ? 281 GLU A C   1 
ATOM   475  O O   . GLU A 1 86  ? 7.378   -6.237  -7.365  1.00 32.19 ? 281 GLU A O   1 
ATOM   476  C CB  . GLU A 1 86  ? 6.282   -8.455  -9.357  1.00 32.70 ? 281 GLU A CB  1 
ATOM   477  C CG  . GLU A 1 86  ? 6.600   -9.319  -10.565 1.00 34.81 ? 281 GLU A CG  1 
ATOM   478  C CD  . GLU A 1 86  ? 6.260   -10.778 -10.345 1.00 36.51 ? 281 GLU A CD  1 
ATOM   479  O OE1 . GLU A 1 86  ? 5.094   -11.070 -10.000 1.00 36.29 ? 281 GLU A OE1 1 
ATOM   480  O OE2 . GLU A 1 86  ? 7.154   -11.630 -10.523 1.00 35.12 ? 281 GLU A OE2 1 
ATOM   481  N N   . ALA A 1 87  ? 6.206   -7.762  -6.202  1.00 30.05 ? 282 ALA A N   1 
ATOM   482  C CA  . ALA A 1 87  ? 5.763   -6.807  -5.192  1.00 29.24 ? 282 ALA A CA  1 
ATOM   483  C C   . ALA A 1 87  ? 6.732   -6.538  -4.043  1.00 29.46 ? 282 ALA A C   1 
ATOM   484  O O   . ALA A 1 87  ? 6.535   -5.597  -3.270  1.00 28.57 ? 282 ALA A O   1 
ATOM   485  C CB  . ALA A 1 87  ? 4.411   -7.243  -4.636  1.00 28.95 ? 282 ALA A CB  1 
ATOM   486  N N   . ARG A 1 88  ? 7.781   -7.346  -3.926  1.00 29.03 ? 283 ARG A N   1 
ATOM   487  C CA  . ARG A 1 88  ? 8.750   -7.164  -2.849  1.00 28.67 ? 283 ARG A CA  1 
ATOM   488  C C   . ARG A 1 88  ? 9.345   -5.757  -2.847  1.00 26.60 ? 283 ARG A C   1 
ATOM   489  O O   . ARG A 1 88  ? 9.633   -5.198  -1.789  1.00 25.40 ? 283 ARG A O   1 
ATOM   490  C CB  . ARG A 1 88  ? 9.877   -8.193  -2.972  1.00 32.76 ? 283 ARG A CB  1 
ATOM   491  C CG  . ARG A 1 88  ? 10.143  -8.981  -1.699  1.00 37.84 ? 283 ARG A CG  1 
ATOM   492  C CD  . ARG A 1 88  ? 9.929   -10.473 -1.922  1.00 40.90 ? 283 ARG A CD  1 
ATOM   493  N NE  . ARG A 1 88  ? 10.800  -10.993 -2.973  1.00 44.29 ? 283 ARG A NE  1 
ATOM   494  C CZ  . ARG A 1 88  ? 10.727  -12.226 -3.469  1.00 45.39 ? 283 ARG A CZ  1 
ATOM   495  N NH1 . ARG A 1 88  ? 9.817   -13.075 -3.009  1.00 46.16 ? 283 ARG A NH1 1 
ATOM   496  N NH2 . ARG A 1 88  ? 11.559  -12.606 -4.431  1.00 45.41 ? 283 ARG A NH2 1 
ATOM   497  N N   . GLY A 1 89  ? 9.529   -5.191  -4.038  1.00 24.14 ? 284 GLY A N   1 
ATOM   498  C CA  . GLY A 1 89  ? 10.100  -3.859  -4.153  1.00 22.62 ? 284 GLY A CA  1 
ATOM   499  C C   . GLY A 1 89  ? 9.254   -2.777  -3.505  1.00 21.88 ? 284 GLY A C   1 
ATOM   500  O O   . GLY A 1 89  ? 9.743   -1.676  -3.229  1.00 20.23 ? 284 GLY A O   1 
ATOM   501  N N   . LEU A 1 90  ? 7.984   -3.085  -3.260  1.00 19.19 ? 285 LEU A N   1 
ATOM   502  C CA  . LEU A 1 90  ? 7.081   -2.126  -2.633  1.00 19.79 ? 285 LEU A CA  1 
ATOM   503  C C   . LEU A 1 90  ? 7.519   -1.816  -1.212  1.00 19.38 ? 285 LEU A C   1 
ATOM   504  O O   . LEU A 1 90  ? 7.150   -0.782  -0.648  1.00 18.34 ? 285 LEU A O   1 
ATOM   505  C CB  . LEU A 1 90  ? 5.646   -2.657  -2.629  1.00 20.67 ? 285 LEU A CB  1 
ATOM   506  C CG  . LEU A 1 90  ? 4.945   -2.698  -3.990  1.00 20.94 ? 285 LEU A CG  1 
ATOM   507  C CD1 . LEU A 1 90  ? 3.534   -3.219  -3.814  1.00 21.17 ? 285 LEU A CD1 1 
ATOM   508  C CD2 . LEU A 1 90  ? 4.930   -1.300  -4.609  1.00 22.30 ? 285 LEU A CD2 1 
ATOM   509  N N   . ILE A 1 91  ? 8.305   -2.713  -0.620  1.00 19.03 ? 286 ILE A N   1 
ATOM   510  C CA  . ILE A 1 91  ? 8.784   -2.472  0.728   1.00 18.15 ? 286 ILE A CA  1 
ATOM   511  C C   . ILE A 1 91  ? 9.652   -1.218  0.739   1.00 17.62 ? 286 ILE A C   1 
ATOM   512  O O   . ILE A 1 91  ? 9.465   -0.345  1.580   1.00 16.11 ? 286 ILE A O   1 
ATOM   513  C CB  . ILE A 1 91  ? 9.609   -3.666  1.268   1.00 19.87 ? 286 ILE A CB  1 
ATOM   514  C CG1 . ILE A 1 91  ? 8.689   -4.873  1.467   1.00 20.06 ? 286 ILE A CG1 1 
ATOM   515  C CG2 . ILE A 1 91  ? 10.275  -3.283  2.589   1.00 19.88 ? 286 ILE A CG2 1 
ATOM   516  C CD1 . ILE A 1 91  ? 9.412   -6.151  1.869   1.00 24.60 ? 286 ILE A CD1 1 
ATOM   517  N N   . GLU A 1 92  ? 10.596  -1.122  -0.195  1.00 18.50 ? 287 GLU A N   1 
ATOM   518  C CA  . GLU A 1 92  ? 11.472  0.044   -0.253  1.00 18.90 ? 287 GLU A CA  1 
ATOM   519  C C   . GLU A 1 92  ? 10.656  1.307   -0.529  1.00 19.24 ? 287 GLU A C   1 
ATOM   520  O O   . GLU A 1 92  ? 10.872  2.347   0.099   1.00 18.62 ? 287 GLU A O   1 
ATOM   521  C CB  . GLU A 1 92  ? 12.528  -0.113  -1.349  1.00 22.12 ? 287 GLU A CB  1 
ATOM   522  C CG  . GLU A 1 92  ? 13.639  0.923   -1.253  1.00 27.39 ? 287 GLU A CG  1 
ATOM   523  C CD  . GLU A 1 92  ? 14.536  0.953   -2.475  1.00 32.29 ? 287 GLU A CD  1 
ATOM   524  O OE1 . GLU A 1 92  ? 14.791  -0.120  -3.059  1.00 33.86 ? 287 GLU A OE1 1 
ATOM   525  O OE2 . GLU A 1 92  ? 15.001  2.054   -2.843  1.00 35.08 ? 287 GLU A OE2 1 
ATOM   526  N N   . LEU A 1 93  ? 9.722   1.206   -1.467  1.00 19.35 ? 288 LEU A N   1 
ATOM   527  C CA  . LEU A 1 93  ? 8.875   2.348   -1.827  1.00 18.99 ? 288 LEU A CA  1 
ATOM   528  C C   . LEU A 1 93  ? 8.123   2.894   -0.616  1.00 19.07 ? 288 LEU A C   1 
ATOM   529  O O   . LEU A 1 93  ? 8.175   4.095   -0.322  1.00 18.93 ? 288 LEU A O   1 
ATOM   530  C CB  . LEU A 1 93  ? 7.863   1.943   -2.901  1.00 19.70 ? 288 LEU A CB  1 
ATOM   531  C CG  . LEU A 1 93  ? 6.852   3.040   -3.262  1.00 19.53 ? 288 LEU A CG  1 
ATOM   532  C CD1 . LEU A 1 93  ? 7.601   4.242   -3.796  1.00 19.61 ? 288 LEU A CD1 1 
ATOM   533  C CD2 . LEU A 1 93  ? 5.855   2.526   -4.286  1.00 20.76 ? 288 LEU A CD2 1 
ATOM   534  N N   . ILE A 1 94  ? 7.424   2.005   0.084   1.00 18.26 ? 289 ILE A N   1 
ATOM   535  C CA  . ILE A 1 94  ? 6.652   2.388   1.258   1.00 16.46 ? 289 ILE A CA  1 
ATOM   536  C C   . ILE A 1 94  ? 7.518   2.999   2.351   1.00 17.13 ? 289 ILE A C   1 
ATOM   537  O O   . ILE A 1 94  ? 7.171   4.032   2.922   1.00 16.37 ? 289 ILE A O   1 
ATOM   538  C CB  . ILE A 1 94  ? 5.889   1.165   1.834   1.00 15.80 ? 289 ILE A CB  1 
ATOM   539  C CG1 . ILE A 1 94  ? 4.888   0.655   0.798   1.00 15.16 ? 289 ILE A CG1 1 
ATOM   540  C CG2 . ILE A 1 94  ? 5.179   1.537   3.134   1.00 18.53 ? 289 ILE A CG2 1 
ATOM   541  C CD1 . ILE A 1 94  ? 4.190   -0.646  1.188   1.00 15.97 ? 289 ILE A CD1 1 
ATOM   542  N N   . GLU A 1 95  ? 8.652   2.366   2.648   1.00 17.05 ? 290 GLU A N   1 
ATOM   543  C CA  . GLU A 1 95  ? 9.524   2.877   3.697   1.00 18.53 ? 290 GLU A CA  1 
ATOM   544  C C   . GLU A 1 95  ? 10.255  4.162   3.334   1.00 19.75 ? 290 GLU A C   1 
ATOM   545  O O   . GLU A 1 95  ? 10.713  4.884   4.218   1.00 21.29 ? 290 GLU A O   1 
ATOM   546  C CB  . GLU A 1 95  ? 10.544  1.808   4.103   1.00 19.81 ? 290 GLU A CB  1 
ATOM   547  C CG  . GLU A 1 95  ? 9.903   0.587   4.730   1.00 20.44 ? 290 GLU A CG  1 
ATOM   548  C CD  . GLU A 1 95  ? 10.921  -0.442  5.189   1.00 24.45 ? 290 GLU A CD  1 
ATOM   549  O OE1 . GLU A 1 95  ? 12.136  -0.166  5.091   1.00 24.53 ? 290 GLU A OE1 1 
ATOM   550  O OE2 . GLU A 1 95  ? 10.499  -1.520  5.649   1.00 24.79 ? 290 GLU A OE2 1 
ATOM   551  N N   . THR A 1 96  ? 10.348  4.456   2.041   1.00 19.12 ? 291 THR A N   1 
ATOM   552  C CA  . THR A 1 96  ? 11.055  5.643   1.571   1.00 22.43 ? 291 THR A CA  1 
ATOM   553  C C   . THR A 1 96  ? 10.174  6.854   1.265   1.00 21.11 ? 291 THR A C   1 
ATOM   554  O O   . THR A 1 96  ? 10.545  7.992   1.567   1.00 19.55 ? 291 THR A O   1 
ATOM   555  C CB  . THR A 1 96  ? 11.855  5.336   0.287   1.00 23.34 ? 291 THR A CB  1 
ATOM   556  O OG1 . THR A 1 96  ? 12.852  4.345   0.565   1.00 30.02 ? 291 THR A OG1 1 
ATOM   557  C CG2 . THR A 1 96  ? 12.537  6.598   -0.238  1.00 29.03 ? 291 THR A CG2 1 
ATOM   558  N N   . SER A 1 97  ? 9.013   6.606   0.674   1.00 18.96 ? 292 SER A N   1 
ATOM   559  C CA  . SER A 1 97  ? 8.112   7.688   0.265   1.00 19.54 ? 292 SER A CA  1 
ATOM   560  C C   . SER A 1 97  ? 7.457   8.557   1.333   1.00 19.97 ? 292 SER A C   1 
ATOM   561  O O   . SER A 1 97  ? 6.865   8.056   2.286   1.00 21.16 ? 292 SER A O   1 
ATOM   562  C CB  . SER A 1 97  ? 7.010   7.129   -0.636  1.00 18.42 ? 292 SER A CB  1 
ATOM   563  O OG  . SER A 1 97  ? 6.137   8.171   -1.068  1.00 18.26 ? 292 SER A OG  1 
ATOM   564  N N   . PRO A 1 98  ? 7.563   9.890   1.181   1.00 20.52 ? 293 PRO A N   1 
ATOM   565  C CA  . PRO A 1 98  ? 6.952   10.807  2.145   1.00 19.99 ? 293 PRO A CA  1 
ATOM   566  C C   . PRO A 1 98  ? 5.599   11.297  1.607   1.00 19.15 ? 293 PRO A C   1 
ATOM   567  O O   . PRO A 1 98  ? 4.809   11.907  2.332   1.00 19.62 ? 293 PRO A O   1 
ATOM   568  C CB  . PRO A 1 98  ? 7.974   11.932  2.226   1.00 21.05 ? 293 PRO A CB  1 
ATOM   569  C CG  . PRO A 1 98  ? 8.412   12.048  0.816   1.00 20.43 ? 293 PRO A CG  1 
ATOM   570  C CD  . PRO A 1 98  ? 8.603   10.584  0.400   1.00 21.44 ? 293 PRO A CD  1 
ATOM   571  N N   . SER A 1 99  ? 5.327   10.989  0.341   1.00 18.87 ? 294 SER A N   1 
ATOM   572  C CA  . SER A 1 99  ? 4.104   11.444  -0.315  1.00 19.22 ? 294 SER A CA  1 
ATOM   573  C C   . SER A 1 99  ? 3.042   10.407  -0.670  1.00 17.56 ? 294 SER A C   1 
ATOM   574  O O   . SER A 1 99  ? 1.880   10.761  -0.877  1.00 17.35 ? 294 SER A O   1 
ATOM   575  C CB  . SER A 1 99  ? 4.479   12.214  -1.588  1.00 21.78 ? 294 SER A CB  1 
ATOM   576  O OG  . SER A 1 99  ? 5.196   11.388  -2.502  1.00 22.70 ? 294 SER A OG  1 
ATOM   577  N N   . LEU A 1 100 ? 3.418   9.133   -0.753  1.00 16.37 ? 295 LEU A N   1 
ATOM   578  C CA  . LEU A 1 100 ? 2.445   8.107   -1.124  1.00 15.92 ? 295 LEU A CA  1 
ATOM   579  C C   . LEU A 1 100 ? 1.281   8.037   -0.143  1.00 15.96 ? 295 LEU A C   1 
ATOM   580  O O   . LEU A 1 100 ? 1.463   7.735   1.039   1.00 15.98 ? 295 LEU A O   1 
ATOM   581  C CB  . LEU A 1 100 ? 3.131   6.734   -1.233  1.00 16.10 ? 295 LEU A CB  1 
ATOM   582  C CG  . LEU A 1 100 ? 2.305   5.607   -1.851  1.00 16.95 ? 295 LEU A CG  1 
ATOM   583  C CD1 . LEU A 1 100 ? 1.849   5.998   -3.258  1.00 16.93 ? 295 LEU A CD1 1 
ATOM   584  C CD2 . LEU A 1 100 ? 3.160   4.335   -1.909  1.00 17.12 ? 295 LEU A CD2 1 
ATOM   585  N N   . ARG A 1 101 ? 0.080   8.299   -0.651  1.00 16.73 ? 296 ARG A N   1 
ATOM   586  C CA  . ARG A 1 101 ? -1.130  8.310   0.160   1.00 16.86 ? 296 ARG A CA  1 
ATOM   587  C C   . ARG A 1 101 ? -2.025  7.098   -0.026  1.00 16.16 ? 296 ARG A C   1 
ATOM   588  O O   . ARG A 1 101 ? -2.703  6.667   0.905   1.00 16.49 ? 296 ARG A O   1 
ATOM   589  C CB  . ARG A 1 101 ? -1.946  9.565   -0.168  1.00 19.64 ? 296 ARG A CB  1 
ATOM   590  C CG  . ARG A 1 101 ? -1.193  10.857  0.045   1.00 25.48 ? 296 ARG A CG  1 
ATOM   591  C CD  . ARG A 1 101 ? -1.481  11.414  1.414   1.00 32.94 ? 296 ARG A CD  1 
ATOM   592  N NE  . ARG A 1 101 ? -2.912  11.652  1.575   1.00 37.32 ? 296 ARG A NE  1 
ATOM   593  C CZ  . ARG A 1 101 ? -3.476  12.102  2.689   1.00 39.07 ? 296 ARG A CZ  1 
ATOM   594  N NH1 . ARG A 1 101 ? -2.727  12.370  3.751   1.00 39.15 ? 296 ARG A NH1 1 
ATOM   595  N NH2 . ARG A 1 101 ? -4.790  12.276  2.743   1.00 40.67 ? 296 ARG A NH2 1 
ATOM   596  N N   . VAL A 1 102 ? -2.047  6.562   -1.238  1.00 16.35 ? 297 VAL A N   1 
ATOM   597  C CA  . VAL A 1 102 ? -2.891  5.419   -1.538  1.00 16.07 ? 297 VAL A CA  1 
ATOM   598  C C   . VAL A 1 102 ? -2.090  4.350   -2.272  1.00 16.14 ? 297 VAL A C   1 
ATOM   599  O O   . VAL A 1 102 ? -1.402  4.639   -3.245  1.00 17.12 ? 297 VAL A O   1 
ATOM   600  C CB  . VAL A 1 102 ? -4.092  5.846   -2.419  1.00 18.31 ? 297 VAL A CB  1 
ATOM   601  C CG1 . VAL A 1 102 ? -4.923  4.636   -2.815  1.00 19.66 ? 297 VAL A CG1 1 
ATOM   602  C CG2 . VAL A 1 102 ? -4.952  6.850   -1.658  1.00 21.23 ? 297 VAL A CG2 1 
ATOM   603  N N   . LEU A 1 103 ? -2.161  3.122   -1.769  1.00 16.89 ? 298 LEU A N   1 
ATOM   604  C CA  . LEU A 1 103 ? -1.464  2.002   -2.389  1.00 15.85 ? 298 LEU A CA  1 
ATOM   605  C C   . LEU A 1 103 ? -2.491  0.901   -2.559  1.00 16.70 ? 298 LEU A C   1 
ATOM   606  O O   . LEU A 1 103 ? -3.104  0.464   -1.585  1.00 16.79 ? 298 LEU A O   1 
ATOM   607  C CB  . LEU A 1 103 ? -0.316  1.514   -1.502  1.00 16.91 ? 298 LEU A CB  1 
ATOM   608  C CG  . LEU A 1 103 ? 0.464   0.326   -2.076  1.00 18.32 ? 298 LEU A CG  1 
ATOM   609  C CD1 . LEU A 1 103 ? 1.080   0.719   -3.409  1.00 18.72 ? 298 LEU A CD1 1 
ATOM   610  C CD2 . LEU A 1 103 ? 1.545   -0.110  -1.083  1.00 17.67 ? 298 LEU A CD2 1 
ATOM   611  N N   . ASN A 1 104 ? -2.689  0.464   -3.797  1.00 16.52 ? 299 ASN A N   1 
ATOM   612  C CA  . ASN A 1 104 ? -3.664  -0.579  -4.089  1.00 17.61 ? 299 ASN A CA  1 
ATOM   613  C C   . ASN A 1 104 ? -3.017  -1.776  -4.786  1.00 17.27 ? 299 ASN A C   1 
ATOM   614  O O   . ASN A 1 104 ? -2.538  -1.660  -5.913  1.00 18.98 ? 299 ASN A O   1 
ATOM   615  C CB  . ASN A 1 104 ? -4.773  -0.007  -4.977  1.00 17.78 ? 299 ASN A CB  1 
ATOM   616  C CG  . ASN A 1 104 ? -5.865  -1.012  -5.271  1.00 18.13 ? 299 ASN A CG  1 
ATOM   617  O OD1 . ASN A 1 104 ? -5.805  -2.169  -4.838  1.00 19.97 ? 299 ASN A OD1 1 
ATOM   618  N ND2 . ASN A 1 104 ? -6.882  -0.574  -6.008  1.00 21.77 ? 299 ASN A ND2 1 
ATOM   619  N N   . VAL A 1 105 ? -3.001  -2.918  -4.105  1.00 19.12 ? 300 VAL A N   1 
ATOM   620  C CA  . VAL A 1 105 ? -2.427  -4.142  -4.666  1.00 19.12 ? 300 VAL A CA  1 
ATOM   621  C C   . VAL A 1 105 ? -3.417  -5.297  -4.545  1.00 20.37 ? 300 VAL A C   1 
ATOM   622  O O   . VAL A 1 105 ? -3.022  -6.464  -4.442  1.00 20.62 ? 300 VAL A O   1 
ATOM   623  C CB  . VAL A 1 105 ? -1.118  -4.544  -3.937  1.00 19.24 ? 300 VAL A CB  1 
ATOM   624  C CG1 . VAL A 1 105 ? -0.066  -3.473  -4.118  1.00 18.93 ? 300 VAL A CG1 1 
ATOM   625  C CG2 . VAL A 1 105 ? -1.394  -4.781  -2.460  1.00 16.94 ? 300 VAL A CG2 1 
ATOM   626  N N   . GLU A 1 106 ? -4.708  -4.976  -4.566  1.00 21.14 ? 301 GLU A N   1 
ATOM   627  C CA  . GLU A 1 106 ? -5.736  -6.001  -4.432  1.00 21.87 ? 301 GLU A CA  1 
ATOM   628  C C   . GLU A 1 106 ? -5.853  -6.918  -5.653  1.00 21.68 ? 301 GLU A C   1 
ATOM   629  O O   . GLU A 1 106 ? -5.349  -6.610  -6.732  1.00 20.68 ? 301 GLU A O   1 
ATOM   630  C CB  . GLU A 1 106 ? -7.095  -5.346  -4.160  1.00 24.27 ? 301 GLU A CB  1 
ATOM   631  C CG  . GLU A 1 106 ? -7.752  -4.740  -5.393  1.00 27.26 ? 301 GLU A CG  1 
ATOM   632  C CD  . GLU A 1 106 ? -9.007  -3.941  -5.064  1.00 30.00 ? 301 GLU A CD  1 
ATOM   633  O OE1 . GLU A 1 106 ? -9.803  -4.395  -4.217  1.00 32.97 ? 301 GLU A OE1 1 
ATOM   634  O OE2 . GLU A 1 106 ? -9.200  -2.864  -5.667  1.00 30.46 ? 301 GLU A OE2 1 
ATOM   635  N N   . SER A 1 107 ? -6.519  -8.051  -5.449  1.00 22.05 ? 302 SER A N   1 
ATOM   636  C CA  . SER A 1 107 ? -6.771  -9.041  -6.494  1.00 22.57 ? 302 SER A CA  1 
ATOM   637  C C   . SER A 1 107 ? -5.552  -9.566  -7.241  1.00 22.72 ? 302 SER A C   1 
ATOM   638  O O   . SER A 1 107 ? -5.578  -9.712  -8.467  1.00 23.08 ? 302 SER A O   1 
ATOM   639  C CB  . SER A 1 107 ? -7.784  -8.477  -7.493  1.00 22.59 ? 302 SER A CB  1 
ATOM   640  O OG  . SER A 1 107 ? -9.026  -8.243  -6.854  1.00 25.77 ? 302 SER A OG  1 
ATOM   641  N N   . ASN A 1 108 ? -4.484  -9.853  -6.504  1.00 21.96 ? 303 ASN A N   1 
ATOM   642  C CA  . ASN A 1 108 ? -3.273  -10.388 -7.113  1.00 20.35 ? 303 ASN A CA  1 
ATOM   643  C C   . ASN A 1 108 ? -2.928  -11.732 -6.476  1.00 20.44 ? 303 ASN A C   1 
ATOM   644  O O   . ASN A 1 108 ? -3.823  -12.438 -6.005  1.00 20.24 ? 303 ASN A O   1 
ATOM   645  C CB  . ASN A 1 108 ? -2.112  -9.399  -6.965  1.00 20.29 ? 303 ASN A CB  1 
ATOM   646  C CG  . ASN A 1 108 ? -2.250  -8.209  -7.904  1.00 20.14 ? 303 ASN A CG  1 
ATOM   647  O OD1 . ASN A 1 108 ? -2.360  -8.380  -9.119  1.00 21.38 ? 303 ASN A OD1 1 
ATOM   648  N ND2 . ASN A 1 108 ? -2.249  -7.001  -7.346  1.00 18.18 ? 303 ASN A ND2 1 
ATOM   649  N N   . PHE A 1 109 ? -1.644  -12.080 -6.469  1.00 20.19 ? 304 PHE A N   1 
ATOM   650  C CA  . PHE A 1 109 ? -1.186  -13.347 -5.901  1.00 20.98 ? 304 PHE A CA  1 
ATOM   651  C C   . PHE A 1 109 ? -0.197  -13.133 -4.758  1.00 20.31 ? 304 PHE A C   1 
ATOM   652  O O   . PHE A 1 109 ? 0.729   -13.927 -4.564  1.00 20.34 ? 304 PHE A O   1 
ATOM   653  C CB  . PHE A 1 109 ? -0.532  -14.193 -7.000  1.00 20.99 ? 304 PHE A CB  1 
ATOM   654  C CG  . PHE A 1 109 ? -1.467  -14.554 -8.117  1.00 21.38 ? 304 PHE A CG  1 
ATOM   655  C CD1 . PHE A 1 109 ? -2.363  -15.610 -7.978  1.00 22.49 ? 304 PHE A CD1 1 
ATOM   656  C CD2 . PHE A 1 109 ? -1.482  -13.812 -9.293  1.00 22.50 ? 304 PHE A CD2 1 
ATOM   657  C CE1 . PHE A 1 109 ? -3.265  -15.924 -8.996  1.00 22.97 ? 304 PHE A CE1 1 
ATOM   658  C CE2 . PHE A 1 109 ? -2.377  -14.115 -10.319 1.00 23.58 ? 304 PHE A CE2 1 
ATOM   659  C CZ  . PHE A 1 109 ? -3.271  -15.172 -10.170 1.00 23.61 ? 304 PHE A CZ  1 
ATOM   660  N N   . LEU A 1 110 ? -0.398  -12.064 -3.997  1.00 19.48 ? 305 LEU A N   1 
ATOM   661  C CA  . LEU A 1 110 ? 0.488   -11.756 -2.881  1.00 18.99 ? 305 LEU A CA  1 
ATOM   662  C C   . LEU A 1 110 ? 0.177   -12.628 -1.670  1.00 19.22 ? 305 LEU A C   1 
ATOM   663  O O   . LEU A 1 110 ? -0.980  -12.927 -1.388  1.00 18.45 ? 305 LEU A O   1 
ATOM   664  C CB  . LEU A 1 110 ? 0.361   -10.276 -2.507  1.00 19.71 ? 305 LEU A CB  1 
ATOM   665  C CG  . LEU A 1 110 ? 0.622   -9.304  -3.658  1.00 21.37 ? 305 LEU A CG  1 
ATOM   666  C CD1 . LEU A 1 110 ? 0.606   -7.875  -3.124  1.00 18.25 ? 305 LEU A CD1 1 
ATOM   667  C CD2 . LEU A 1 110 ? 1.974   -9.612  -4.299  1.00 22.28 ? 305 LEU A CD2 1 
ATOM   668  N N   . THR A 1 111 ? 1.220   -13.034 -0.952  1.00 18.52 ? 306 THR A N   1 
ATOM   669  C CA  . THR A 1 111 ? 1.047   -13.884 0.222   1.00 18.72 ? 306 THR A CA  1 
ATOM   670  C C   . THR A 1 111 ? 0.765   -13.083 1.485   1.00 19.66 ? 306 THR A C   1 
ATOM   671  O O   . THR A 1 111 ? 1.153   -11.921 1.593   1.00 17.29 ? 306 THR A O   1 
ATOM   672  C CB  . THR A 1 111 ? 2.304   -14.729 0.492   1.00 20.18 ? 306 THR A CB  1 
ATOM   673  O OG1 . THR A 1 111 ? 3.377   -13.869 0.893   1.00 20.34 ? 306 THR A OG1 1 
ATOM   674  C CG2 . THR A 1 111 ? 2.710   -15.492 -0.755  1.00 21.38 ? 306 THR A CG2 1 
ATOM   675  N N   . PRO A 1 112 ? 0.091   -13.705 2.465   1.00 19.13 ? 307 PRO A N   1 
ATOM   676  C CA  . PRO A 1 112 ? -0.230  -13.032 3.727   1.00 19.86 ? 307 PRO A CA  1 
ATOM   677  C C   . PRO A 1 112 ? 1.024   -12.481 4.395   1.00 20.48 ? 307 PRO A C   1 
ATOM   678  O O   . PRO A 1 112 ? 1.007   -11.395 4.978   1.00 20.80 ? 307 PRO A O   1 
ATOM   679  C CB  . PRO A 1 112 ? -0.878  -14.142 4.551   1.00 20.67 ? 307 PRO A CB  1 
ATOM   680  C CG  . PRO A 1 112 ? -1.581  -14.951 3.511   1.00 19.91 ? 307 PRO A CG  1 
ATOM   681  C CD  . PRO A 1 112 ? -0.542  -15.036 2.408   1.00 20.82 ? 307 PRO A CD  1 
ATOM   682  N N   . GLU A 1 113 ? 2.118   -13.235 4.304   1.00 20.52 ? 308 GLU A N   1 
ATOM   683  C CA  . GLU A 1 113 ? 3.377   -12.826 4.910   1.00 21.58 ? 308 GLU A CA  1 
ATOM   684  C C   . GLU A 1 113 ? 3.919   -11.544 4.289   1.00 20.48 ? 308 GLU A C   1 
ATOM   685  O O   . GLU A 1 113 ? 4.410   -10.663 4.994   1.00 19.79 ? 308 GLU A O   1 
ATOM   686  C CB  . GLU A 1 113 ? 4.429   -13.933 4.764   1.00 25.26 ? 308 GLU A CB  1 
ATOM   687  C CG  . GLU A 1 113 ? 4.082   -15.243 5.464   1.00 31.49 ? 308 GLU A CG  1 
ATOM   688  C CD  . GLU A 1 113 ? 2.795   -15.867 4.952   1.00 33.04 ? 308 GLU A CD  1 
ATOM   689  O OE1 . GLU A 1 113 ? 2.624   -15.976 3.719   1.00 31.39 ? 308 GLU A OE1 1 
ATOM   690  O OE2 . GLU A 1 113 ? 1.957   -16.257 5.788   1.00 37.70 ? 308 GLU A OE2 1 
ATOM   691  N N   . LEU A 1 114 ? 3.846   -11.439 2.967   1.00 19.26 ? 309 LEU A N   1 
ATOM   692  C CA  . LEU A 1 114 ? 4.348   -10.241 2.311   1.00 19.53 ? 309 LEU A CA  1 
ATOM   693  C C   . LEU A 1 114 ? 3.461   -9.050  2.669   1.00 18.44 ? 309 LEU A C   1 
ATOM   694  O O   . LEU A 1 114 ? 3.962   -7.961  2.946   1.00 19.03 ? 309 LEU A O   1 
ATOM   695  C CB  . LEU A 1 114 ? 4.392   -10.422 0.794   1.00 20.31 ? 309 LEU A CB  1 
ATOM   696  C CG  . LEU A 1 114 ? 4.918   -9.197  0.034   1.00 23.17 ? 309 LEU A CG  1 
ATOM   697  C CD1 . LEU A 1 114 ? 6.257   -8.758  0.607   1.00 21.91 ? 309 LEU A CD1 1 
ATOM   698  C CD2 . LEU A 1 114 ? 5.046   -9.531  -1.440  1.00 24.95 ? 309 LEU A CD2 1 
ATOM   699  N N   . LEU A 1 115 ? 2.149   -9.266  2.673   1.00 16.51 ? 310 LEU A N   1 
ATOM   700  C CA  . LEU A 1 115 ? 1.208   -8.200  3.018   1.00 15.80 ? 310 LEU A CA  1 
ATOM   701  C C   . LEU A 1 115 ? 1.493   -7.677  4.420   1.00 15.41 ? 310 LEU A C   1 
ATOM   702  O O   . LEU A 1 115 ? 1.428   -6.475  4.669   1.00 15.24 ? 310 LEU A O   1 
ATOM   703  C CB  . LEU A 1 115 ? -0.233  -8.702  2.932   1.00 15.98 ? 310 LEU A CB  1 
ATOM   704  C CG  . LEU A 1 115 ? -0.718  -9.028  1.516   1.00 16.35 ? 310 LEU A CG  1 
ATOM   705  C CD1 . LEU A 1 115 ? -2.190  -9.424  1.556   1.00 17.86 ? 310 LEU A CD1 1 
ATOM   706  C CD2 . LEU A 1 115 ? -0.511  -7.806  0.611   1.00 17.63 ? 310 LEU A CD2 1 
ATOM   707  N N   . ALA A 1 116 ? 1.811   -8.584  5.342   1.00 15.06 ? 311 ALA A N   1 
ATOM   708  C CA  . ALA A 1 116 ? 2.126   -8.175  6.700   1.00 16.07 ? 311 ALA A CA  1 
ATOM   709  C C   . ALA A 1 116 ? 3.367   -7.288  6.688   1.00 15.76 ? 311 ALA A C   1 
ATOM   710  O O   . ALA A 1 116 ? 3.433   -6.292  7.404   1.00 15.13 ? 311 ALA A O   1 
ATOM   711  C CB  . ALA A 1 116 ? 2.363   -9.411  7.590   1.00 16.91 ? 311 ALA A CB  1 
ATOM   712  N N   . ARG A 1 117 ? 4.361   -7.647  5.881   1.00 16.31 ? 312 ARG A N   1 
ATOM   713  C CA  . ARG A 1 117 ? 5.575   -6.848  5.813   1.00 17.48 ? 312 ARG A CA  1 
ATOM   714  C C   . ARG A 1 117 ? 5.276   -5.475  5.201   1.00 17.19 ? 312 ARG A C   1 
ATOM   715  O O   . ARG A 1 117 ? 5.801   -4.462  5.657   1.00 17.18 ? 312 ARG A O   1 
ATOM   716  C CB  . ARG A 1 117 ? 6.643   -7.565  4.988   1.00 20.03 ? 312 ARG A CB  1 
ATOM   717  C CG  . ARG A 1 117 ? 7.144   -8.855  5.628   1.00 24.79 ? 312 ARG A CG  1 
ATOM   718  C CD  . ARG A 1 117 ? 8.148   -9.553  4.718   1.00 30.85 ? 312 ARG A CD  1 
ATOM   719  N NE  . ARG A 1 117 ? 9.339   -8.736  4.509   1.00 36.25 ? 312 ARG A NE  1 
ATOM   720  C CZ  . ARG A 1 117 ? 10.197  -8.906  3.507   1.00 39.27 ? 312 ARG A CZ  1 
ATOM   721  N NH1 . ARG A 1 117 ? 9.997   -9.868  2.614   1.00 40.34 ? 312 ARG A NH1 1 
ATOM   722  N NH2 . ARG A 1 117 ? 11.256  -8.113  3.400   1.00 40.97 ? 312 ARG A NH2 1 
ATOM   723  N N   . LEU A 1 118 ? 4.428   -5.446  4.177   1.00 16.92 ? 313 LEU A N   1 
ATOM   724  C CA  . LEU A 1 118 ? 4.084   -4.174  3.538   1.00 15.76 ? 313 LEU A CA  1 
ATOM   725  C C   . LEU A 1 118 ? 3.393   -3.238  4.538   1.00 14.98 ? 313 LEU A C   1 
ATOM   726  O O   . LEU A 1 118 ? 3.724   -2.051  4.622   1.00 14.92 ? 313 LEU A O   1 
ATOM   727  C CB  . LEU A 1 118 ? 3.177   -4.404  2.326   1.00 17.30 ? 313 LEU A CB  1 
ATOM   728  C CG  . LEU A 1 118 ? 3.770   -5.214  1.164   1.00 17.86 ? 313 LEU A CG  1 
ATOM   729  C CD1 . LEU A 1 118 ? 2.724   -5.353  0.070   1.00 19.32 ? 313 LEU A CD1 1 
ATOM   730  C CD2 . LEU A 1 118 ? 5.029   -4.545  0.633   1.00 16.54 ? 313 LEU A CD2 1 
ATOM   731  N N   . LEU A 1 119 ? 2.436   -3.766  5.296   1.00 14.73 ? 314 LEU A N   1 
ATOM   732  C CA  . LEU A 1 119 ? 1.737   -2.950  6.290   1.00 14.96 ? 314 LEU A CA  1 
ATOM   733  C C   . LEU A 1 119 ? 2.666   -2.497  7.410   1.00 14.80 ? 314 LEU A C   1 
ATOM   734  O O   . LEU A 1 119 ? 2.570   -1.372  7.890   1.00 16.85 ? 314 LEU A O   1 
ATOM   735  C CB  . LEU A 1 119 ? 0.551   -3.712  6.890   1.00 15.55 ? 314 LEU A CB  1 
ATOM   736  C CG  . LEU A 1 119 ? -0.828  -3.441  6.290   1.00 18.43 ? 314 LEU A CG  1 
ATOM   737  C CD1 . LEU A 1 119 ? -1.843  -4.381  6.916   1.00 18.97 ? 314 LEU A CD1 1 
ATOM   738  C CD2 . LEU A 1 119 ? -1.226  -1.983  6.548   1.00 16.02 ? 314 LEU A CD2 1 
ATOM   739  N N   . ARG A 1 120 ? 3.578   -3.361  7.842   1.00 15.56 ? 315 ARG A N   1 
ATOM   740  C CA  . ARG A 1 120 ? 4.481   -2.957  8.904   1.00 15.52 ? 315 ARG A CA  1 
ATOM   741  C C   . ARG A 1 120 ? 5.423   -1.860  8.396   1.00 16.20 ? 315 ARG A C   1 
ATOM   742  O O   . ARG A 1 120 ? 5.822   -0.970  9.150   1.00 16.59 ? 315 ARG A O   1 
ATOM   743  C CB  . ARG A 1 120 ? 5.274   -4.171  9.416   1.00 17.50 ? 315 ARG A CB  1 
ATOM   744  C CG  . ARG A 1 120 ? 6.069   -3.905  10.688  1.00 19.57 ? 315 ARG A CG  1 
ATOM   745  C CD  . ARG A 1 120 ? 6.247   -5.197  11.486  1.00 19.13 ? 315 ARG A CD  1 
ATOM   746  N NE  . ARG A 1 120 ? 5.027   -5.600  12.183  1.00 16.97 ? 315 ARG A NE  1 
ATOM   747  C CZ  . ARG A 1 120 ? 4.715   -5.224  13.422  1.00 16.19 ? 315 ARG A CZ  1 
ATOM   748  N NH1 . ARG A 1 120 ? 5.536   -4.436  14.102  1.00 17.43 ? 315 ARG A NH1 1 
ATOM   749  N NH2 . ARG A 1 120 ? 3.594   -5.648  13.990  1.00 19.01 ? 315 ARG A NH2 1 
ATOM   750  N N   . SER A 1 121 ? 5.756   -1.900  7.112   1.00 14.72 ? 316 SER A N   1 
ATOM   751  C CA  . SER A 1 121 ? 6.647   -0.895  6.541   1.00 15.31 ? 316 SER A CA  1 
ATOM   752  C C   . SER A 1 121 ? 6.009   0.492   6.478   1.00 15.70 ? 316 SER A C   1 
ATOM   753  O O   . SER A 1 121 ? 6.713   1.490   6.375   1.00 16.38 ? 316 SER A O   1 
ATOM   754  C CB  . SER A 1 121 ? 7.109   -1.313  5.143   1.00 17.68 ? 316 SER A CB  1 
ATOM   755  O OG  A SER A 1 121 ? 6.026   -1.382  4.234   0.50 21.25 ? 316 SER A OG  1 
ATOM   756  O OG  B SER A 1 121 ? 8.030   -2.387  5.214   0.50 11.57 ? 316 SER A OG  1 
ATOM   757  N N   . THR A 1 122 ? 4.684   0.545   6.549   1.00 13.56 ? 317 THR A N   1 
ATOM   758  C CA  . THR A 1 122 ? 3.973   1.830   6.495   1.00 15.09 ? 317 THR A CA  1 
ATOM   759  C C   . THR A 1 122 ? 4.299   2.699   7.711   1.00 14.79 ? 317 THR A C   1 
ATOM   760  O O   . THR A 1 122 ? 4.032   3.907   7.720   1.00 13.83 ? 317 THR A O   1 
ATOM   761  C CB  . THR A 1 122 ? 2.442   1.629   6.448   1.00 16.58 ? 317 THR A CB  1 
ATOM   762  O OG1 . THR A 1 122 ? 1.988   1.063   7.685   1.00 15.02 ? 317 THR A OG1 1 
ATOM   763  C CG2 . THR A 1 122 ? 2.058   0.705   5.295   1.00 15.86 ? 317 THR A CG2 1 
ATOM   764  N N   . LEU A 1 123 ? 4.894   2.091   8.733   1.00 14.00 ? 318 LEU A N   1 
ATOM   765  C CA  . LEU A 1 123 ? 5.221   2.817   9.952   1.00 14.48 ? 318 LEU A CA  1 
ATOM   766  C C   . LEU A 1 123 ? 6.423   3.743   9.850   1.00 17.19 ? 318 LEU A C   1 
ATOM   767  O O   . LEU A 1 123 ? 6.573   4.656   10.663  1.00 16.29 ? 318 LEU A O   1 
ATOM   768  C CB  . LEU A 1 123 ? 5.442   1.830   11.106  1.00 14.95 ? 318 LEU A CB  1 
ATOM   769  C CG  . LEU A 1 123 ? 4.219   1.007   11.514  1.00 13.01 ? 318 LEU A CG  1 
ATOM   770  C CD1 . LEU A 1 123 ? 4.626   -0.034  12.570  1.00 14.87 ? 318 LEU A CD1 1 
ATOM   771  C CD2 . LEU A 1 123 ? 3.139   1.929   12.073  1.00 15.54 ? 318 LEU A CD2 1 
ATOM   772  N N   . VAL A 1 124 ? 7.272   3.527   8.856   1.00 16.38 ? 319 VAL A N   1 
ATOM   773  C CA  . VAL A 1 124 ? 8.461   4.353   8.711   1.00 17.17 ? 319 VAL A CA  1 
ATOM   774  C C   . VAL A 1 124 ? 8.147   5.829   8.454   1.00 19.17 ? 319 VAL A C   1 
ATOM   775  O O   . VAL A 1 124 ? 8.628   6.705   9.178   1.00 19.09 ? 319 VAL A O   1 
ATOM   776  C CB  . VAL A 1 124 ? 9.362   3.813   7.588   1.00 18.11 ? 319 VAL A CB  1 
ATOM   777  C CG1 . VAL A 1 124 ? 10.602  4.683   7.445   1.00 19.51 ? 319 VAL A CG1 1 
ATOM   778  C CG2 . VAL A 1 124 ? 9.756   2.368   7.900   1.00 19.79 ? 319 VAL A CG2 1 
ATOM   779  N N   . THR A 1 125 ? 7.341   6.104   7.433   1.00 16.92 ? 320 THR A N   1 
ATOM   780  C CA  . THR A 1 125 ? 6.993   7.494   7.117   1.00 17.46 ? 320 THR A CA  1 
ATOM   781  C C   . THR A 1 125 ? 5.528   7.805   7.393   1.00 17.32 ? 320 THR A C   1 
ATOM   782  O O   . THR A 1 125 ? 5.144   8.978   7.538   1.00 16.89 ? 320 THR A O   1 
ATOM   783  C CB  . THR A 1 125 ? 7.258   7.820   5.637   1.00 18.97 ? 320 THR A CB  1 
ATOM   784  O OG1 . THR A 1 125 ? 6.343   7.085   4.817   1.00 16.31 ? 320 THR A OG1 1 
ATOM   785  C CG2 . THR A 1 125 ? 8.677   7.468   5.256   1.00 18.27 ? 320 THR A CG2 1 
ATOM   786  N N   . GLN A 1 126 ? 4.709   6.760   7.457   1.00 14.99 ? 321 GLN A N   1 
ATOM   787  C CA  . GLN A 1 126 ? 3.280   6.904   7.690   1.00 15.74 ? 321 GLN A CA  1 
ATOM   788  C C   . GLN A 1 126 ? 2.603   7.916   6.754   1.00 15.90 ? 321 GLN A C   1 
ATOM   789  O O   . GLN A 1 126 ? 1.719   8.679   7.161   1.00 16.67 ? 321 GLN A O   1 
ATOM   790  C CB  . GLN A 1 126 ? 3.021   7.254   9.161   1.00 16.71 ? 321 GLN A CB  1 
ATOM   791  C CG  . GLN A 1 126 ? 3.355   6.081   10.094  1.00 17.12 ? 321 GLN A CG  1 
ATOM   792  C CD  . GLN A 1 126 ? 3.022   6.345   11.546  1.00 18.99 ? 321 GLN A CD  1 
ATOM   793  O OE1 . GLN A 1 126 ? 1.955   6.867   11.868  1.00 19.06 ? 321 GLN A OE1 1 
ATOM   794  N NE2 . GLN A 1 126 ? 3.934   5.962   12.441  1.00 22.42 ? 321 GLN A NE2 1 
ATOM   795  N N   . SER A 1 127 ? 3.017   7.905   5.494   1.00 16.09 ? 322 SER A N   1 
ATOM   796  C CA  . SER A 1 127 ? 2.432   8.795   4.494   1.00 15.61 ? 322 SER A CA  1 
ATOM   797  C C   . SER A 1 127 ? 1.127   8.194   3.977   1.00 15.95 ? 322 SER A C   1 
ATOM   798  O O   . SER A 1 127 ? 0.176   8.910   3.663   1.00 16.50 ? 322 SER A O   1 
ATOM   799  C CB  . SER A 1 127 ? 3.404   8.991   3.329   1.00 17.15 ? 322 SER A CB  1 
ATOM   800  O OG  . SER A 1 127 ? 3.612   7.774   2.624   1.00 16.33 ? 322 SER A OG  1 
ATOM   801  N N   . ILE A 1 128 ? 1.070   6.866   3.906   1.00 16.43 ? 323 ILE A N   1 
ATOM   802  C CA  . ILE A 1 128 ? -0.114  6.181   3.399   1.00 14.96 ? 323 ILE A CA  1 
ATOM   803  C C   . ILE A 1 128 ? -1.356  6.263   4.284   1.00 16.37 ? 323 ILE A C   1 
ATOM   804  O O   . ILE A 1 128 ? -1.282  6.033   5.495   1.00 16.89 ? 323 ILE A O   1 
ATOM   805  C CB  . ILE A 1 128 ? 0.199   4.679   3.128   1.00 15.48 ? 323 ILE A CB  1 
ATOM   806  C CG1 . ILE A 1 128 ? 1.277   4.566   2.046   1.00 15.06 ? 323 ILE A CG1 1 
ATOM   807  C CG2 . ILE A 1 128 ? -1.068  3.946   2.721   1.00 13.58 ? 323 ILE A CG2 1 
ATOM   808  C CD1 . ILE A 1 128 ? 1.746   3.131   1.765   1.00 16.77 ? 323 ILE A CD1 1 
ATOM   809  N N   . VAL A 1 129 ? -2.499  6.587   3.672   1.00 16.06 ? 324 VAL A N   1 
ATOM   810  C CA  . VAL A 1 129 ? -3.767  6.667   4.398   1.00 17.06 ? 324 VAL A CA  1 
ATOM   811  C C   . VAL A 1 129 ? -4.742  5.595   3.927   1.00 16.64 ? 324 VAL A C   1 
ATOM   812  O O   . VAL A 1 129 ? -5.713  5.278   4.614   1.00 17.07 ? 324 VAL A O   1 
ATOM   813  C CB  . VAL A 1 129 ? -4.437  8.058   4.249   1.00 19.28 ? 324 VAL A CB  1 
ATOM   814  C CG1 . VAL A 1 129 ? -3.485  9.134   4.732   1.00 19.68 ? 324 VAL A CG1 1 
ATOM   815  C CG2 . VAL A 1 129 ? -4.852  8.292   2.806   1.00 21.14 ? 324 VAL A CG2 1 
ATOM   816  N N   . GLU A 1 130 ? -4.486  5.039   2.746   1.00 16.35 ? 325 GLU A N   1 
ATOM   817  C CA  . GLU A 1 130 ? -5.331  3.983   2.213   1.00 17.46 ? 325 GLU A CA  1 
ATOM   818  C C   . GLU A 1 130 ? -4.459  2.860   1.656   1.00 16.41 ? 325 GLU A C   1 
ATOM   819  O O   . GLU A 1 130 ? -3.673  3.074   0.739   1.00 17.62 ? 325 GLU A O   1 
ATOM   820  C CB  . GLU A 1 130 ? -6.240  4.520   1.108   1.00 20.27 ? 325 GLU A CB  1 
ATOM   821  C CG  . GLU A 1 130 ? -7.148  3.462   0.503   1.00 23.53 ? 325 GLU A CG  1 
ATOM   822  C CD  . GLU A 1 130 ? -8.132  4.051   -0.487  1.00 29.71 ? 325 GLU A CD  1 
ATOM   823  O OE1 . GLU A 1 130 ? -8.936  4.914   -0.077  1.00 31.01 ? 325 GLU A OE1 1 
ATOM   824  O OE2 . GLU A 1 130 ? -8.102  3.655   -1.672  1.00 31.01 ? 325 GLU A OE2 1 
ATOM   825  N N   . PHE A 1 131 ? -4.615  1.667   2.223   1.00 15.59 ? 326 PHE A N   1 
ATOM   826  C CA  . PHE A 1 131 ? -3.855  0.490   1.802   1.00 16.41 ? 326 PHE A CA  1 
ATOM   827  C C   . PHE A 1 131 ? -4.873  -0.604  1.488   1.00 17.10 ? 326 PHE A C   1 
ATOM   828  O O   . PHE A 1 131 ? -5.526  -1.114  2.387   1.00 19.20 ? 326 PHE A O   1 
ATOM   829  C CB  . PHE A 1 131 ? -2.914  0.052   2.938   1.00 17.63 ? 326 PHE A CB  1 
ATOM   830  C CG  . PHE A 1 131 ? -2.090  -1.166  2.618   1.00 21.24 ? 326 PHE A CG  1 
ATOM   831  C CD1 . PHE A 1 131 ? -2.621  -2.441  2.767   1.00 19.69 ? 326 PHE A CD1 1 
ATOM   832  C CD2 . PHE A 1 131 ? -0.784  -1.033  2.153   1.00 24.22 ? 326 PHE A CD2 1 
ATOM   833  C CE1 . PHE A 1 131 ? -1.861  -3.574  2.455   1.00 21.39 ? 326 PHE A CE1 1 
ATOM   834  C CE2 . PHE A 1 131 ? -0.016  -2.158  1.839   1.00 25.60 ? 326 PHE A CE2 1 
ATOM   835  C CZ  . PHE A 1 131 ? -0.561  -3.432  1.991   1.00 25.51 ? 326 PHE A CZ  1 
ATOM   836  N N   . LYS A 1 132 ? -5.027  -0.945  0.215   1.00 17.57 ? 327 LYS A N   1 
ATOM   837  C CA  . LYS A 1 132 ? -5.995  -1.963  -0.168  1.00 20.37 ? 327 LYS A CA  1 
ATOM   838  C C   . LYS A 1 132 ? -5.260  -3.173  -0.719  1.00 19.22 ? 327 LYS A C   1 
ATOM   839  O O   . LYS A 1 132 ? -4.396  -3.039  -1.579  1.00 19.59 ? 327 LYS A O   1 
ATOM   840  C CB  . LYS A 1 132 ? -6.960  -1.417  -1.226  1.00 22.79 ? 327 LYS A CB  1 
ATOM   841  C CG  A LYS A 1 132 ? -8.322  -2.128  -1.244  0.50 25.11 ? 327 LYS A CG  1 
ATOM   842  C CG  B LYS A 1 132 ? -7.597  -0.085  -0.825  0.50 22.50 ? 327 LYS A CG  1 
ATOM   843  C CD  A LYS A 1 132 ? -8.206  -3.642  -1.365  0.50 25.84 ? 327 LYS A CD  1 
ATOM   844  C CD  B LYS A 1 132 ? -8.356  0.580   -1.969  0.50 26.18 ? 327 LYS A CD  1 
ATOM   845  C CE  A LYS A 1 132 ? -9.565  -4.313  -1.315  0.50 25.99 ? 327 LYS A CE  1 
ATOM   846  C CE  B LYS A 1 132 ? -7.413  1.080   -3.048  0.50 26.34 ? 327 LYS A CE  1 
ATOM   847  N NZ  A LYS A 1 132 ? -10.318 -4.012  -0.062  0.50 26.97 ? 327 LYS A NZ  1 
ATOM   848  N NZ  B LYS A 1 132 ? -8.144  1.824   -4.116  0.50 29.21 ? 327 LYS A NZ  1 
ATOM   849  N N   . ALA A 1 133 ? -5.622  -4.353  -0.232  1.00 19.36 ? 328 ALA A N   1 
ATOM   850  C CA  . ALA A 1 133 ? -4.964  -5.575  -0.675  1.00 19.19 ? 328 ALA A CA  1 
ATOM   851  C C   . ALA A 1 133 ? -5.851  -6.804  -0.542  1.00 20.17 ? 328 ALA A C   1 
ATOM   852  O O   . ALA A 1 133 ? -5.347  -7.927  -0.459  1.00 20.40 ? 328 ALA A O   1 
ATOM   853  C CB  . ALA A 1 133 ? -3.688  -5.775  0.123   1.00 18.04 ? 328 ALA A CB  1 
ATOM   854  N N   . ASP A 1 134 ? -7.165  -6.607  -0.539  1.00 20.90 ? 329 ASP A N   1 
ATOM   855  C CA  . ASP A 1 134 ? -8.074  -7.735  -0.386  1.00 24.34 ? 329 ASP A CA  1 
ATOM   856  C C   . ASP A 1 134 ? -8.202  -8.566  -1.656  1.00 24.16 ? 329 ASP A C   1 
ATOM   857  O O   . ASP A 1 134 ? -7.752  -8.167  -2.729  1.00 23.65 ? 329 ASP A O   1 
ATOM   858  C CB  . ASP A 1 134 ? -9.464  -7.255  0.033   1.00 26.32 ? 329 ASP A CB  1 
ATOM   859  C CG  . ASP A 1 134 ? -10.143 -8.204  1.012   1.00 30.13 ? 329 ASP A CG  1 
ATOM   860  O OD1 . ASP A 1 134 ? -9.897  -9.432  0.946   1.00 30.27 ? 329 ASP A OD1 1 
ATOM   861  O OD2 . ASP A 1 134 ? -10.937 -7.718  1.846   1.00 30.71 ? 329 ASP A OD2 1 
ATOM   862  N N   . ASN A 1 135 ? -8.813  -9.736  -1.505  1.00 25.13 ? 330 ASN A N   1 
ATOM   863  C CA  . ASN A 1 135 ? -9.053  -10.651 -2.611  1.00 26.67 ? 330 ASN A CA  1 
ATOM   864  C C   . ASN A 1 135 ? -7.823  -11.222 -3.298  1.00 25.13 ? 330 ASN A C   1 
ATOM   865  O O   . ASN A 1 135 ? -7.808  -11.359 -4.524  1.00 23.67 ? 330 ASN A O   1 
ATOM   866  C CB  . ASN A 1 135 ? -9.949  -9.984  -3.656  1.00 28.32 ? 330 ASN A CB  1 
ATOM   867  C CG  . ASN A 1 135 ? -11.320 -9.652  -3.111  1.00 31.70 ? 330 ASN A CG  1 
ATOM   868  O OD1 . ASN A 1 135 ? -12.021 -10.521 -2.585  1.00 35.17 ? 330 ASN A OD1 1 
ATOM   869  N ND2 . ASN A 1 135 ? -11.714 -8.390  -3.232  1.00 35.90 ? 330 ASN A ND2 1 
ATOM   870  N N   . GLN A 1 136 ? -6.790  -11.546 -2.526  1.00 23.11 ? 331 GLN A N   1 
ATOM   871  C CA  . GLN A 1 136 ? -5.599  -12.152 -3.115  1.00 23.13 ? 331 GLN A CA  1 
ATOM   872  C C   . GLN A 1 136 ? -6.020  -13.594 -3.380  1.00 24.21 ? 331 GLN A C   1 
ATOM   873  O O   . GLN A 1 136 ? -7.044  -14.043 -2.855  1.00 23.83 ? 331 GLN A O   1 
ATOM   874  C CB  . GLN A 1 136 ? -4.419  -12.139 -2.140  1.00 22.29 ? 331 GLN A CB  1 
ATOM   875  C CG  . GLN A 1 136 ? -3.918  -10.753 -1.724  1.00 21.06 ? 331 GLN A CG  1 
ATOM   876  C CD  . GLN A 1 136 ? -3.519  -9.883  -2.903  1.00 22.40 ? 331 GLN A CD  1 
ATOM   877  O OE1 . GLN A 1 136 ? -2.848  -10.336 -3.831  1.00 19.95 ? 331 GLN A OE1 1 
ATOM   878  N NE2 . GLN A 1 136 ? -3.921  -8.617  -2.863  1.00 21.57 ? 331 GLN A NE2 1 
ATOM   879  N N   . ARG A 1 137 ? -5.252  -14.316 -4.191  1.00 24.11 ? 332 ARG A N   1 
ATOM   880  C CA  . ARG A 1 137 ? -5.583  -15.708 -4.480  1.00 25.68 ? 332 ARG A CA  1 
ATOM   881  C C   . ARG A 1 137 ? -5.609  -16.475 -3.162  1.00 26.61 ? 332 ARG A C   1 
ATOM   882  O O   . ARG A 1 137 ? -6.518  -17.263 -2.913  1.00 26.82 ? 332 ARG A O   1 
ATOM   883  C CB  . ARG A 1 137 ? -4.557  -16.315 -5.446  1.00 26.91 ? 332 ARG A CB  1 
ATOM   884  C CG  . ARG A 1 137 ? -4.769  -17.802 -5.731  1.00 31.69 ? 332 ARG A CG  1 
ATOM   885  C CD  . ARG A 1 137 ? -6.199  -18.109 -6.170  1.00 35.04 ? 332 ARG A CD  1 
ATOM   886  N NE  . ARG A 1 137 ? -6.530  -17.546 -7.478  1.00 39.09 ? 332 ARG A NE  1 
ATOM   887  C CZ  . ARG A 1 137 ? -5.996  -17.947 -8.629  1.00 39.81 ? 332 ARG A CZ  1 
ATOM   888  N NH1 . ARG A 1 137 ? -5.097  -18.923 -8.647  1.00 41.40 ? 332 ARG A NH1 1 
ATOM   889  N NH2 . ARG A 1 137 ? -6.366  -17.374 -9.768  1.00 40.19 ? 332 ARG A NH2 1 
ATOM   890  N N   . GLN A 1 138 ? -4.607  -16.229 -2.320  1.00 27.74 ? 333 GLN A N   1 
ATOM   891  C CA  . GLN A 1 138 ? -4.524  -16.852 -0.997  1.00 31.20 ? 333 GLN A CA  1 
ATOM   892  C C   . GLN A 1 138 ? -5.229  -15.897 -0.047  1.00 31.67 ? 333 GLN A C   1 
ATOM   893  O O   . GLN A 1 138 ? -4.614  -14.950 0.441   1.00 33.32 ? 333 GLN A O   1 
ATOM   894  C CB  . GLN A 1 138 ? -3.074  -16.980 -0.530  1.00 34.14 ? 333 GLN A CB  1 
ATOM   895  C CG  . GLN A 1 138 ? -2.201  -17.930 -1.305  1.00 39.23 ? 333 GLN A CG  1 
ATOM   896  C CD  . GLN A 1 138 ? -0.814  -18.030 -0.694  1.00 41.92 ? 333 GLN A CD  1 
ATOM   897  O OE1 . GLN A 1 138 ? -0.666  -18.321 0.496   1.00 43.80 ? 333 GLN A OE1 1 
ATOM   898  N NE2 . GLN A 1 138 ? 0.210   -17.785 -1.504  1.00 45.32 ? 333 GLN A NE2 1 
ATOM   899  N N   . SER A 1 139 ? -6.504  -16.140 0.226   1.00 31.46 ? 334 SER A N   1 
ATOM   900  C CA  . SER A 1 139 ? -7.265  -15.254 1.099   1.00 32.72 ? 334 SER A CA  1 
ATOM   901  C C   . SER A 1 139 ? -7.003  -15.395 2.601   1.00 30.80 ? 334 SER A C   1 
ATOM   902  O O   . SER A 1 139 ? -6.961  -14.395 3.320   1.00 33.83 ? 334 SER A O   1 
ATOM   903  C CB  . SER A 1 139 ? -8.763  -15.416 0.817   1.00 33.83 ? 334 SER A CB  1 
ATOM   904  O OG  . SER A 1 139 ? -9.164  -16.769 0.933   1.00 37.89 ? 334 SER A OG  1 
ATOM   905  N N   . VAL A 1 140 ? -6.817  -16.622 3.077   1.00 28.82 ? 335 VAL A N   1 
ATOM   906  C CA  . VAL A 1 140 ? -6.586  -16.859 4.503   1.00 26.14 ? 335 VAL A CA  1 
ATOM   907  C C   . VAL A 1 140 ? -5.240  -16.338 4.993   1.00 24.09 ? 335 VAL A C   1 
ATOM   908  O O   . VAL A 1 140 ? -4.187  -16.862 4.631   1.00 21.26 ? 335 VAL A O   1 
ATOM   909  C CB  . VAL A 1 140 ? -6.688  -18.359 4.838   1.00 27.53 ? 335 VAL A CB  1 
ATOM   910  C CG1 . VAL A 1 140 ? -6.481  -18.578 6.334   1.00 29.37 ? 335 VAL A CG1 1 
ATOM   911  C CG2 . VAL A 1 140 ? -8.051  -18.888 4.404   1.00 30.86 ? 335 VAL A CG2 1 
ATOM   912  N N   . LEU A 1 141 ? -5.285  -15.310 5.837   1.00 20.98 ? 336 LEU A N   1 
ATOM   913  C CA  . LEU A 1 141 ? -4.074  -14.703 6.373   1.00 19.54 ? 336 LEU A CA  1 
ATOM   914  C C   . LEU A 1 141 ? -3.395  -15.563 7.434   1.00 18.51 ? 336 LEU A C   1 
ATOM   915  O O   . LEU A 1 141 ? -2.169  -15.667 7.468   1.00 19.34 ? 336 LEU A O   1 
ATOM   916  C CB  . LEU A 1 141 ? -4.401  -13.341 6.988   1.00 20.75 ? 336 LEU A CB  1 
ATOM   917  C CG  . LEU A 1 141 ? -5.027  -12.297 6.063   1.00 23.32 ? 336 LEU A CG  1 
ATOM   918  C CD1 . LEU A 1 141 ? -5.467  -11.089 6.884   1.00 21.36 ? 336 LEU A CD1 1 
ATOM   919  C CD2 . LEU A 1 141 ? -4.019  -11.890 4.999   1.00 25.88 ? 336 LEU A CD2 1 
ATOM   920  N N   . GLY A 1 142 ? -4.199  -16.162 8.303   1.00 16.14 ? 337 GLY A N   1 
ATOM   921  C CA  . GLY A 1 142 ? -3.652  -16.976 9.374   1.00 16.50 ? 337 GLY A CA  1 
ATOM   922  C C   . GLY A 1 142 ? -3.478  -16.127 10.616  1.00 14.73 ? 337 GLY A C   1 
ATOM   923  O O   . GLY A 1 142 ? -3.347  -14.898 10.532  1.00 15.71 ? 337 GLY A O   1 
ATOM   924  N N   . ASN A 1 143 ? -3.443  -16.774 11.773  1.00 15.74 ? 338 ASN A N   1 
ATOM   925  C CA  . ASN A 1 143 ? -3.320  -16.060 13.032  1.00 14.54 ? 338 ASN A CA  1 
ATOM   926  C C   . ASN A 1 143 ? -2.098  -15.162 13.186  1.00 16.06 ? 338 ASN A C   1 
ATOM   927  O O   . ASN A 1 143 ? -2.224  -14.005 13.590  1.00 14.37 ? 338 ASN A O   1 
ATOM   928  C CB  . ASN A 1 143 ? -3.363  -17.046 14.202  1.00 16.78 ? 338 ASN A CB  1 
ATOM   929  C CG  . ASN A 1 143 ? -3.456  -16.348 15.539  1.00 17.34 ? 338 ASN A CG  1 
ATOM   930  O OD1 . ASN A 1 143 ? -4.402  -15.598 15.797  1.00 17.37 ? 338 ASN A OD1 1 
ATOM   931  N ND2 . ASN A 1 143 ? -2.471  -16.581 16.401  1.00 19.64 ? 338 ASN A ND2 1 
ATOM   932  N N   . GLN A 1 144 ? -0.916  -15.676 12.874  1.00 16.84 ? 339 GLN A N   1 
ATOM   933  C CA  . GLN A 1 144 ? 0.282   -14.872 13.040  1.00 18.07 ? 339 GLN A CA  1 
ATOM   934  C C   . GLN A 1 144 ? 0.257   -13.589 12.218  1.00 17.25 ? 339 GLN A C   1 
ATOM   935  O O   . GLN A 1 144 ? 0.638   -12.523 12.711  1.00 16.31 ? 339 GLN A O   1 
ATOM   936  C CB  . GLN A 1 144 ? 1.521   -15.699 12.708  1.00 21.86 ? 339 GLN A CB  1 
ATOM   937  C CG  . GLN A 1 144 ? 1.715   -16.872 13.659  1.00 29.04 ? 339 GLN A CG  1 
ATOM   938  C CD  . GLN A 1 144 ? 3.105   -17.475 13.588  1.00 32.44 ? 339 GLN A CD  1 
ATOM   939  O OE1 . GLN A 1 144 ? 3.414   -18.424 14.306  1.00 37.75 ? 339 GLN A OE1 1 
ATOM   940  N NE2 . GLN A 1 144 ? 3.951   -16.924 12.726  1.00 35.49 ? 339 GLN A NE2 1 
ATOM   941  N N   . VAL A 1 145 ? -0.205  -13.686 10.979  1.00 16.00 ? 340 VAL A N   1 
ATOM   942  C CA  . VAL A 1 145 ? -0.266  -12.516 10.118  1.00 15.66 ? 340 VAL A CA  1 
ATOM   943  C C   . VAL A 1 145 ? -1.284  -11.504 10.651  1.00 16.05 ? 340 VAL A C   1 
ATOM   944  O O   . VAL A 1 145 ? -0.999  -10.310 10.713  1.00 14.63 ? 340 VAL A O   1 
ATOM   945  C CB  . VAL A 1 145 ? -0.620  -12.905 8.670   1.00 16.67 ? 340 VAL A CB  1 
ATOM   946  C CG1 . VAL A 1 145 ? -0.991  -11.655 7.867   1.00 14.53 ? 340 VAL A CG1 1 
ATOM   947  C CG2 . VAL A 1 145 ? 0.581   -13.596 8.019   1.00 17.33 ? 340 VAL A CG2 1 
ATOM   948  N N   . GLU A 1 146 ? -2.460  -11.976 11.047  1.00 14.37 ? 341 GLU A N   1 
ATOM   949  C CA  . GLU A 1 146 ? -3.473  -11.065 11.572  1.00 14.43 ? 341 GLU A CA  1 
ATOM   950  C C   . GLU A 1 146 ? -3.001  -10.339 12.830  1.00 15.33 ? 341 GLU A C   1 
ATOM   951  O O   . GLU A 1 146 ? -3.271  -9.147  13.009  1.00 13.22 ? 341 GLU A O   1 
ATOM   952  C CB  . GLU A 1 146 ? -4.775  -11.822 11.841  1.00 15.11 ? 341 GLU A CB  1 
ATOM   953  C CG  . GLU A 1 146 ? -5.456  -12.289 10.561  1.00 15.25 ? 341 GLU A CG  1 
ATOM   954  C CD  . GLU A 1 146 ? -6.939  -12.527 10.743  1.00 14.47 ? 341 GLU A CD  1 
ATOM   955  O OE1 . GLU A 1 146 ? -7.490  -12.047 11.750  1.00 15.60 ? 341 GLU A OE1 1 
ATOM   956  O OE2 . GLU A 1 146 ? -7.555  -13.174 9.873   1.00 19.48 ? 341 GLU A OE2 1 
ATOM   957  N N   . MET A 1 147 ? -2.273  -11.041 13.698  1.00 14.93 ? 342 MET A N   1 
ATOM   958  C CA  . MET A 1 147 ? -1.769  -10.426 14.922  1.00 16.86 ? 342 MET A CA  1 
ATOM   959  C C   . MET A 1 147 ? -0.706  -9.379  14.593  1.00 16.79 ? 342 MET A C   1 
ATOM   960  O O   . MET A 1 147 ? -0.614  -8.342  15.252  1.00 16.57 ? 342 MET A O   1 
ATOM   961  C CB  . MET A 1 147 ? -1.195  -11.501 15.847  1.00 22.56 ? 342 MET A CB  1 
ATOM   962  C CG  . MET A 1 147 ? -2.200  -12.595 16.149  1.00 28.50 ? 342 MET A CG  1 
ATOM   963  S SD  . MET A 1 147 ? -3.644  -12.005 17.052  1.00 39.81 ? 342 MET A SD  1 
ATOM   964  C CE  . MET A 1 147 ? -4.206  -13.521 17.833  1.00 34.94 ? 342 MET A CE  1 
ATOM   965  N N   . ASP A 1 148 ? 0.086   -9.657  13.564  1.00 15.18 ? 343 ASP A N   1 
ATOM   966  C CA  . ASP A 1 148 ? 1.137   -8.751  13.113  1.00 14.36 ? 343 ASP A CA  1 
ATOM   967  C C   . ASP A 1 148 ? 0.456   -7.469  12.615  1.00 14.75 ? 343 ASP A C   1 
ATOM   968  O O   . ASP A 1 148 ? 0.746   -6.359  13.080  1.00 15.14 ? 343 ASP A O   1 
ATOM   969  C CB  . ASP A 1 148 ? 1.898   -9.399  11.954  1.00 13.26 ? 343 ASP A CB  1 
ATOM   970  C CG  . ASP A 1 148 ? 3.047   -8.550  11.441  1.00 15.66 ? 343 ASP A CG  1 
ATOM   971  O OD1 . ASP A 1 148 ? 2.961   -7.297  11.483  1.00 16.34 ? 343 ASP A OD1 1 
ATOM   972  O OD2 . ASP A 1 148 ? 4.044   -9.139  10.965  1.00 14.36 ? 343 ASP A OD2 1 
ATOM   973  N N   . MET A 1 149 ? -0.457  -7.652  11.669  1.00 13.70 ? 344 MET A N   1 
ATOM   974  C CA  . MET A 1 149 ? -1.189  -6.540  11.055  1.00 14.28 ? 344 MET A CA  1 
ATOM   975  C C   . MET A 1 149 ? -1.963  -5.667  12.032  1.00 14.19 ? 344 MET A C   1 
ATOM   976  O O   . MET A 1 149 ? -1.937  -4.428  11.931  1.00 14.36 ? 344 MET A O   1 
ATOM   977  C CB  . MET A 1 149 ? -2.161  -7.074  10.009  1.00 13.86 ? 344 MET A CB  1 
ATOM   978  C CG  . MET A 1 149 ? -1.501  -7.703  8.802   1.00 16.69 ? 344 MET A CG  1 
ATOM   979  S SD  . MET A 1 149 ? -2.726  -8.152  7.580   1.00 16.11 ? 344 MET A SD  1 
ATOM   980  C CE  . MET A 1 149 ? -1.689  -8.274  6.122   1.00 14.70 ? 344 MET A CE  1 
ATOM   981  N N   . MET A 1 150 ? -2.673  -6.290  12.968  1.00 14.54 ? 345 MET A N   1 
ATOM   982  C CA  . MET A 1 150 ? -3.451  -5.504  13.915  1.00 13.12 ? 345 MET A CA  1 
ATOM   983  C C   . MET A 1 150 ? -2.571  -4.628  14.788  1.00 14.03 ? 345 MET A C   1 
ATOM   984  O O   . MET A 1 150 ? -2.949  -3.505  15.119  1.00 14.30 ? 345 MET A O   1 
ATOM   985  C CB  . MET A 1 150 ? -4.342  -6.400  14.781  1.00 17.54 ? 345 MET A CB  1 
ATOM   986  C CG  . MET A 1 150 ? -3.616  -7.318  15.740  1.00 20.17 ? 345 MET A CG  1 
ATOM   987  S SD  . MET A 1 150 ? -4.818  -8.150  16.814  1.00 25.62 ? 345 MET A SD  1 
ATOM   988  C CE  . MET A 1 150 ? -3.821  -8.372  18.303  1.00 24.54 ? 345 MET A CE  1 
ATOM   989  N N   . MET A 1 151 ? -1.390  -5.119  15.157  1.00 14.42 ? 346 MET A N   1 
ATOM   990  C CA  . MET A 1 151 ? -0.499  -4.317  15.982  1.00 13.49 ? 346 MET A CA  1 
ATOM   991  C C   . MET A 1 151 ? 0.168   -3.210  15.172  1.00 14.86 ? 346 MET A C   1 
ATOM   992  O O   . MET A 1 151 ? 0.373   -2.099  15.676  1.00 14.39 ? 346 MET A O   1 
ATOM   993  C CB  . MET A 1 151 ? 0.568   -5.196  16.638  1.00 15.52 ? 346 MET A CB  1 
ATOM   994  C CG  . MET A 1 151 ? -0.017  -6.220  17.607  1.00 20.62 ? 346 MET A CG  1 
ATOM   995  S SD  . MET A 1 151 ? -1.201  -5.487  18.769  1.00 22.13 ? 346 MET A SD  1 
ATOM   996  C CE  . MET A 1 151 ? -0.105  -4.671  19.886  1.00 23.70 ? 346 MET A CE  1 
ATOM   997  N N   . ALA A 1 152 ? 0.510   -3.511  13.923  1.00 13.70 ? 347 ALA A N   1 
ATOM   998  C CA  . ALA A 1 152 ? 1.147   -2.534  13.043  1.00 15.99 ? 347 ALA A CA  1 
ATOM   999  C C   . ALA A 1 152 ? 0.183   -1.386  12.774  1.00 16.99 ? 347 ALA A C   1 
ATOM   1000 O O   . ALA A 1 152 ? 0.563   -0.214  12.822  1.00 14.79 ? 347 ALA A O   1 
ATOM   1001 C CB  . ALA A 1 152 ? 1.537   -3.183  11.727  1.00 16.18 ? 347 ALA A CB  1 
ATOM   1002 N N   . ILE A 1 153 ? -1.059  -1.741  12.479  1.00 14.97 ? 348 ILE A N   1 
ATOM   1003 C CA  . ILE A 1 153 ? -2.093  -0.749  12.194  1.00 15.34 ? 348 ILE A CA  1 
ATOM   1004 C C   . ILE A 1 153 ? -2.381  0.109   13.424  1.00 15.23 ? 348 ILE A C   1 
ATOM   1005 O O   . ILE A 1 153 ? -2.518  1.331   13.331  1.00 17.38 ? 348 ILE A O   1 
ATOM   1006 C CB  . ILE A 1 153 ? -3.385  -1.444  11.729  1.00 13.40 ? 348 ILE A CB  1 
ATOM   1007 C CG1 . ILE A 1 153 ? -3.151  -2.099  10.363  1.00 16.19 ? 348 ILE A CG1 1 
ATOM   1008 C CG2 . ILE A 1 153 ? -4.530  -0.437  11.661  1.00 16.14 ? 348 ILE A CG2 1 
ATOM   1009 C CD1 . ILE A 1 153 ? -4.280  -3.010  9.899   1.00 17.83 ? 348 ILE A CD1 1 
ATOM   1010 N N   . GLU A 1 154 ? -2.466  -0.533  14.583  1.00 15.66 ? 349 GLU A N   1 
ATOM   1011 C CA  . GLU A 1 154 ? -2.745  0.181   15.816  1.00 16.33 ? 349 GLU A CA  1 
ATOM   1012 C C   . GLU A 1 154 ? -1.677  1.233   16.102  1.00 16.25 ? 349 GLU A C   1 
ATOM   1013 O O   . GLU A 1 154 ? -1.962  2.265   16.706  1.00 16.15 ? 349 GLU A O   1 
ATOM   1014 C CB  . GLU A 1 154 ? -2.850  -0.824  16.968  1.00 20.67 ? 349 GLU A CB  1 
ATOM   1015 C CG  . GLU A 1 154 ? -3.377  -0.268  18.261  1.00 25.88 ? 349 GLU A CG  1 
ATOM   1016 C CD  . GLU A 1 154 ? -3.683  -1.364  19.264  1.00 28.59 ? 349 GLU A CD  1 
ATOM   1017 O OE1 . GLU A 1 154 ? -4.794  -1.935  19.215  1.00 26.47 ? 349 GLU A OE1 1 
ATOM   1018 O OE2 . GLU A 1 154 ? -2.797  -1.656  20.091  1.00 28.49 ? 349 GLU A OE2 1 
ATOM   1019 N N   . GLU A 1 155 ? -0.448  0.985   15.655  1.00 16.39 ? 350 GLU A N   1 
ATOM   1020 C CA  . GLU A 1 155 ? 0.641   1.928   15.878  1.00 17.13 ? 350 GLU A CA  1 
ATOM   1021 C C   . GLU A 1 155 ? 0.692   3.010   14.797  1.00 17.73 ? 350 GLU A C   1 
ATOM   1022 O O   . GLU A 1 155 ? 1.331   4.049   14.974  1.00 17.99 ? 350 GLU A O   1 
ATOM   1023 C CB  . GLU A 1 155 ? 1.980   1.185   15.908  1.00 18.21 ? 350 GLU A CB  1 
ATOM   1024 C CG  . GLU A 1 155 ? 3.111   1.989   16.493  1.00 23.84 ? 350 GLU A CG  1 
ATOM   1025 C CD  . GLU A 1 155 ? 4.429   1.244   16.467  1.00 23.17 ? 350 GLU A CD  1 
ATOM   1026 O OE1 . GLU A 1 155 ? 4.417   0.009   16.669  1.00 20.02 ? 350 GLU A OE1 1 
ATOM   1027 O OE2 . GLU A 1 155 ? 5.470   1.900   16.255  1.00 25.45 ? 350 GLU A OE2 1 
ATOM   1028 N N   . ASN A 1 156 ? 0.024   2.762   13.678  1.00 15.82 ? 351 ASN A N   1 
ATOM   1029 C CA  . ASN A 1 156 ? 0.023   3.715   12.566  1.00 14.73 ? 351 ASN A CA  1 
ATOM   1030 C C   . ASN A 1 156 ? -1.020  4.804   12.834  1.00 16.96 ? 351 ASN A C   1 
ATOM   1031 O O   . ASN A 1 156 ? -2.181  4.499   13.071  1.00 15.18 ? 351 ASN A O   1 
ATOM   1032 C CB  . ASN A 1 156 ? -0.311  2.984   11.263  1.00 14.72 ? 351 ASN A CB  1 
ATOM   1033 C CG  . ASN A 1 156 ? -0.097  3.853   10.031  1.00 14.02 ? 351 ASN A CG  1 
ATOM   1034 O OD1 . ASN A 1 156 ? -0.686  4.933   9.911   1.00 13.18 ? 351 ASN A OD1 1 
ATOM   1035 N ND2 . ASN A 1 156 ? 0.753   3.386   9.107   1.00 12.59 ? 351 ASN A ND2 1 
ATOM   1036 N N   . GLU A 1 157 ? -0.600  6.066   12.781  1.00 16.91 ? 352 GLU A N   1 
ATOM   1037 C CA  . GLU A 1 157 ? -1.512  7.184   13.041  1.00 18.30 ? 352 GLU A CA  1 
ATOM   1038 C C   . GLU A 1 157 ? -2.151  7.804   11.793  1.00 17.95 ? 352 GLU A C   1 
ATOM   1039 O O   . GLU A 1 157 ? -3.072  8.619   11.911  1.00 18.60 ? 352 GLU A O   1 
ATOM   1040 C CB  . GLU A 1 157 ? -0.779  8.280   13.822  1.00 21.59 ? 352 GLU A CB  1 
ATOM   1041 C CG  . GLU A 1 157 ? -0.344  7.872   15.220  1.00 27.08 ? 352 GLU A CG  1 
ATOM   1042 C CD  . GLU A 1 157 ? 0.415   8.974   15.947  1.00 32.23 ? 352 GLU A CD  1 
ATOM   1043 O OE1 . GLU A 1 157 ? 0.825   8.745   17.103  1.00 35.36 ? 352 GLU A OE1 1 
ATOM   1044 O OE2 . GLU A 1 157 ? 0.606   10.067  15.368  1.00 34.02 ? 352 GLU A OE2 1 
ATOM   1045 N N   . SER A 1 158 ? -1.684  7.412   10.608  1.00 15.32 ? 353 SER A N   1 
ATOM   1046 C CA  . SER A 1 158 ? -2.211  7.974   9.358   1.00 16.18 ? 353 SER A CA  1 
ATOM   1047 C C   . SER A 1 158 ? -3.259  7.140   8.620   1.00 15.65 ? 353 SER A C   1 
ATOM   1048 O O   . SER A 1 158 ? -4.137  7.692   7.960   1.00 13.85 ? 353 SER A O   1 
ATOM   1049 C CB  . SER A 1 158 ? -1.060  8.278   8.398   1.00 18.44 ? 353 SER A CB  1 
ATOM   1050 O OG  . SER A 1 158 ? -0.169  9.234   8.945   1.00 17.63 ? 353 SER A OG  1 
ATOM   1051 N N   . LEU A 1 159 ? -3.171  5.812   8.713   1.00 14.71 ? 354 LEU A N   1 
ATOM   1052 C CA  . LEU A 1 159 ? -4.125  4.946   8.029   1.00 13.71 ? 354 LEU A CA  1 
ATOM   1053 C C   . LEU A 1 159 ? -5.592  5.204   8.355   1.00 14.06 ? 354 LEU A C   1 
ATOM   1054 O O   . LEU A 1 159 ? -5.995  5.199   9.521   1.00 15.91 ? 354 LEU A O   1 
ATOM   1055 C CB  . LEU A 1 159 ? -3.817  3.469   8.328   1.00 13.79 ? 354 LEU A CB  1 
ATOM   1056 C CG  . LEU A 1 159 ? -2.515  2.944   7.729   1.00 13.72 ? 354 LEU A CG  1 
ATOM   1057 C CD1 . LEU A 1 159 ? -2.258  1.526   8.244   1.00 14.98 ? 354 LEU A CD1 1 
ATOM   1058 C CD2 . LEU A 1 159 ? -2.611  2.938   6.206   1.00 14.68 ? 354 LEU A CD2 1 
ATOM   1059 N N   . LEU A 1 160 ? -6.388  5.402   7.306   1.00 15.10 ? 355 LEU A N   1 
ATOM   1060 C CA  . LEU A 1 160 ? -7.818  5.637   7.447   1.00 14.58 ? 355 LEU A CA  1 
ATOM   1061 C C   . LEU A 1 160 ? -8.606  4.474   6.864   1.00 15.72 ? 355 LEU A C   1 
ATOM   1062 O O   . LEU A 1 160 ? -9.707  4.174   7.318   1.00 14.43 ? 355 LEU A O   1 
ATOM   1063 C CB  . LEU A 1 160 ? -8.212  6.939   6.736   1.00 15.96 ? 355 LEU A CB  1 
ATOM   1064 C CG  . LEU A 1 160 ? -7.520  8.186   7.283   1.00 15.97 ? 355 LEU A CG  1 
ATOM   1065 C CD1 . LEU A 1 160 ? -7.911  9.400   6.431   1.00 18.55 ? 355 LEU A CD1 1 
ATOM   1066 C CD2 . LEU A 1 160 ? -7.920  8.398   8.741   1.00 16.05 ? 355 LEU A CD2 1 
ATOM   1067 N N   . ARG A 1 161 ? -8.036  3.816   5.854   1.00 16.25 ? 356 ARG A N   1 
ATOM   1068 C CA  . ARG A 1 161 ? -8.700  2.686   5.213   1.00 18.21 ? 356 ARG A CA  1 
ATOM   1069 C C   . ARG A 1 161 ? -7.723  1.546   4.949   1.00 18.16 ? 356 ARG A C   1 
ATOM   1070 O O   . ARG A 1 161 ? -6.663  1.750   4.361   1.00 17.28 ? 356 ARG A O   1 
ATOM   1071 C CB  . ARG A 1 161 ? -9.344  3.124   3.892   1.00 19.74 ? 356 ARG A CB  1 
ATOM   1072 C CG  . ARG A 1 161 ? -10.583 4.008   4.069   1.00 26.01 ? 356 ARG A CG  1 
ATOM   1073 C CD  . ARG A 1 161 ? -11.114 4.518   2.730   1.00 27.83 ? 356 ARG A CD  1 
ATOM   1074 N NE  . ARG A 1 161 ? -10.239 5.526   2.133   1.00 29.51 ? 356 ARG A NE  1 
ATOM   1075 C CZ  . ARG A 1 161 ? -9.996  6.719   2.670   1.00 31.21 ? 356 ARG A CZ  1 
ATOM   1076 N NH1 . ARG A 1 161 ? -10.564 7.061   3.817   1.00 31.59 ? 356 ARG A NH1 1 
ATOM   1077 N NH2 . ARG A 1 161 ? -9.177  7.569   2.065   1.00 31.94 ? 356 ARG A NH2 1 
ATOM   1078 N N   . VAL A 1 162 ? -8.088  0.350   5.401   1.00 16.30 ? 357 VAL A N   1 
ATOM   1079 C CA  . VAL A 1 162 ? -7.253  -0.829  5.204   1.00 17.30 ? 357 VAL A CA  1 
ATOM   1080 C C   . VAL A 1 162 ? -8.128  -1.914  4.592   1.00 16.37 ? 357 VAL A C   1 
ATOM   1081 O O   . VAL A 1 162 ? -9.030  -2.451  5.243   1.00 17.63 ? 357 VAL A O   1 
ATOM   1082 C CB  . VAL A 1 162 ? -6.658  -1.323  6.539   1.00 17.09 ? 357 VAL A CB  1 
ATOM   1083 C CG1 . VAL A 1 162 ? -5.898  -2.645  6.326   1.00 18.83 ? 357 VAL A CG1 1 
ATOM   1084 C CG2 . VAL A 1 162 ? -5.714  -0.270  7.096   1.00 19.18 ? 357 VAL A CG2 1 
ATOM   1085 N N   . GLY A 1 163 ? -7.866  -2.205  3.323   1.00 15.58 ? 358 GLY A N   1 
ATOM   1086 C CA  . GLY A 1 163 ? -8.635  -3.202  2.607   1.00 17.86 ? 358 GLY A CA  1 
ATOM   1087 C C   . GLY A 1 163 ? -8.084  -4.593  2.830   1.00 16.79 ? 358 GLY A C   1 
ATOM   1088 O O   . GLY A 1 163 ? -7.407  -5.151  1.967   1.00 18.83 ? 358 GLY A O   1 
ATOM   1089 N N   . ILE A 1 164 ? -8.386  -5.135  4.003   1.00 16.79 ? 359 ILE A N   1 
ATOM   1090 C CA  . ILE A 1 164 ? -7.954  -6.473  4.403   1.00 18.25 ? 359 ILE A CA  1 
ATOM   1091 C C   . ILE A 1 164 ? -9.080  -7.092  5.210   1.00 18.53 ? 359 ILE A C   1 
ATOM   1092 O O   . ILE A 1 164 ? -9.695  -6.420  6.042   1.00 18.81 ? 359 ILE A O   1 
ATOM   1093 C CB  . ILE A 1 164 ? -6.699  -6.411  5.285   1.00 18.75 ? 359 ILE A CB  1 
ATOM   1094 C CG1 . ILE A 1 164 ? -5.515  -5.931  4.450   1.00 20.13 ? 359 ILE A CG1 1 
ATOM   1095 C CG2 . ILE A 1 164 ? -6.439  -7.780  5.930   1.00 19.29 ? 359 ILE A CG2 1 
ATOM   1096 C CD1 . ILE A 1 164 ? -4.209  -5.870  5.201   1.00 25.36 ? 359 ILE A CD1 1 
ATOM   1097 N N   . SER A 1 165 ? -9.359  -8.367  4.965   1.00 18.88 ? 360 SER A N   1 
ATOM   1098 C CA  . SER A 1 165 ? -10.416 -9.054  5.684   1.00 20.14 ? 360 SER A CA  1 
ATOM   1099 C C   . SER A 1 165 ? -9.808  -9.899  6.796   1.00 20.46 ? 360 SER A C   1 
ATOM   1100 O O   . SER A 1 165 ? -9.024  -10.806 6.529   1.00 23.00 ? 360 SER A O   1 
ATOM   1101 C CB  . SER A 1 165 ? -11.212 -9.934  4.721   1.00 21.39 ? 360 SER A CB  1 
ATOM   1102 O OG  A SER A 1 165 ? -12.283 -10.591 5.381   0.50 24.21 ? 360 SER A OG  1 
ATOM   1103 O OG  B SER A 1 165 ? -11.876 -9.147  3.751   0.50 18.96 ? 360 SER A OG  1 
ATOM   1104 N N   . PHE A 1 166 ? -10.160 -9.575  8.038   1.00 19.52 ? 361 PHE A N   1 
ATOM   1105 C CA  . PHE A 1 166 ? -9.659  -10.288 9.211   1.00 19.02 ? 361 PHE A CA  1 
ATOM   1106 C C   . PHE A 1 166 ? -10.694 -11.284 9.717   1.00 19.58 ? 361 PHE A C   1 
ATOM   1107 O O   . PHE A 1 166 ? -11.894 -11.009 9.704   1.00 21.31 ? 361 PHE A O   1 
ATOM   1108 C CB  . PHE A 1 166 ? -9.338  -9.301  10.337  1.00 18.16 ? 361 PHE A CB  1 
ATOM   1109 C CG  . PHE A 1 166 ? -8.213  -8.359  10.025  1.00 19.27 ? 361 PHE A CG  1 
ATOM   1110 C CD1 . PHE A 1 166 ? -6.892  -8.722  10.272  1.00 18.87 ? 361 PHE A CD1 1 
ATOM   1111 C CD2 . PHE A 1 166 ? -8.470  -7.102  9.475   1.00 19.61 ? 361 PHE A CD2 1 
ATOM   1112 C CE1 . PHE A 1 166 ? -5.843  -7.853  9.981   1.00 19.87 ? 361 PHE A CE1 1 
ATOM   1113 C CE2 . PHE A 1 166 ? -7.428  -6.226  9.180   1.00 18.69 ? 361 PHE A CE2 1 
ATOM   1114 C CZ  . PHE A 1 166 ? -6.113  -6.597  9.432   1.00 17.14 ? 361 PHE A CZ  1 
ATOM   1115 N N   . ALA A 1 167 ? -10.226 -12.447 10.162  1.00 18.97 ? 362 ALA A N   1 
ATOM   1116 C CA  . ALA A 1 167 ? -11.123 -13.464 10.696  1.00 16.54 ? 362 ALA A CA  1 
ATOM   1117 C C   . ALA A 1 167 ? -11.148 -13.319 12.216  1.00 18.53 ? 362 ALA A C   1 
ATOM   1118 O O   . ALA A 1 167 ? -12.124 -13.671 12.875  1.00 17.13 ? 362 ALA A O   1 
ATOM   1119 C CB  . ALA A 1 167 ? -10.632 -14.868 10.297  1.00 17.02 ? 362 ALA A CB  1 
ATOM   1120 N N   . SER A 1 168 ? -10.061 -12.783 12.763  1.00 17.70 ? 363 SER A N   1 
ATOM   1121 C CA  . SER A 1 168 ? -9.931  -12.584 14.198  1.00 17.55 ? 363 SER A CA  1 
ATOM   1122 C C   . SER A 1 168 ? -10.793 -11.437 14.717  1.00 17.99 ? 363 SER A C   1 
ATOM   1123 O O   . SER A 1 168 ? -10.691 -10.316 14.222  1.00 18.30 ? 363 SER A O   1 
ATOM   1124 C CB  . SER A 1 168 ? -8.471  -12.298 14.554  1.00 15.83 ? 363 SER A CB  1 
ATOM   1125 O OG  . SER A 1 168 ? -8.357  -11.848 15.894  1.00 19.55 ? 363 SER A OG  1 
ATOM   1126 N N   . MET A 1 169 ? -11.625 -11.730 15.717  1.00 18.77 ? 364 MET A N   1 
ATOM   1127 C CA  . MET A 1 169 ? -12.487 -10.724 16.350  1.00 21.38 ? 364 MET A CA  1 
ATOM   1128 C C   . MET A 1 169 ? -11.646 -9.591  16.922  1.00 20.42 ? 364 MET A C   1 
ATOM   1129 O O   . MET A 1 169 ? -11.952 -8.403  16.731  1.00 19.12 ? 364 MET A O   1 
ATOM   1130 C CB  . MET A 1 169 ? -13.278 -11.353 17.498  1.00 25.23 ? 364 MET A CB  1 
ATOM   1131 C CG  . MET A 1 169 ? -14.371 -12.281 17.060  1.00 32.24 ? 364 MET A CG  1 
ATOM   1132 S SD  . MET A 1 169 ? -15.525 -11.377 16.045  1.00 39.86 ? 364 MET A SD  1 
ATOM   1133 C CE  . MET A 1 169 ? -16.336 -10.366 17.302  1.00 37.63 ? 364 MET A CE  1 
ATOM   1134 N N   . GLU A 1 170 ? -10.593 -9.967  17.643  1.00 20.72 ? 365 GLU A N   1 
ATOM   1135 C CA  . GLU A 1 170 ? -9.699  -9.000  18.258  1.00 20.76 ? 365 GLU A CA  1 
ATOM   1136 C C   . GLU A 1 170 ? -9.030  -8.107  17.219  1.00 19.43 ? 365 GLU A C   1 
ATOM   1137 O O   . GLU A 1 170 ? -8.899  -6.898  17.427  1.00 20.42 ? 365 GLU A O   1 
ATOM   1138 C CB  . GLU A 1 170 ? -8.619  -9.707  19.078  1.00 23.93 ? 365 GLU A CB  1 
ATOM   1139 C CG  . GLU A 1 170 ? -7.803  -8.766  19.952  1.00 25.14 ? 365 GLU A CG  1 
ATOM   1140 C CD  . GLU A 1 170 ? -6.643  -9.460  20.639  1.00 28.65 ? 365 GLU A CD  1 
ATOM   1141 O OE1 . GLU A 1 170 ? -6.763  -10.673 20.918  1.00 28.77 ? 365 GLU A OE1 1 
ATOM   1142 O OE2 . GLU A 1 170 ? -5.620  -8.793  20.909  1.00 28.07 ? 365 GLU A OE2 1 
ATOM   1143 N N   . ALA A 1 171 ? -8.590  -8.696  16.110  1.00 15.85 ? 366 ALA A N   1 
ATOM   1144 C CA  . ALA A 1 171 ? -7.945  -7.907  15.068  1.00 15.62 ? 366 ALA A CA  1 
ATOM   1145 C C   . ALA A 1 171 ? -8.969  -6.938  14.478  1.00 17.16 ? 366 ALA A C   1 
ATOM   1146 O O   . ALA A 1 171 ? -8.705  -5.738  14.369  1.00 15.57 ? 366 ALA A O   1 
ATOM   1147 C CB  . ALA A 1 171 ? -7.386  -8.817  13.970  1.00 15.20 ? 366 ALA A CB  1 
ATOM   1148 N N   . ARG A 1 172 ? -10.135 -7.461  14.109  1.00 17.21 ? 367 ARG A N   1 
ATOM   1149 C CA  . ARG A 1 172 ? -11.190 -6.629  13.527  1.00 21.40 ? 367 ARG A CA  1 
ATOM   1150 C C   . ARG A 1 172 ? -11.499 -5.429  14.425  1.00 21.31 ? 367 ARG A C   1 
ATOM   1151 O O   . ARG A 1 172 ? -11.556 -4.286  13.958  1.00 20.59 ? 367 ARG A O   1 
ATOM   1152 C CB  . ARG A 1 172 ? -12.455 -7.463  13.310  1.00 23.89 ? 367 ARG A CB  1 
ATOM   1153 C CG  . ARG A 1 172 ? -12.258 -8.628  12.349  1.00 31.12 ? 367 ARG A CG  1 
ATOM   1154 C CD  . ARG A 1 172 ? -13.542 -9.417  12.133  1.00 37.65 ? 367 ARG A CD  1 
ATOM   1155 N NE  . ARG A 1 172 ? -14.592 -8.590  11.552  1.00 41.68 ? 367 ARG A NE  1 
ATOM   1156 C CZ  . ARG A 1 172 ? -15.756 -9.056  11.120  1.00 44.31 ? 367 ARG A CZ  1 
ATOM   1157 N NH1 . ARG A 1 172 ? -16.024 -10.356 11.201  1.00 46.15 ? 367 ARG A NH1 1 
ATOM   1158 N NH2 . ARG A 1 172 ? -16.656 -8.225  10.612  1.00 45.84 ? 367 ARG A NH2 1 
ATOM   1159 N N   . HIS A 1 173 ? -11.685 -5.695  15.717  1.00 22.77 ? 368 HIS A N   1 
ATOM   1160 C CA  . HIS A 1 173 ? -11.984 -4.653  16.694  1.00 25.18 ? 368 HIS A CA  1 
ATOM   1161 C C   . HIS A 1 173 ? -10.853 -3.640  16.857  1.00 23.87 ? 368 HIS A C   1 
ATOM   1162 O O   . HIS A 1 173 ? -11.082 -2.428  16.795  1.00 23.59 ? 368 HIS A O   1 
ATOM   1163 C CB  . HIS A 1 173 ? -12.297 -5.284  18.056  1.00 29.46 ? 368 HIS A CB  1 
ATOM   1164 C CG  . HIS A 1 173 ? -12.457 -4.288  19.163  1.00 35.15 ? 368 HIS A CG  1 
ATOM   1165 N ND1 . HIS A 1 173 ? -13.506 -3.393  19.218  1.00 38.27 ? 368 HIS A ND1 1 
ATOM   1166 C CD2 . HIS A 1 173 ? -11.698 -4.043  20.258  1.00 37.44 ? 368 HIS A CD2 1 
ATOM   1167 C CE1 . HIS A 1 173 ? -13.385 -2.642  20.297  1.00 38.36 ? 368 HIS A CE1 1 
ATOM   1168 N NE2 . HIS A 1 173 ? -12.295 -3.015  20.946  1.00 39.15 ? 368 HIS A NE2 1 
ATOM   1169 N N   . ARG A 1 174 ? -9.633  -4.123  17.068  1.00 22.24 ? 369 ARG A N   1 
ATOM   1170 C CA  . ARG A 1 174 ? -8.508  -3.217  17.250  1.00 22.55 ? 369 ARG A CA  1 
ATOM   1171 C C   . ARG A 1 174 ? -8.212  -2.401  15.993  1.00 20.26 ? 369 ARG A C   1 
ATOM   1172 O O   . ARG A 1 174 ? -7.839  -1.229  16.074  1.00 20.28 ? 369 ARG A O   1 
ATOM   1173 C CB  . ARG A 1 174 ? -7.276  -3.998  17.712  1.00 26.04 ? 369 ARG A CB  1 
ATOM   1174 C CG  . ARG A 1 174 ? -7.516  -4.695  19.046  1.00 29.22 ? 369 ARG A CG  1 
ATOM   1175 C CD  . ARG A 1 174 ? -6.309  -5.461  19.556  1.00 32.81 ? 369 ARG A CD  1 
ATOM   1176 N NE  . ARG A 1 174 ? -5.247  -4.588  20.037  1.00 32.71 ? 369 ARG A NE  1 
ATOM   1177 C CZ  . ARG A 1 174 ? -4.292  -4.979  20.873  1.00 33.75 ? 369 ARG A CZ  1 
ATOM   1178 N NH1 . ARG A 1 174 ? -4.274  -6.229  21.319  1.00 33.98 ? 369 ARG A NH1 1 
ATOM   1179 N NH2 . ARG A 1 174 ? -3.354  -4.127  21.259  1.00 34.86 ? 369 ARG A NH2 1 
ATOM   1180 N N   . VAL A 1 175 ? -8.394  -3.011  14.827  1.00 18.70 ? 370 VAL A N   1 
ATOM   1181 C CA  . VAL A 1 175 ? -8.156  -2.307  13.576  1.00 16.96 ? 370 VAL A CA  1 
ATOM   1182 C C   . VAL A 1 175 ? -9.222  -1.225  13.390  1.00 17.36 ? 370 VAL A C   1 
ATOM   1183 O O   . VAL A 1 175 ? -8.893  -0.068  13.121  1.00 15.56 ? 370 VAL A O   1 
ATOM   1184 C CB  . VAL A 1 175 ? -8.162  -3.285  12.387  1.00 17.13 ? 370 VAL A CB  1 
ATOM   1185 C CG1 . VAL A 1 175 ? -8.245  -2.529  11.068  1.00 17.15 ? 370 VAL A CG1 1 
ATOM   1186 C CG2 . VAL A 1 175 ? -6.872  -4.106  12.414  1.00 15.47 ? 370 VAL A CG2 1 
ATOM   1187 N N   . SER A 1 176 ? -10.486 -1.594  13.551  1.00 18.79 ? 371 SER A N   1 
ATOM   1188 C CA  . SER A 1 176 ? -11.575 -0.627  13.412  1.00 20.01 ? 371 SER A CA  1 
ATOM   1189 C C   . SER A 1 176 ? -11.370 0.555   14.362  1.00 20.19 ? 371 SER A C   1 
ATOM   1190 O O   . SER A 1 176 ? -11.502 1.716   13.962  1.00 20.09 ? 371 SER A O   1 
ATOM   1191 C CB  . SER A 1 176 ? -12.919 -1.296  13.696  1.00 24.11 ? 371 SER A CB  1 
ATOM   1192 O OG  . SER A 1 176 ? -12.980 -1.767  15.030  1.00 29.79 ? 371 SER A OG  1 
ATOM   1193 N N   . GLU A 1 177 ? -11.042 0.270   15.619  1.00 19.90 ? 372 GLU A N   1 
ATOM   1194 C CA  . GLU A 1 177 ? -10.817 1.332   16.596  1.00 21.43 ? 372 GLU A CA  1 
ATOM   1195 C C   . GLU A 1 177 ? -9.674  2.257   16.194  1.00 20.10 ? 372 GLU A C   1 
ATOM   1196 O O   . GLU A 1 177 ? -9.777  3.483   16.319  1.00 18.53 ? 372 GLU A O   1 
ATOM   1197 C CB  . GLU A 1 177 ? -10.525 0.736   17.973  1.00 23.27 ? 372 GLU A CB  1 
ATOM   1198 C CG  . GLU A 1 177 ? -11.740 0.118   18.623  1.00 30.91 ? 372 GLU A CG  1 
ATOM   1199 C CD  . GLU A 1 177 ? -12.823 1.142   18.873  1.00 34.70 ? 372 GLU A CD  1 
ATOM   1200 O OE1 . GLU A 1 177 ? -12.553 2.112   19.612  1.00 38.17 ? 372 GLU A OE1 1 
ATOM   1201 O OE2 . GLU A 1 177 ? -13.937 0.984   18.329  1.00 39.40 ? 372 GLU A OE2 1 
ATOM   1202 N N   . ALA A 1 178 ? -8.582  1.674   15.715  1.00 19.52 ? 373 ALA A N   1 
ATOM   1203 C CA  . ALA A 1 178 ? -7.429  2.455   15.300  1.00 17.66 ? 373 ALA A CA  1 
ATOM   1204 C C   . ALA A 1 178 ? -7.765  3.349   14.107  1.00 16.56 ? 373 ALA A C   1 
ATOM   1205 O O   . ALA A 1 178 ? -7.373  4.518   14.071  1.00 17.11 ? 373 ALA A O   1 
ATOM   1206 C CB  . ALA A 1 178 ? -6.272  1.529   14.938  1.00 18.09 ? 373 ALA A CB  1 
ATOM   1207 N N   . LEU A 1 179 ? -8.477  2.800   13.129  1.00 15.81 ? 374 LEU A N   1 
ATOM   1208 C CA  . LEU A 1 179 ? -8.824  3.581   11.943  1.00 17.01 ? 374 LEU A CA  1 
ATOM   1209 C C   . LEU A 1 179 ? -9.758  4.729   12.314  1.00 17.94 ? 374 LEU A C   1 
ATOM   1210 O O   . LEU A 1 179 ? -9.620  5.846   11.799  1.00 16.66 ? 374 LEU A O   1 
ATOM   1211 C CB  . LEU A 1 179 ? -9.468  2.690   10.881  1.00 16.40 ? 374 LEU A CB  1 
ATOM   1212 C CG  . LEU A 1 179 ? -8.541  1.594   10.330  1.00 16.45 ? 374 LEU A CG  1 
ATOM   1213 C CD1 . LEU A 1 179 ? -9.220  0.883   9.174   1.00 18.96 ? 374 LEU A CD1 1 
ATOM   1214 C CD2 . LEU A 1 179 ? -7.223  2.207   9.871   1.00 16.44 ? 374 LEU A CD2 1 
ATOM   1215 N N   . GLU A 1 180 ? -10.701 4.456   13.208  1.00 17.83 ? 375 GLU A N   1 
ATOM   1216 C CA  . GLU A 1 180 ? -11.631 5.497   13.652  1.00 21.41 ? 375 GLU A CA  1 
ATOM   1217 C C   . GLU A 1 180 ? -10.868 6.570   14.423  1.00 20.39 ? 375 GLU A C   1 
ATOM   1218 O O   . GLU A 1 180 ? -11.127 7.765   14.268  1.00 20.84 ? 375 GLU A O   1 
ATOM   1219 C CB  . GLU A 1 180 ? -12.729 4.896   14.528  1.00 24.84 ? 375 GLU A CB  1 
ATOM   1220 C CG  . GLU A 1 180 ? -13.875 4.302   13.735  1.00 32.89 ? 375 GLU A CG  1 
ATOM   1221 C CD  . GLU A 1 180 ? -14.534 5.329   12.827  1.00 37.06 ? 375 GLU A CD  1 
ATOM   1222 O OE1 . GLU A 1 180 ? -14.981 6.374   13.343  1.00 39.67 ? 375 GLU A OE1 1 
ATOM   1223 O OE2 . GLU A 1 180 ? -14.602 5.092   11.601  1.00 40.34 ? 375 GLU A OE2 1 
ATOM   1224 N N   . ARG A 1 181 ? -9.931  6.139   15.261  1.00 18.80 ? 376 ARG A N   1 
ATOM   1225 C CA  . ARG A 1 181 ? -9.103  7.054   16.036  1.00 18.91 ? 376 ARG A CA  1 
ATOM   1226 C C   . ARG A 1 181 ? -8.350  7.975   15.071  1.00 18.11 ? 376 ARG A C   1 
ATOM   1227 O O   . ARG A 1 181 ? -8.272  9.193   15.280  1.00 16.84 ? 376 ARG A O   1 
ATOM   1228 C CB  . ARG A 1 181 ? -8.102  6.249   16.879  1.00 19.75 ? 376 ARG A CB  1 
ATOM   1229 C CG  . ARG A 1 181 ? -6.999  7.047   17.551  1.00 21.44 ? 376 ARG A CG  1 
ATOM   1230 C CD  . ARG A 1 181 ? -5.825  6.117   17.900  1.00 22.62 ? 376 ARG A CD  1 
ATOM   1231 N NE  . ARG A 1 181 ? -5.108  5.700   16.696  1.00 24.44 ? 376 ARG A NE  1 
ATOM   1232 C CZ  . ARG A 1 181 ? -4.278  4.662   16.624  1.00 24.17 ? 376 ARG A CZ  1 
ATOM   1233 N NH1 . ARG A 1 181 ? -4.048  3.904   17.693  1.00 24.31 ? 376 ARG A NH1 1 
ATOM   1234 N NH2 . ARG A 1 181 ? -3.666  4.393   15.481  1.00 22.74 ? 376 ARG A NH2 1 
ATOM   1235 N N   . ASN A 1 182 ? -7.792  7.390   14.011  1.00 16.22 ? 377 ASN A N   1 
ATOM   1236 C CA  . ASN A 1 182 ? -7.050  8.174   13.028  1.00 17.52 ? 377 ASN A CA  1 
ATOM   1237 C C   . ASN A 1 182 ? -7.968  9.132   12.267  1.00 18.09 ? 377 ASN A C   1 
ATOM   1238 O O   . ASN A 1 182 ? -7.578  10.258  11.960  1.00 17.89 ? 377 ASN A O   1 
ATOM   1239 C CB  . ASN A 1 182 ? -6.328  7.250   12.040  1.00 17.66 ? 377 ASN A CB  1 
ATOM   1240 C CG  . ASN A 1 182 ? -5.226  6.439   12.707  1.00 17.39 ? 377 ASN A CG  1 
ATOM   1241 O OD1 . ASN A 1 182 ? -4.841  6.720   13.840  1.00 15.05 ? 377 ASN A OD1 1 
ATOM   1242 N ND2 . ASN A 1 182 ? -4.699  5.442   11.996  1.00 16.61 ? 377 ASN A ND2 1 
ATOM   1243 N N   . TYR A 1 183 ? -9.181  8.689   11.969  1.00 17.25 ? 378 TYR A N   1 
ATOM   1244 C CA  . TYR A 1 183 ? -10.121 9.544   11.256  1.00 19.42 ? 378 TYR A CA  1 
ATOM   1245 C C   . TYR A 1 183 ? -10.457 10.751  12.132  1.00 19.55 ? 378 TYR A C   1 
ATOM   1246 O O   . TYR A 1 183 ? -10.556 11.878  11.641  1.00 18.66 ? 378 TYR A O   1 
ATOM   1247 C CB  . TYR A 1 183 ? -11.387 8.763   10.909  1.00 19.78 ? 378 TYR A CB  1 
ATOM   1248 C CG  . TYR A 1 183 ? -12.448 9.584   10.211  1.00 23.97 ? 378 TYR A CG  1 
ATOM   1249 C CD1 . TYR A 1 183 ? -13.375 10.330  10.939  1.00 27.61 ? 378 TYR A CD1 1 
ATOM   1250 C CD2 . TYR A 1 183 ? -12.521 9.619   8.819   1.00 26.97 ? 378 TYR A CD2 1 
ATOM   1251 C CE1 . TYR A 1 183 ? -14.355 11.088  10.295  1.00 28.77 ? 378 TYR A CE1 1 
ATOM   1252 C CE2 . TYR A 1 183 ? -13.495 10.374  8.165   1.00 28.75 ? 378 TYR A CE2 1 
ATOM   1253 C CZ  . TYR A 1 183 ? -14.406 11.104  8.908   1.00 30.11 ? 378 TYR A CZ  1 
ATOM   1254 O OH  . TYR A 1 183 ? -15.375 11.843  8.264   1.00 32.56 ? 378 TYR A OH  1 
ATOM   1255 N N   . GLU A 1 184 ? -10.625 10.514  13.431  1.00 20.47 ? 379 GLU A N   1 
ATOM   1256 C CA  . GLU A 1 184 ? -10.938 11.601  14.360  1.00 21.08 ? 379 GLU A CA  1 
ATOM   1257 C C   . GLU A 1 184 ? -9.775  12.577  14.483  1.00 21.12 ? 379 GLU A C   1 
ATOM   1258 O O   . GLU A 1 184 ? -9.974  13.783  14.651  1.00 19.00 ? 379 GLU A O   1 
ATOM   1259 C CB  . GLU A 1 184 ? -11.297 11.041  15.735  1.00 22.87 ? 379 GLU A CB  1 
ATOM   1260 C CG  . GLU A 1 184 ? -12.686 10.447  15.787  1.00 28.10 ? 379 GLU A CG  1 
ATOM   1261 C CD  . GLU A 1 184 ? -13.736 11.456  15.365  1.00 29.57 ? 379 GLU A CD  1 
ATOM   1262 O OE1 . GLU A 1 184 ? -13.738 12.564  15.941  1.00 27.56 ? 379 GLU A OE1 1 
ATOM   1263 O OE2 . GLU A 1 184 ? -14.545 11.147  14.463  1.00 31.97 ? 379 GLU A OE2 1 
ATOM   1264 N N   . ARG A 1 185 ? -8.556  12.054  14.396  1.00 21.09 ? 380 ARG A N   1 
ATOM   1265 C CA  . ARG A 1 185 ? -7.362  12.882  14.479  1.00 23.78 ? 380 ARG A CA  1 
ATOM   1266 C C   . ARG A 1 185 ? -7.358  13.869  13.308  1.00 23.12 ? 380 ARG A C   1 
ATOM   1267 O O   . ARG A 1 185 ? -7.046  15.054  13.478  1.00 23.10 ? 380 ARG A O   1 
ATOM   1268 C CB  . ARG A 1 185 ? -6.117  11.987  14.444  1.00 28.13 ? 380 ARG A CB  1 
ATOM   1269 C CG  . ARG A 1 185 ? -4.790  12.716  14.517  1.00 34.61 ? 380 ARG A CG  1 
ATOM   1270 C CD  . ARG A 1 185 ? -3.716  11.808  15.116  1.00 38.86 ? 380 ARG A CD  1 
ATOM   1271 N NE  . ARG A 1 185 ? -2.383  12.124  14.617  1.00 43.53 ? 380 ARG A NE  1 
ATOM   1272 C CZ  . ARG A 1 185 ? -2.004  11.929  13.358  1.00 45.41 ? 380 ARG A CZ  1 
ATOM   1273 N NH1 . ARG A 1 185 ? -2.863  11.420  12.486  1.00 47.64 ? 380 ARG A NH1 1 
ATOM   1274 N NH2 . ARG A 1 185 ? -0.770  12.231  12.968  1.00 44.78 ? 380 ARG A NH2 1 
ATOM   1275 N N   . VAL A 1 186 ? -7.722  13.376  12.126  1.00 21.59 ? 381 VAL A N   1 
ATOM   1276 C CA  . VAL A 1 186 ? -7.782  14.200  10.922  1.00 21.35 ? 381 VAL A CA  1 
ATOM   1277 C C   . VAL A 1 186 ? -8.906  15.233  11.026  1.00 21.10 ? 381 VAL A C   1 
ATOM   1278 O O   . VAL A 1 186 ? -8.714  16.407  10.699  1.00 19.95 ? 381 VAL A O   1 
ATOM   1279 C CB  . VAL A 1 186 ? -8.031  13.337  9.658   1.00 23.76 ? 381 VAL A CB  1 
ATOM   1280 C CG1 . VAL A 1 186 ? -8.343  14.229  8.456   1.00 25.34 ? 381 VAL A CG1 1 
ATOM   1281 C CG2 . VAL A 1 186 ? -6.804  12.475  9.370   1.00 23.98 ? 381 VAL A CG2 1 
ATOM   1282 N N   . ARG A 1 187 ? -10.074 14.783  11.475  1.00 19.08 ? 382 ARG A N   1 
ATOM   1283 C CA  . ARG A 1 187 ? -11.237 15.656  11.616  1.00 18.35 ? 382 ARG A CA  1 
ATOM   1284 C C   . ARG A 1 187 ? -10.917 16.834  12.530  1.00 19.43 ? 382 ARG A C   1 
ATOM   1285 O O   . ARG A 1 187 ? -11.178 17.990  12.187  1.00 19.54 ? 382 ARG A O   1 
ATOM   1286 C CB  . ARG A 1 187 ? -12.425 14.865  12.174  1.00 17.86 ? 382 ARG A CB  1 
ATOM   1287 C CG  . ARG A 1 187 ? -13.751 15.622  12.154  1.00 20.13 ? 382 ARG A CG  1 
ATOM   1288 C CD  . ARG A 1 187 ? -14.898 14.780  12.698  1.00 22.89 ? 382 ARG A CD  1 
ATOM   1289 N NE  . ARG A 1 187 ? -14.773 14.534  14.133  1.00 24.34 ? 382 ARG A NE  1 
ATOM   1290 C CZ  . ARG A 1 187 ? -15.113 15.406  15.076  1.00 24.77 ? 382 ARG A CZ  1 
ATOM   1291 N NH1 . ARG A 1 187 ? -15.609 16.589  14.739  1.00 27.50 ? 382 ARG A NH1 1 
ATOM   1292 N NH2 . ARG A 1 187 ? -14.948 15.098  16.358  1.00 25.74 ? 382 ARG A NH2 1 
ATOM   1293 N N   . LEU A 1 188 ? -10.335 16.544  13.689  1.00 18.17 ? 383 LEU A N   1 
ATOM   1294 C CA  . LEU A 1 188 ? -9.990  17.599  14.633  1.00 20.68 ? 383 LEU A CA  1 
ATOM   1295 C C   . LEU A 1 188 ? -8.920  18.532  14.080  1.00 21.80 ? 383 LEU A C   1 
ATOM   1296 O O   . LEU A 1 188 ? -8.965  19.746  14.314  1.00 22.09 ? 383 LEU A O   1 
ATOM   1297 C CB  . LEU A 1 188 ? -9.529  16.995  15.968  1.00 20.06 ? 383 LEU A CB  1 
ATOM   1298 C CG  . LEU A 1 188 ? -10.612 16.256  16.762  1.00 22.94 ? 383 LEU A CG  1 
ATOM   1299 C CD1 . LEU A 1 188 ? -10.045 15.790  18.101  1.00 25.30 ? 383 LEU A CD1 1 
ATOM   1300 C CD2 . LEU A 1 188 ? -11.809 17.178  16.990  1.00 23.58 ? 383 LEU A CD2 1 
ATOM   1301 N N   . ARG A 1 189 ? -7.953  17.984  13.348  1.00 23.36 ? 384 ARG A N   1 
ATOM   1302 C CA  . ARG A 1 189 ? -6.903  18.826  12.792  1.00 25.91 ? 384 ARG A CA  1 
ATOM   1303 C C   . ARG A 1 189 ? -7.514  19.762  11.754  1.00 26.80 ? 384 ARG A C   1 
ATOM   1304 O O   . ARG A 1 189 ? -7.107  20.914  11.636  1.00 26.10 ? 384 ARG A O   1 
ATOM   1305 C CB  . ARG A 1 189 ? -5.797  17.977  12.160  1.00 27.99 ? 384 ARG A CB  1 
ATOM   1306 C CG  . ARG A 1 189 ? -4.517  18.756  11.884  1.00 32.72 ? 384 ARG A CG  1 
ATOM   1307 C CD  . ARG A 1 189 ? -3.338  17.823  11.621  1.00 35.14 ? 384 ARG A CD  1 
ATOM   1308 N NE  . ARG A 1 189 ? -3.454  17.125  10.345  1.00 37.35 ? 384 ARG A NE  1 
ATOM   1309 C CZ  . ARG A 1 189 ? -3.402  17.726  9.160   1.00 40.01 ? 384 ARG A CZ  1 
ATOM   1310 N NH1 . ARG A 1 189 ? -3.238  19.043  9.090   1.00 40.13 ? 384 ARG A NH1 1 
ATOM   1311 N NH2 . ARG A 1 189 ? -3.502  17.012  8.044   1.00 39.46 ? 384 ARG A NH2 1 
ATOM   1312 N N   . ARG A 1 190 ? -8.499  19.262  11.010  1.00 27.98 ? 385 ARG A N   1 
ATOM   1313 C CA  . ARG A 1 190 ? -9.182  20.067  9.996   1.00 29.89 ? 385 ARG A CA  1 
ATOM   1314 C C   . ARG A 1 190 ? -9.929  21.221  10.664  1.00 29.25 ? 385 ARG A C   1 
ATOM   1315 O O   . ARG A 1 190 ? -10.078 22.298  10.082  1.00 28.53 ? 385 ARG A O   1 
ATOM   1316 C CB  . ARG A 1 190 ? -10.204 19.224  9.230   1.00 34.54 ? 385 ARG A CB  1 
ATOM   1317 C CG  . ARG A 1 190 ? -9.644  18.124  8.352   1.00 40.73 ? 385 ARG A CG  1 
ATOM   1318 C CD  . ARG A 1 190 ? -10.790 17.233  7.890   1.00 46.03 ? 385 ARG A CD  1 
ATOM   1319 N NE  . ARG A 1 190 ? -10.371 16.165  6.986   1.00 50.63 ? 385 ARG A NE  1 
ATOM   1320 C CZ  . ARG A 1 190 ? -11.124 15.111  6.686   1.00 52.09 ? 385 ARG A CZ  1 
ATOM   1321 N NH1 . ARG A 1 190 ? -12.332 14.982  7.222   1.00 53.20 ? 385 ARG A NH1 1 
ATOM   1322 N NH2 . ARG A 1 190 ? -10.676 14.188  5.843   1.00 53.17 ? 385 ARG A NH2 1 
ATOM   1323 N N   . LEU A 1 191 ? -10.412 20.981  11.881  1.00 26.49 ? 386 LEU A N   1 
ATOM   1324 C CA  . LEU A 1 191 ? -11.158 21.995  12.619  1.00 27.75 ? 386 LEU A CA  1 
ATOM   1325 C C   . LEU A 1 191 ? -10.247 22.944  13.391  1.00 29.24 ? 386 LEU A C   1 
ATOM   1326 O O   . LEU A 1 191 ? -10.726 23.862  14.057  1.00 27.90 ? 386 LEU A O   1 
ATOM   1327 C CB  . LEU A 1 191 ? -12.135 21.329  13.592  1.00 27.38 ? 386 LEU A CB  1 
ATOM   1328 C CG  . LEU A 1 191 ? -13.205 20.397  13.011  1.00 26.66 ? 386 LEU A CG  1 
ATOM   1329 C CD1 . LEU A 1 191 ? -14.063 19.855  14.144  1.00 26.77 ? 386 LEU A CD1 1 
ATOM   1330 C CD2 . LEU A 1 191 ? -14.069 21.143  12.003  1.00 28.60 ? 386 LEU A CD2 1 
ATOM   1331 N N   . GLY A 1 192 ? -8.938  22.724  13.298  1.00 30.13 ? 387 GLY A N   1 
ATOM   1332 C CA  . GLY A 1 192 ? -7.994  23.565  14.010  1.00 34.44 ? 387 GLY A CA  1 
ATOM   1333 C C   . GLY A 1 192 ? -7.828  23.079  15.437  1.00 38.29 ? 387 GLY A C   1 
ATOM   1334 O O   . GLY A 1 192 ? -7.417  23.836  16.320  1.00 38.44 ? 387 GLY A O   1 
ATOM   1335 N N   . LYS A 1 193 ? -8.153  21.803  15.642  1.00 40.12 ? 388 LYS A N   1 
ATOM   1336 C CA  . LYS A 1 193 ? -8.082  21.122  16.937  1.00 43.75 ? 388 LYS A CA  1 
ATOM   1337 C C   . LYS A 1 193 ? -9.310  21.363  17.803  1.00 45.10 ? 388 LYS A C   1 
ATOM   1338 O O   . LYS A 1 193 ? -10.312 21.896  17.282  1.00 46.20 ? 388 LYS A O   1 
ATOM   1339 C CB  . LYS A 1 193 ? -6.825  21.517  17.716  1.00 43.93 ? 388 LYS A CB  1 
ATOM   1340 C CG  . LYS A 1 193 ? -5.608  20.660  17.410  1.00 44.95 ? 388 LYS A CG  1 
ATOM   1341 C CD  . LYS A 1 193 ? -4.607  20.732  18.556  1.00 44.82 ? 388 LYS A CD  1 
ATOM   1342 C CE  . LYS A 1 193 ? -3.430  19.793  18.339  1.00 46.39 ? 388 LYS A CE  1 
ATOM   1343 N NZ  . LYS A 1 193 ? -2.524  19.756  19.525  1.00 45.24 ? 388 LYS A NZ  1 
HETATM 1344 O O   . HOH B 2 .   ? 1.643   -5.871  9.480   1.00 12.98 ? 1   HOH A O   1 
HETATM 1345 O O   . HOH B 2 .   ? 4.682   5.297   2.508   1.00 16.81 ? 2   HOH A O   1 
HETATM 1346 O O   . HOH B 2 .   ? -4.559  10.328  8.042   1.00 19.50 ? 3   HOH A O   1 
HETATM 1347 O O   . HOH B 2 .   ? 0.867   4.958   6.696   1.00 16.03 ? 4   HOH A O   1 
HETATM 1348 O O   . HOH B 2 .   ? -7.036  -15.621 9.129   1.00 17.89 ? 5   HOH A O   1 
HETATM 1349 O O   . HOH B 2 .   ? 6.324   4.003   5.719   1.00 17.27 ? 6   HOH A O   1 
HETATM 1350 O O   . HOH B 2 .   ? 3.295   4.837   4.813   1.00 16.25 ? 7   HOH A O   1 
HETATM 1351 O O   . HOH B 2 .   ? -10.930 0.039   6.177   1.00 16.93 ? 8   HOH A O   1 
HETATM 1352 O O   . HOH B 2 .   ? 6.379   11.824  -9.566  1.00 22.05 ? 9   HOH A O   1 
HETATM 1353 O O   . HOH B 2 .   ? -7.807  -12.936 19.870  1.00 22.31 ? 10  HOH A O   1 
HETATM 1354 O O   . HOH B 2 .   ? -4.895  10.353  10.956  1.00 23.34 ? 11  HOH A O   1 
HETATM 1355 O O   . HOH B 2 .   ? -14.598 -12.928 12.516  1.00 22.18 ? 12  HOH A O   1 
HETATM 1356 O O   . HOH B 2 .   ? 3.974   -4.202  16.731  1.00 16.80 ? 13  HOH A O   1 
HETATM 1357 O O   . HOH B 2 .   ? -11.900 2.385   7.195   1.00 20.21 ? 14  HOH A O   1 
HETATM 1358 O O   . HOH B 2 .   ? -6.967  -0.326  18.502  1.00 21.66 ? 15  HOH A O   1 
HETATM 1359 O O   . HOH B 2 .   ? -10.983 5.740   9.045   1.00 25.29 ? 16  HOH A O   1 
HETATM 1360 O O   . HOH B 2 .   ? -11.159 19.100  20.422  1.00 24.87 ? 17  HOH A O   1 
HETATM 1361 O O   . HOH B 2 .   ? 2.629   -1.994  17.339  1.00 30.26 ? 18  HOH A O   1 
HETATM 1362 O O   . HOH B 2 .   ? -0.103  -16.396 -3.667  1.00 36.20 ? 19  HOH A O   1 
HETATM 1363 O O   . HOH B 2 .   ? 7.895   15.222  -0.690  1.00 27.60 ? 20  HOH A O   1 
HETATM 1364 O O   . HOH B 2 .   ? -11.193 -0.415  3.297   1.00 29.73 ? 21  HOH A O   1 
HETATM 1365 O O   . HOH B 2 .   ? 8.181   -4.565  7.149   1.00 20.47 ? 22  HOH A O   1 
HETATM 1366 O O   . HOH B 2 .   ? -2.787  -13.055 0.866   1.00 22.97 ? 23  HOH A O   1 
HETATM 1367 O O   . HOH B 2 .   ? 6.065   17.224  -15.547 1.00 26.09 ? 24  HOH A O   1 
HETATM 1368 O O   . HOH B 2 .   ? -2.204  -14.885 -2.931  1.00 22.92 ? 25  HOH A O   1 
HETATM 1369 O O   . HOH B 2 .   ? -16.596 17.389  12.219  1.00 31.77 ? 26  HOH A O   1 
HETATM 1370 O O   . HOH B 2 .   ? 6.486   -8.785  9.782   1.00 26.67 ? 27  HOH A O   1 
HETATM 1371 O O   . HOH B 2 .   ? -7.959  -9.872  3.074   1.00 22.17 ? 28  HOH A O   1 
HETATM 1372 O O   . HOH B 2 .   ? 1.001   9.697   11.406  1.00 39.98 ? 29  HOH A O   1 
HETATM 1373 O O   . HOH B 2 .   ? -0.926  12.516  -11.904 1.00 22.66 ? 30  HOH A O   1 
HETATM 1374 O O   . HOH B 2 .   ? -9.537  -4.058  7.692   1.00 33.82 ? 31  HOH A O   1 
HETATM 1375 O O   . HOH B 2 .   ? -4.504  -10.559 -10.859 1.00 29.95 ? 32  HOH A O   1 
HETATM 1376 O O   . HOH B 2 .   ? 8.519   -0.368  9.894   1.00 25.02 ? 33  HOH A O   1 
HETATM 1377 O O   . HOH B 2 .   ? 9.819   -5.451  -6.894  1.00 34.76 ? 34  HOH A O   1 
HETATM 1378 O O   . HOH B 2 .   ? 5.757   -11.111 7.443   1.00 45.90 ? 35  HOH A O   1 
HETATM 1379 O O   . HOH B 2 .   ? 10.485  -5.896  5.927   1.00 31.53 ? 36  HOH A O   1 
HETATM 1380 O O   . HOH B 2 .   ? 13.883  1.534   -12.371 1.00 39.76 ? 37  HOH A O   1 
HETATM 1381 O O   . HOH B 2 .   ? -14.413 15.259  19.333  1.00 33.23 ? 38  HOH A O   1 
HETATM 1382 O O   . HOH B 2 .   ? -5.726  -18.748 1.427   1.00 41.17 ? 39  HOH A O   1 
HETATM 1383 O O   . HOH B 2 .   ? -14.747 -7.995  6.476   1.00 51.36 ? 40  HOH A O   1 
HETATM 1384 O O   . HOH B 2 .   ? 9.921   14.650  -15.634 1.00 37.74 ? 41  HOH A O   1 
HETATM 1385 O O   . HOH B 2 .   ? -7.933  -13.580 6.892   1.00 33.53 ? 42  HOH A O   1 
HETATM 1386 O O   . HOH B 2 .   ? -5.537  -9.496  2.019   1.00 36.73 ? 43  HOH A O   1 
HETATM 1387 O O   . HOH B 2 .   ? 3.088   -13.021 -11.693 1.00 38.67 ? 44  HOH A O   1 
HETATM 1388 O O   . HOH B 2 .   ? 2.746   15.171  -4.356  1.00 36.98 ? 45  HOH A O   1 
HETATM 1389 O O   . HOH B 2 .   ? 1.097   19.119  -10.542 1.00 44.76 ? 46  HOH A O   1 
HETATM 1390 O O   . HOH B 2 .   ? -11.654 -11.592 1.581   1.00 38.97 ? 47  HOH A O   1 
HETATM 1391 O O   . HOH B 2 .   ? 7.848   -11.902 2.880   1.00 45.56 ? 48  HOH A O   1 
HETATM 1392 O O   . HOH B 2 .   ? 1.093   14.272  -14.682 1.00 34.52 ? 49  HOH A O   1 
HETATM 1393 O O   . HOH B 2 .   ? -13.501 24.909  13.726  1.00 43.22 ? 50  HOH A O   1 
HETATM 1394 O O   . HOH B 2 .   ? -0.847  -19.562 8.561   1.00 46.73 ? 51  HOH A O   1 
HETATM 1395 O O   . HOH B 2 .   ? -5.508  12.227  6.065   1.00 31.10 ? 52  HOH A O   1 
HETATM 1396 O O   . HOH B 2 .   ? 3.356   5.666   15.440  1.00 26.00 ? 53  HOH A O   1 
HETATM 1397 O O   . HOH B 2 .   ? -1.201  -13.606 18.417  1.00 45.33 ? 54  HOH A O   1 
HETATM 1398 O O   . HOH B 2 .   ? 1.408   8.762   -16.852 1.00 41.91 ? 55  HOH A O   1 
HETATM 1399 O O   . HOH B 2 .   ? -12.353 -7.643  8.322   1.00 36.93 ? 56  HOH A O   1 
HETATM 1400 O O   . HOH B 2 .   ? 2.891   15.190  -0.864  1.00 35.25 ? 57  HOH A O   1 
HETATM 1401 O O   . HOH B 2 .   ? 9.691   -2.663  8.558   1.00 40.64 ? 58  HOH A O   1 
HETATM 1402 O O   . HOH B 2 .   ? 12.145  -3.584  5.703   1.00 27.37 ? 59  HOH A O   1 
HETATM 1403 O O   . HOH B 2 .   ? -12.028 21.550  21.284  1.00 44.71 ? 60  HOH A O   1 
HETATM 1404 O O   . HOH B 2 .   ? -6.785  -12.050 0.114   1.00 32.07 ? 61  HOH A O   1 
HETATM 1405 O O   . HOH B 2 .   ? 11.074  -3.285  -7.716  1.00 31.59 ? 62  HOH A O   1 
HETATM 1406 O O   . HOH B 2 .   ? 1.824   -17.514 8.308   1.00 39.66 ? 63  HOH A O   1 
HETATM 1407 O O   . HOH B 2 .   ? 9.454   17.864  -12.607 1.00 36.09 ? 64  HOH A O   1 
HETATM 1408 O O   . HOH B 2 .   ? -8.088  10.122  17.826  1.00 35.22 ? 65  HOH A O   1 
HETATM 1409 O O   . HOH B 2 .   ? -4.903  22.053  13.465  1.00 47.18 ? 66  HOH A O   1 
HETATM 1410 O O   . HOH B 2 .   ? 2.281   8.611   -22.775 1.00 32.21 ? 67  HOH A O   1 
HETATM 1411 O O   . HOH B 2 .   ? -8.415  18.618  20.538  1.00 31.88 ? 68  HOH A O   1 
HETATM 1412 O O   . HOH B 2 .   ? 7.722   2.119   14.019  1.00 30.50 ? 69  HOH A O   1 
HETATM 1413 O O   . HOH B 2 .   ? -5.751  16.331  16.421  1.00 43.35 ? 70  HOH A O   1 
HETATM 1414 O O   . HOH B 2 .   ? 6.449   -15.743 -1.729  1.00 37.50 ? 71  HOH A O   1 
HETATM 1415 O O   . HOH B 2 .   ? 12.128  -3.361  -1.220  1.00 30.30 ? 72  HOH A O   1 
HETATM 1416 O O   . HOH B 2 .   ? -0.991  -17.857 -5.582  1.00 58.91 ? 73  HOH A O   1 
HETATM 1417 O O   . HOH B 2 .   ? -9.060  -3.414  -10.813 1.00 41.76 ? 74  HOH A O   1 
HETATM 1418 O O   . HOH B 2 .   ? -0.397  -16.326 9.598   1.00 19.75 ? 75  HOH A O   1 
HETATM 1419 O O   . HOH B 2 .   ? -6.772  2.380   18.875  1.00 31.49 ? 76  HOH A O   1 
HETATM 1420 O O   . HOH B 2 .   ? -8.744  3.936   20.169  1.00 51.30 ? 77  HOH A O   1 
HETATM 1421 O O   . HOH B 2 .   ? 7.653   7.633   -3.551  1.00 33.85 ? 78  HOH A O   1 
HETATM 1422 O O   . HOH B 2 .   ? 7.666   -12.807 0.422   1.00 39.52 ? 79  HOH A O   1 
HETATM 1423 O O   . HOH B 2 .   ? -8.856  -15.953 6.993   1.00 27.39 ? 80  HOH A O   1 
HETATM 1424 O O   . HOH B 2 .   ? -6.856  9.859   -0.586  1.00 46.84 ? 81  HOH A O   1 
HETATM 1425 O O   . HOH B 2 .   ? -11.375 4.680   18.079  1.00 33.51 ? 82  HOH A O   1 
HETATM 1426 O O   . HOH B 2 .   ? 0.857   -12.320 17.905  1.00 34.86 ? 83  HOH A O   1 
HETATM 1427 O O   . HOH B 2 .   ? -3.455  5.236   -8.327  1.00 35.64 ? 84  HOH A O   1 
HETATM 1428 O O   . HOH B 2 .   ? -8.975  -0.710  20.457  1.00 38.22 ? 85  HOH A O   1 
HETATM 1429 O O   . HOH B 2 .   ? 10.568  -6.293  -20.011 1.00 43.02 ? 86  HOH A O   1 
HETATM 1430 O O   . HOH B 2 .   ? 13.660  -3.609  0.922   1.00 42.50 ? 87  HOH A O   1 
HETATM 1431 O O   . HOH B 2 .   ? 11.930  -0.948  -5.163  1.00 34.58 ? 88  HOH A O   1 
HETATM 1432 O O   . HOH B 2 .   ? -3.445  12.653  10.451  1.00 39.61 ? 89  HOH A O   1 
HETATM 1433 O O   . HOH B 2 .   ? -3.394  -18.380 2.576   1.00 48.04 ? 90  HOH A O   1 
HETATM 1434 O O   . HOH B 2 .   ? -3.632  15.681  18.579  1.00 52.39 ? 91  HOH A O   1 
HETATM 1435 O O   . HOH B 2 .   ? 11.558  10.182  3.264   1.00 40.07 ? 92  HOH A O   1 
HETATM 1436 O O   . HOH B 2 .   ? 12.010  7.128   4.943   1.00 39.72 ? 93  HOH A O   1 
HETATM 1437 O O   . HOH B 2 .   ? -11.596 12.685  8.887   1.00 39.88 ? 94  HOH A O   1 
HETATM 1438 O O   . HOH B 2 .   ? -12.872 23.260  8.656   1.00 48.62 ? 95  HOH A O   1 
HETATM 1439 O O   . HOH B 2 .   ? 6.001   18.808  -17.808 1.00 29.38 ? 96  HOH A O   1 
HETATM 1440 O O   . HOH B 2 .   ? 10.304  7.759   -2.287  1.00 44.32 ? 97  HOH A O   1 
HETATM 1441 O O   . HOH B 2 .   ? 0.106   11.620  4.019   1.00 29.15 ? 98  HOH A O   1 
HETATM 1442 O O   . HOH B 2 .   ? -17.606 -9.744  8.789   1.00 42.86 ? 99  HOH A O   1 
HETATM 1443 O O   . HOH B 2 .   ? 14.519  4.443   -1.960  1.00 37.81 ? 100 HOH A O   1 
HETATM 1444 O O   . HOH B 2 .   ? -7.652  20.581  22.125  1.00 43.58 ? 101 HOH A O   1 
HETATM 1445 O O   . HOH B 2 .   ? 3.403   9.747   -18.297 1.00 35.69 ? 102 HOH A O   1 
HETATM 1446 O O   . HOH B 2 .   ? -8.402  -12.494 4.312   1.00 46.10 ? 103 HOH A O   1 
HETATM 1447 O O   . HOH B 2 .   ? 13.265  -2.967  -6.466  1.00 45.24 ? 104 HOH A O   1 
HETATM 1448 O O   . HOH B 2 .   ? -12.298 -4.133  11.171  1.00 34.88 ? 105 HOH A O   1 
HETATM 1449 O O   . HOH B 2 .   ? -4.629  1.884   -17.248 1.00 47.82 ? 106 HOH A O   1 
HETATM 1450 O O   . HOH B 2 .   ? 13.909  0.355   2.722   1.00 40.48 ? 107 HOH A O   1 
HETATM 1451 O O   . HOH B 2 .   ? -0.339  -18.172 11.557  1.00 24.16 ? 108 HOH A O   1 
HETATM 1452 O O   . HOH B 2 .   ? -14.345 25.058  10.991  1.00 38.44 ? 109 HOH A O   1 
HETATM 1453 O O   . HOH B 2 .   ? -4.907  -11.912 1.744   1.00 35.35 ? 110 HOH A O   1 
HETATM 1454 O O   . HOH B 2 .   ? -5.752  -1.474  22.016  1.00 43.63 ? 111 HOH A O   1 
HETATM 1455 O O   . HOH B 2 .   ? -12.590 7.263   6.557   1.00 44.96 ? 112 HOH A O   1 
HETATM 1456 O O   . HOH B 2 .   ? -13.237 1.885   11.864  1.00 37.11 ? 113 HOH A O   1 
HETATM 1457 O O   . HOH B 2 .   ? -6.329  -12.523 -7.426  1.00 43.44 ? 114 HOH A O   1 
HETATM 1458 O O   . HOH B 2 .   ? -1.845  6.113   -14.566 1.00 31.90 ? 115 HOH A O   1 
HETATM 1459 O O   . HOH B 2 .   ? -1.984  11.487  7.468   1.00 42.26 ? 116 HOH A O   1 
HETATM 1460 O O   . HOH B 2 .   ? 1.060   13.335  -0.369  1.00 24.45 ? 117 HOH A O   1 
HETATM 1461 O O   . HOH B 2 .   ? 0.662   11.507  6.868   1.00 36.01 ? 118 HOH A O   1 
HETATM 1462 O O   . HOH B 2 .   ? -0.277  -0.805  20.206  1.00 42.84 ? 119 HOH A O   1 
HETATM 1463 O O   . HOH B 2 .   ? -4.181  8.890   15.581  1.00 35.82 ? 120 HOH A O   1 
HETATM 1464 O O   . HOH B 2 .   ? 6.689   -17.812 -0.095  1.00 50.77 ? 121 HOH A O   1 
HETATM 1465 O O   . HOH B 2 .   ? -14.796 12.073  5.019   1.00 47.93 ? 122 HOH A O   1 
HETATM 1466 O O   . HOH B 2 .   ? 5.834   -4.625  -20.722 1.00 48.61 ? 123 HOH A O   1 
HETATM 1467 O O   . HOH B 2 .   ? -7.763  9.161   -8.029  1.00 50.88 ? 124 HOH A O   1 
HETATM 1468 O O   . HOH B 2 .   ? 14.038  -3.351  3.472   1.00 42.40 ? 125 HOH A O   1 
HETATM 1469 O O   . HOH B 2 .   ? -6.869  2.664   -6.533  1.00 37.14 ? 126 HOH A O   1 
HETATM 1470 O O   . HOH B 2 .   ? -10.639 -10.632 -6.634  1.00 35.58 ? 127 HOH A O   1 
HETATM 1471 O O   . HOH B 2 .   ? -8.375  12.471  5.018   1.00 39.89 ? 128 HOH A O   1 
HETATM 1472 O O   . HOH B 2 .   ? -9.713  -0.490  1.016   1.00 44.93 ? 129 HOH A O   1 
HETATM 1473 O O   . HOH B 2 .   ? 0.435   1.703   19.898  1.00 49.21 ? 130 HOH A O   1 
HETATM 1474 O O   . HOH B 2 .   ? -13.006 13.354  18.069  1.00 38.25 ? 131 HOH A O   1 
# 
loop_
_pdbx_poly_seq_scheme.asym_id 
_pdbx_poly_seq_scheme.entity_id 
_pdbx_poly_seq_scheme.seq_id 
_pdbx_poly_seq_scheme.mon_id 
_pdbx_poly_seq_scheme.ndb_seq_num 
_pdbx_poly_seq_scheme.pdb_seq_num 
_pdbx_poly_seq_scheme.auth_seq_num 
_pdbx_poly_seq_scheme.pdb_mon_id 
_pdbx_poly_seq_scheme.auth_mon_id 
_pdbx_poly_seq_scheme.pdb_strand_id 
_pdbx_poly_seq_scheme.pdb_ins_code 
_pdbx_poly_seq_scheme.hetero 
A 1 1   GLY 1   196 ?   ?   ?   A . n 
A 1 2   SER 2   197 ?   ?   ?   A . n 
A 1 3   HIS 3   198 ?   ?   ?   A . n 
A 1 4   GLY 4   199 ?   ?   ?   A . n 
A 1 5   THR 5   200 ?   ?   ?   A . n 
A 1 6   THR 6   201 ?   ?   ?   A . n 
A 1 7   PHE 7   202 ?   ?   ?   A . n 
A 1 8   ASN 8   203 ?   ?   ?   A . n 
A 1 9   GLY 9   204 ?   ?   ?   A . n 
A 1 10  ILE 10  205 ?   ?   ?   A . n 
A 1 11  MET 11  206 ?   ?   ?   A . n 
A 1 12  GLN 12  207 ?   ?   ?   A . n 
A 1 13  SER 13  208 ?   ?   ?   A . n 
A 1 14  TYR 14  209 ?   ?   ?   A . n 
A 1 15  VAL 15  210 ?   ?   ?   A . n 
A 1 16  PRO 16  211 ?   ?   ?   A . n 
A 1 17  ARG 17  212 ?   ?   ?   A . n 
A 1 18  ILE 18  213 ?   ?   ?   A . n 
A 1 19  VAL 19  214 ?   ?   ?   A . n 
A 1 20  PRO 20  215 ?   ?   ?   A . n 
A 1 21  ASP 21  216 ?   ?   ?   A . n 
A 1 22  GLU 22  217 ?   ?   ?   A . n 
A 1 23  PRO 23  218 ?   ?   ?   A . n 
A 1 24  ASP 24  219 ?   ?   ?   A . n 
A 1 25  ASN 25  220 ?   ?   ?   A . n 
A 1 26  ASP 26  221 ?   ?   ?   A . n 
A 1 27  THR 27  222 222 THR THR A . n 
A 1 28  ASP 28  223 223 ASP ASP A . n 
A 1 29  VAL 29  224 224 VAL VAL A . n 
A 1 30  GLU 30  225 225 GLU GLU A . n 
A 1 31  SER 31  226 226 SER SER A . n 
A 1 32  CYS 32  227 227 CYS CYS A . n 
A 1 33  ILE 33  228 228 ILE ILE A . n 
A 1 34  ASN 34  229 229 ASN ASN A . n 
A 1 35  ARG 35  230 230 ARG ARG A . n 
A 1 36  LEU 36  231 231 LEU LEU A . n 
A 1 37  ARG 37  232 232 ARG ARG A . n 
A 1 38  GLU 38  233 233 GLU GLU A . n 
A 1 39  ASP 39  234 234 ASP ASP A . n 
A 1 40  ASP 40  235 235 ASP ASP A . n 
A 1 41  THR 41  236 236 THR THR A . n 
A 1 42  ASP 42  237 237 ASP ASP A . n 
A 1 43  LEU 43  238 238 LEU LEU A . n 
A 1 44  LYS 44  239 239 LYS LYS A . n 
A 1 45  GLU 45  240 240 GLU GLU A . n 
A 1 46  VAL 46  241 241 VAL VAL A . n 
A 1 47  ASN 47  242 242 ASN ASN A . n 
A 1 48  ILE 48  243 243 ILE ILE A . n 
A 1 49  ASN 49  244 244 ASN ASN A . n 
A 1 50  ASN 50  245 245 ASN ASN A . n 
A 1 51  MET 51  246 246 MET MET A . n 
A 1 52  LYS 52  247 247 LYS LYS A . n 
A 1 53  ARG 53  248 248 ARG ARG A . n 
A 1 54  VAL 54  249 249 VAL VAL A . n 
A 1 55  SER 55  250 250 SER SER A . n 
A 1 56  LYS 56  251 251 LYS LYS A . n 
A 1 57  GLU 57  252 252 GLU GLU A . n 
A 1 58  ARG 58  253 253 ARG ARG A . n 
A 1 59  ILE 59  254 254 ILE ILE A . n 
A 1 60  ARG 60  255 255 ARG ARG A . n 
A 1 61  SER 61  256 256 SER SER A . n 
A 1 62  LEU 62  257 257 LEU LEU A . n 
A 1 63  ILE 63  258 258 ILE ILE A . n 
A 1 64  GLU 64  259 259 GLU GLU A . n 
A 1 65  ALA 65  260 260 ALA ALA A . n 
A 1 66  ALA 66  261 261 ALA ALA A . n 
A 1 67  CYS 67  262 262 CYS CYS A . n 
A 1 68  ASN 68  263 263 ASN ASN A . n 
A 1 69  SER 69  264 264 SER SER A . n 
A 1 70  LYS 70  265 265 LYS LYS A . n 
A 1 71  HIS 71  266 266 HIS HIS A . n 
A 1 72  ILE 72  267 267 ILE ILE A . n 
A 1 73  GLU 73  268 268 GLU GLU A . n 
A 1 74  LYS 74  269 269 LYS LYS A . n 
A 1 75  PHE 75  270 270 PHE PHE A . n 
A 1 76  SER 76  271 271 SER SER A . n 
A 1 77  LEU 77  272 272 LEU LEU A . n 
A 1 78  ALA 78  273 273 ALA ALA A . n 
A 1 79  ASN 79  274 274 ASN ASN A . n 
A 1 80  THR 80  275 275 THR THR A . n 
A 1 81  ALA 81  276 276 ALA ALA A . n 
A 1 82  ILE 82  277 277 ILE ILE A . n 
A 1 83  SER 83  278 278 SER SER A . n 
A 1 84  ASP 84  279 279 ASP ASP A . n 
A 1 85  SER 85  280 280 SER SER A . n 
A 1 86  GLU 86  281 281 GLU GLU A . n 
A 1 87  ALA 87  282 282 ALA ALA A . n 
A 1 88  ARG 88  283 283 ARG ARG A . n 
A 1 89  GLY 89  284 284 GLY GLY A . n 
A 1 90  LEU 90  285 285 LEU LEU A . n 
A 1 91  ILE 91  286 286 ILE ILE A . n 
A 1 92  GLU 92  287 287 GLU GLU A . n 
A 1 93  LEU 93  288 288 LEU LEU A . n 
A 1 94  ILE 94  289 289 ILE ILE A . n 
A 1 95  GLU 95  290 290 GLU GLU A . n 
A 1 96  THR 96  291 291 THR THR A . n 
A 1 97  SER 97  292 292 SER SER A . n 
A 1 98  PRO 98  293 293 PRO PRO A . n 
A 1 99  SER 99  294 294 SER SER A . n 
A 1 100 LEU 100 295 295 LEU LEU A . n 
A 1 101 ARG 101 296 296 ARG ARG A . n 
A 1 102 VAL 102 297 297 VAL VAL A . n 
A 1 103 LEU 103 298 298 LEU LEU A . n 
A 1 104 ASN 104 299 299 ASN ASN A . n 
A 1 105 VAL 105 300 300 VAL VAL A . n 
A 1 106 GLU 106 301 301 GLU GLU A . n 
A 1 107 SER 107 302 302 SER SER A . n 
A 1 108 ASN 108 303 303 ASN ASN A . n 
A 1 109 PHE 109 304 304 PHE PHE A . n 
A 1 110 LEU 110 305 305 LEU LEU A . n 
A 1 111 THR 111 306 306 THR THR A . n 
A 1 112 PRO 112 307 307 PRO PRO A . n 
A 1 113 GLU 113 308 308 GLU GLU A . n 
A 1 114 LEU 114 309 309 LEU LEU A . n 
A 1 115 LEU 115 310 310 LEU LEU A . n 
A 1 116 ALA 116 311 311 ALA ALA A . n 
A 1 117 ARG 117 312 312 ARG ARG A . n 
A 1 118 LEU 118 313 313 LEU LEU A . n 
A 1 119 LEU 119 314 314 LEU LEU A . n 
A 1 120 ARG 120 315 315 ARG ARG A . n 
A 1 121 SER 121 316 316 SER SER A . n 
A 1 122 THR 122 317 317 THR THR A . n 
A 1 123 LEU 123 318 318 LEU LEU A . n 
A 1 124 VAL 124 319 319 VAL VAL A . n 
A 1 125 THR 125 320 320 THR THR A . n 
A 1 126 GLN 126 321 321 GLN GLN A . n 
A 1 127 SER 127 322 322 SER SER A . n 
A 1 128 ILE 128 323 323 ILE ILE A . n 
A 1 129 VAL 129 324 324 VAL VAL A . n 
A 1 130 GLU 130 325 325 GLU GLU A . n 
A 1 131 PHE 131 326 326 PHE PHE A . n 
A 1 132 LYS 132 327 327 LYS LYS A . n 
A 1 133 ALA 133 328 328 ALA ALA A . n 
A 1 134 ASP 134 329 329 ASP ASP A . n 
A 1 135 ASN 135 330 330 ASN ASN A . n 
A 1 136 GLN 136 331 331 GLN GLN A . n 
A 1 137 ARG 137 332 332 ARG ARG A . n 
A 1 138 GLN 138 333 333 GLN GLN A . n 
A 1 139 SER 139 334 334 SER SER A . n 
A 1 140 VAL 140 335 335 VAL VAL A . n 
A 1 141 LEU 141 336 336 LEU LEU A . n 
A 1 142 GLY 142 337 337 GLY GLY A . n 
A 1 143 ASN 143 338 338 ASN ASN A . n 
A 1 144 GLN 144 339 339 GLN GLN A . n 
A 1 145 VAL 145 340 340 VAL VAL A . n 
A 1 146 GLU 146 341 341 GLU GLU A . n 
A 1 147 MET 147 342 342 MET MET A . n 
A 1 148 ASP 148 343 343 ASP ASP A . n 
A 1 149 MET 149 344 344 MET MET A . n 
A 1 150 MET 150 345 345 MET MET A . n 
A 1 151 MET 151 346 346 MET MET A . n 
A 1 152 ALA 152 347 347 ALA ALA A . n 
A 1 153 ILE 153 348 348 ILE ILE A . n 
A 1 154 GLU 154 349 349 GLU GLU A . n 
A 1 155 GLU 155 350 350 GLU GLU A . n 
A 1 156 ASN 156 351 351 ASN ASN A . n 
A 1 157 GLU 157 352 352 GLU GLU A . n 
A 1 158 SER 158 353 353 SER SER A . n 
A 1 159 LEU 159 354 354 LEU LEU A . n 
A 1 160 LEU 160 355 355 LEU LEU A . n 
A 1 161 ARG 161 356 356 ARG ARG A . n 
A 1 162 VAL 162 357 357 VAL VAL A . n 
A 1 163 GLY 163 358 358 GLY GLY A . n 
A 1 164 ILE 164 359 359 ILE ILE A . n 
A 1 165 SER 165 360 360 SER SER A . n 
A 1 166 PHE 166 361 361 PHE PHE A . n 
A 1 167 ALA 167 362 362 ALA ALA A . n 
A 1 168 SER 168 363 363 SER SER A . n 
A 1 169 MET 169 364 364 MET MET A . n 
A 1 170 GLU 170 365 365 GLU GLU A . n 
A 1 171 ALA 171 366 366 ALA ALA A . n 
A 1 172 ARG 172 367 367 ARG ARG A . n 
A 1 173 HIS 173 368 368 HIS HIS A . n 
A 1 174 ARG 174 369 369 ARG ARG A . n 
A 1 175 VAL 175 370 370 VAL VAL A . n 
A 1 176 SER 176 371 371 SER SER A . n 
A 1 177 GLU 177 372 372 GLU GLU A . n 
A 1 178 ALA 178 373 373 ALA ALA A . n 
A 1 179 LEU 179 374 374 LEU LEU A . n 
A 1 180 GLU 180 375 375 GLU GLU A . n 
A 1 181 ARG 181 376 376 ARG ARG A . n 
A 1 182 ASN 182 377 377 ASN ASN A . n 
A 1 183 TYR 183 378 378 TYR TYR A . n 
A 1 184 GLU 184 379 379 GLU GLU A . n 
A 1 185 ARG 185 380 380 ARG ARG A . n 
A 1 186 VAL 186 381 381 VAL VAL A . n 
A 1 187 ARG 187 382 382 ARG ARG A . n 
A 1 188 LEU 188 383 383 LEU LEU A . n 
A 1 189 ARG 189 384 384 ARG ARG A . n 
A 1 190 ARG 190 385 385 ARG ARG A . n 
A 1 191 LEU 191 386 386 LEU LEU A . n 
A 1 192 GLY 192 387 387 GLY GLY A . n 
A 1 193 LYS 193 388 388 LYS LYS A . n 
A 1 194 ASP 194 389 ?   ?   ?   A . n 
A 1 195 PRO 195 390 ?   ?   ?   A . n 
A 1 196 ASN 196 391 ?   ?   ?   A . n 
A 1 197 VAL 197 392 ?   ?   ?   A . n 
# 
_pdbx_SG_project.id                    1 
_pdbx_SG_project.project_name          'PSI, Protein Structure Initiative' 
_pdbx_SG_project.full_name_of_center   'Southeast Collaboratory for Structural Genomics' 
_pdbx_SG_project.initial_of_center     SECSG 
# 
loop_
_pdbx_nonpoly_scheme.asym_id 
_pdbx_nonpoly_scheme.entity_id 
_pdbx_nonpoly_scheme.mon_id 
_pdbx_nonpoly_scheme.ndb_seq_num 
_pdbx_nonpoly_scheme.pdb_seq_num 
_pdbx_nonpoly_scheme.auth_seq_num 
_pdbx_nonpoly_scheme.pdb_mon_id 
_pdbx_nonpoly_scheme.auth_mon_id 
_pdbx_nonpoly_scheme.pdb_strand_id 
_pdbx_nonpoly_scheme.pdb_ins_code 
B 2 HOH 1   1   1   HOH HOH A . 
B 2 HOH 2   2   2   HOH HOH A . 
B 2 HOH 3   3   3   HOH HOH A . 
B 2 HOH 4   4   4   HOH HOH A . 
B 2 HOH 5   5   5   HOH HOH A . 
B 2 HOH 6   6   6   HOH HOH A . 
B 2 HOH 7   7   7   HOH HOH A . 
B 2 HOH 8   8   8   HOH HOH A . 
B 2 HOH 9   9   9   HOH HOH A . 
B 2 HOH 10  10  10  HOH HOH A . 
B 2 HOH 11  11  11  HOH HOH A . 
B 2 HOH 12  12  12  HOH HOH A . 
B 2 HOH 13  13  13  HOH HOH A . 
B 2 HOH 14  14  14  HOH HOH A . 
B 2 HOH 15  15  15  HOH HOH A . 
B 2 HOH 16  16  16  HOH HOH A . 
B 2 HOH 17  17  17  HOH HOH A . 
B 2 HOH 18  18  18  HOH HOH A . 
B 2 HOH 19  19  19  HOH HOH A . 
B 2 HOH 20  20  20  HOH HOH A . 
B 2 HOH 21  21  21  HOH HOH A . 
B 2 HOH 22  22  22  HOH HOH A . 
B 2 HOH 23  23  23  HOH HOH A . 
B 2 HOH 24  24  24  HOH HOH A . 
B 2 HOH 25  25  25  HOH HOH A . 
B 2 HOH 26  26  26  HOH HOH A . 
B 2 HOH 27  27  27  HOH HOH A . 
B 2 HOH 28  28  28  HOH HOH A . 
B 2 HOH 29  29  29  HOH HOH A . 
B 2 HOH 30  30  30  HOH HOH A . 
B 2 HOH 31  31  31  HOH HOH A . 
B 2 HOH 32  32  32  HOH HOH A . 
B 2 HOH 33  33  33  HOH HOH A . 
B 2 HOH 34  34  34  HOH HOH A . 
B 2 HOH 35  35  35  HOH HOH A . 
B 2 HOH 36  36  36  HOH HOH A . 
B 2 HOH 37  37  37  HOH HOH A . 
B 2 HOH 38  38  38  HOH HOH A . 
B 2 HOH 39  39  39  HOH HOH A . 
B 2 HOH 40  40  40  HOH HOH A . 
B 2 HOH 41  41  41  HOH HOH A . 
B 2 HOH 42  42  42  HOH HOH A . 
B 2 HOH 43  43  43  HOH HOH A . 
B 2 HOH 44  44  44  HOH HOH A . 
B 2 HOH 45  45  45  HOH HOH A . 
B 2 HOH 46  46  46  HOH HOH A . 
B 2 HOH 47  47  47  HOH HOH A . 
B 2 HOH 48  48  48  HOH HOH A . 
B 2 HOH 49  49  49  HOH HOH A . 
B 2 HOH 50  50  50  HOH HOH A . 
B 2 HOH 51  51  51  HOH HOH A . 
B 2 HOH 52  52  52  HOH HOH A . 
B 2 HOH 53  53  53  HOH HOH A . 
B 2 HOH 54  54  54  HOH HOH A . 
B 2 HOH 55  55  55  HOH HOH A . 
B 2 HOH 56  56  56  HOH HOH A . 
B 2 HOH 57  57  57  HOH HOH A . 
B 2 HOH 58  58  58  HOH HOH A . 
B 2 HOH 59  59  59  HOH HOH A . 
B 2 HOH 60  60  60  HOH HOH A . 
B 2 HOH 61  61  61  HOH HOH A . 
B 2 HOH 62  62  62  HOH HOH A . 
B 2 HOH 63  63  63  HOH HOH A . 
B 2 HOH 64  64  64  HOH HOH A . 
B 2 HOH 65  65  65  HOH HOH A . 
B 2 HOH 66  66  66  HOH HOH A . 
B 2 HOH 67  67  67  HOH HOH A . 
B 2 HOH 68  68  68  HOH HOH A . 
B 2 HOH 69  69  69  HOH HOH A . 
B 2 HOH 70  70  70  HOH HOH A . 
B 2 HOH 71  71  71  HOH HOH A . 
B 2 HOH 72  72  72  HOH HOH A . 
B 2 HOH 73  73  73  HOH HOH A . 
B 2 HOH 74  74  74  HOH HOH A . 
B 2 HOH 75  75  75  HOH HOH A . 
B 2 HOH 76  76  76  HOH HOH A . 
B 2 HOH 77  77  77  HOH HOH A . 
B 2 HOH 78  78  78  HOH HOH A . 
B 2 HOH 79  79  79  HOH HOH A . 
B 2 HOH 80  80  80  HOH HOH A . 
B 2 HOH 81  81  81  HOH HOH A . 
B 2 HOH 82  82  82  HOH HOH A . 
B 2 HOH 83  83  83  HOH HOH A . 
B 2 HOH 84  84  84  HOH HOH A . 
B 2 HOH 85  85  85  HOH HOH A . 
B 2 HOH 86  86  86  HOH HOH A . 
B 2 HOH 87  87  87  HOH HOH A . 
B 2 HOH 88  88  88  HOH HOH A . 
B 2 HOH 89  89  89  HOH HOH A . 
B 2 HOH 90  90  90  HOH HOH A . 
B 2 HOH 91  91  91  HOH HOH A . 
B 2 HOH 92  92  92  HOH HOH A . 
B 2 HOH 93  93  93  HOH HOH A . 
B 2 HOH 94  94  94  HOH HOH A . 
B 2 HOH 95  95  95  HOH HOH A . 
B 2 HOH 96  96  96  HOH HOH A . 
B 2 HOH 97  97  97  HOH HOH A . 
B 2 HOH 98  98  98  HOH HOH A . 
B 2 HOH 99  99  99  HOH HOH A . 
B 2 HOH 100 100 100 HOH HOH A . 
B 2 HOH 101 101 101 HOH HOH A . 
B 2 HOH 102 102 102 HOH HOH A . 
B 2 HOH 103 103 103 HOH HOH A . 
B 2 HOH 104 104 104 HOH HOH A . 
B 2 HOH 105 105 105 HOH HOH A . 
B 2 HOH 106 106 106 HOH HOH A . 
B 2 HOH 107 107 107 HOH HOH A . 
B 2 HOH 108 108 108 HOH HOH A . 
B 2 HOH 109 109 109 HOH HOH A . 
B 2 HOH 110 110 110 HOH HOH A . 
B 2 HOH 111 111 111 HOH HOH A . 
B 2 HOH 112 112 112 HOH HOH A . 
B 2 HOH 113 113 113 HOH HOH A . 
B 2 HOH 114 114 114 HOH HOH A . 
B 2 HOH 115 115 115 HOH HOH A . 
B 2 HOH 116 116 116 HOH HOH A . 
B 2 HOH 117 117 117 HOH HOH A . 
B 2 HOH 118 118 118 HOH HOH A . 
B 2 HOH 119 119 119 HOH HOH A . 
B 2 HOH 120 120 120 HOH HOH A . 
B 2 HOH 121 121 121 HOH HOH A . 
B 2 HOH 122 122 122 HOH HOH A . 
B 2 HOH 123 123 123 HOH HOH A . 
B 2 HOH 124 124 124 HOH HOH A . 
B 2 HOH 125 125 125 HOH HOH A . 
B 2 HOH 126 126 126 HOH HOH A . 
B 2 HOH 127 127 127 HOH HOH A . 
B 2 HOH 128 128 128 HOH HOH A . 
B 2 HOH 129 129 129 HOH HOH A . 
B 2 HOH 130 130 130 HOH HOH A . 
B 2 HOH 131 131 131 HOH HOH A . 
# 
_pdbx_struct_assembly.id                   1 
_pdbx_struct_assembly.details              author_defined_assembly 
_pdbx_struct_assembly.method_details       ? 
_pdbx_struct_assembly.oligomeric_details   monomeric 
_pdbx_struct_assembly.oligomeric_count     1 
# 
_pdbx_struct_assembly_gen.assembly_id       1 
_pdbx_struct_assembly_gen.oper_expression   1 
_pdbx_struct_assembly_gen.asym_id_list      A,B 
# 
_pdbx_struct_oper_list.id                   1 
_pdbx_struct_oper_list.type                 'identity operation' 
_pdbx_struct_oper_list.name                 1_555 
_pdbx_struct_oper_list.symmetry_operation   x,y,z 
_pdbx_struct_oper_list.matrix[1][1]         1.0000000000 
_pdbx_struct_oper_list.matrix[1][2]         0.0000000000 
_pdbx_struct_oper_list.matrix[1][3]         0.0000000000 
_pdbx_struct_oper_list.vector[1]            0.0000000000 
_pdbx_struct_oper_list.matrix[2][1]         0.0000000000 
_pdbx_struct_oper_list.matrix[2][2]         1.0000000000 
_pdbx_struct_oper_list.matrix[2][3]         0.0000000000 
_pdbx_struct_oper_list.vector[2]            0.0000000000 
_pdbx_struct_oper_list.matrix[3][1]         0.0000000000 
_pdbx_struct_oper_list.matrix[3][2]         0.0000000000 
_pdbx_struct_oper_list.matrix[3][3]         1.0000000000 
_pdbx_struct_oper_list.vector[3]            0.0000000000 
# 
loop_
_pdbx_audit_revision_history.ordinal 
_pdbx_audit_revision_history.data_content_type 
_pdbx_audit_revision_history.major_revision 
_pdbx_audit_revision_history.minor_revision 
_pdbx_audit_revision_history.revision_date 
1 'Structure model' 1 0 2003-06-10 
2 'Structure model' 1 1 2008-04-29 
3 'Structure model' 1 2 2011-07-13 
4 'Structure model' 1 3 2017-10-11 
5 'Structure model' 1 4 2023-08-16 
# 
_pdbx_audit_revision_details.ordinal             1 
_pdbx_audit_revision_details.revision_ordinal    1 
_pdbx_audit_revision_details.data_content_type   'Structure model' 
_pdbx_audit_revision_details.provider            repository 
_pdbx_audit_revision_details.type                'Initial release' 
_pdbx_audit_revision_details.description         ? 
_pdbx_audit_revision_details.details             ? 
# 
loop_
_pdbx_audit_revision_group.ordinal 
_pdbx_audit_revision_group.revision_ordinal 
_pdbx_audit_revision_group.data_content_type 
_pdbx_audit_revision_group.group 
1 2 'Structure model' 'Version format compliance' 
2 3 'Structure model' 'Version format compliance' 
3 4 'Structure model' 'Refinement description'    
4 5 'Structure model' 'Data collection'           
5 5 'Structure model' 'Database references'       
6 5 'Structure model' 'Refinement description'    
# 
loop_
_pdbx_audit_revision_category.ordinal 
_pdbx_audit_revision_category.revision_ordinal 
_pdbx_audit_revision_category.data_content_type 
_pdbx_audit_revision_category.category 
1 4 'Structure model' software                      
2 5 'Structure model' chem_comp_atom                
3 5 'Structure model' chem_comp_bond                
4 5 'Structure model' database_2                    
5 5 'Structure model' pdbx_initial_refinement_model 
6 5 'Structure model' struct_ref_seq_dif            
# 
loop_
_pdbx_audit_revision_item.ordinal 
_pdbx_audit_revision_item.revision_ordinal 
_pdbx_audit_revision_item.data_content_type 
_pdbx_audit_revision_item.item 
1 4 'Structure model' '_software.name'                      
2 5 'Structure model' '_database_2.pdbx_DOI'                
3 5 'Structure model' '_database_2.pdbx_database_accession' 
4 5 'Structure model' '_struct_ref_seq_dif.details'         
# 
loop_
_software.name 
_software.classification 
_software.version 
_software.citation_id 
_software.pdbx_ordinal 
MAR345   'data collection' . ? 1 
HKL-2000 'data reduction'  . ? 2 
AMoRE    phasing           . ? 3 
ARP/wARP 'model building'  . ? 4 
CNS      refinement        . ? 5 
HKL-2000 'data scaling'    . ? 6 
# 
loop_
_pdbx_validate_torsion.id 
_pdbx_validate_torsion.PDB_model_num 
_pdbx_validate_torsion.auth_comp_id 
_pdbx_validate_torsion.auth_asym_id 
_pdbx_validate_torsion.auth_seq_id 
_pdbx_validate_torsion.PDB_ins_code 
_pdbx_validate_torsion.label_alt_id 
_pdbx_validate_torsion.phi 
_pdbx_validate_torsion.psi 
1 1 ASN A 303 ? ? -122.18 -152.29 
2 1 ALA A 328 ? ? -153.86 24.11   
# 
loop_
_pdbx_unobs_or_zero_occ_residues.id 
_pdbx_unobs_or_zero_occ_residues.PDB_model_num 
_pdbx_unobs_or_zero_occ_residues.polymer_flag 
_pdbx_unobs_or_zero_occ_residues.occupancy_flag 
_pdbx_unobs_or_zero_occ_residues.auth_asym_id 
_pdbx_unobs_or_zero_occ_residues.auth_comp_id 
_pdbx_unobs_or_zero_occ_residues.auth_seq_id 
_pdbx_unobs_or_zero_occ_residues.PDB_ins_code 
_pdbx_unobs_or_zero_occ_residues.label_asym_id 
_pdbx_unobs_or_zero_occ_residues.label_comp_id 
_pdbx_unobs_or_zero_occ_residues.label_seq_id 
1  1 Y 1 A GLY 196 ? A GLY 1   
2  1 Y 1 A SER 197 ? A SER 2   
3  1 Y 1 A HIS 198 ? A HIS 3   
4  1 Y 1 A GLY 199 ? A GLY 4   
5  1 Y 1 A THR 200 ? A THR 5   
6  1 Y 1 A THR 201 ? A THR 6   
7  1 Y 1 A PHE 202 ? A PHE 7   
8  1 Y 1 A ASN 203 ? A ASN 8   
9  1 Y 1 A GLY 204 ? A GLY 9   
10 1 Y 1 A ILE 205 ? A ILE 10  
11 1 Y 1 A MET 206 ? A MET 11  
12 1 Y 1 A GLN 207 ? A GLN 12  
13 1 Y 1 A SER 208 ? A SER 13  
14 1 Y 1 A TYR 209 ? A TYR 14  
15 1 Y 1 A VAL 210 ? A VAL 15  
16 1 Y 1 A PRO 211 ? A PRO 16  
17 1 Y 1 A ARG 212 ? A ARG 17  
18 1 Y 1 A ILE 213 ? A ILE 18  
19 1 Y 1 A VAL 214 ? A VAL 19  
20 1 Y 1 A PRO 215 ? A PRO 20  
21 1 Y 1 A ASP 216 ? A ASP 21  
22 1 Y 1 A GLU 217 ? A GLU 22  
23 1 Y 1 A PRO 218 ? A PRO 23  
24 1 Y 1 A ASP 219 ? A ASP 24  
25 1 Y 1 A ASN 220 ? A ASN 25  
26 1 Y 1 A ASP 221 ? A ASP 26  
27 1 Y 1 A ASP 389 ? A ASP 194 
28 1 Y 1 A PRO 390 ? A PRO 195 
29 1 Y 1 A ASN 391 ? A ASN 196 
30 1 Y 1 A VAL 392 ? A VAL 197 
# 
loop_
_chem_comp_atom.comp_id 
_chem_comp_atom.atom_id 
_chem_comp_atom.type_symbol 
_chem_comp_atom.pdbx_aromatic_flag 
_chem_comp_atom.pdbx_stereo_config 
_chem_comp_atom.pdbx_ordinal 
ALA N    N N N 1   
ALA CA   C N S 2   
ALA C    C N N 3   
ALA O    O N N 4   
ALA CB   C N N 5   
ALA OXT  O N N 6   
ALA H    H N N 7   
ALA H2   H N N 8   
ALA HA   H N N 9   
ALA HB1  H N N 10  
ALA HB2  H N N 11  
ALA HB3  H N N 12  
ALA HXT  H N N 13  
ARG N    N N N 14  
ARG CA   C N S 15  
ARG C    C N N 16  
ARG O    O N N 17  
ARG CB   C N N 18  
ARG CG   C N N 19  
ARG CD   C N N 20  
ARG NE   N N N 21  
ARG CZ   C N N 22  
ARG NH1  N N N 23  
ARG NH2  N N N 24  
ARG OXT  O N N 25  
ARG H    H N N 26  
ARG H2   H N N 27  
ARG HA   H N N 28  
ARG HB2  H N N 29  
ARG HB3  H N N 30  
ARG HG2  H N N 31  
ARG HG3  H N N 32  
ARG HD2  H N N 33  
ARG HD3  H N N 34  
ARG HE   H N N 35  
ARG HH11 H N N 36  
ARG HH12 H N N 37  
ARG HH21 H N N 38  
ARG HH22 H N N 39  
ARG HXT  H N N 40  
ASN N    N N N 41  
ASN CA   C N S 42  
ASN C    C N N 43  
ASN O    O N N 44  
ASN CB   C N N 45  
ASN CG   C N N 46  
ASN OD1  O N N 47  
ASN ND2  N N N 48  
ASN OXT  O N N 49  
ASN H    H N N 50  
ASN H2   H N N 51  
ASN HA   H N N 52  
ASN HB2  H N N 53  
ASN HB3  H N N 54  
ASN HD21 H N N 55  
ASN HD22 H N N 56  
ASN HXT  H N N 57  
ASP N    N N N 58  
ASP CA   C N S 59  
ASP C    C N N 60  
ASP O    O N N 61  
ASP CB   C N N 62  
ASP CG   C N N 63  
ASP OD1  O N N 64  
ASP OD2  O N N 65  
ASP OXT  O N N 66  
ASP H    H N N 67  
ASP H2   H N N 68  
ASP HA   H N N 69  
ASP HB2  H N N 70  
ASP HB3  H N N 71  
ASP HD2  H N N 72  
ASP HXT  H N N 73  
CYS N    N N N 74  
CYS CA   C N R 75  
CYS C    C N N 76  
CYS O    O N N 77  
CYS CB   C N N 78  
CYS SG   S N N 79  
CYS OXT  O N N 80  
CYS H    H N N 81  
CYS H2   H N N 82  
CYS HA   H N N 83  
CYS HB2  H N N 84  
CYS HB3  H N N 85  
CYS HG   H N N 86  
CYS HXT  H N N 87  
GLN N    N N N 88  
GLN CA   C N S 89  
GLN C    C N N 90  
GLN O    O N N 91  
GLN CB   C N N 92  
GLN CG   C N N 93  
GLN CD   C N N 94  
GLN OE1  O N N 95  
GLN NE2  N N N 96  
GLN OXT  O N N 97  
GLN H    H N N 98  
GLN H2   H N N 99  
GLN HA   H N N 100 
GLN HB2  H N N 101 
GLN HB3  H N N 102 
GLN HG2  H N N 103 
GLN HG3  H N N 104 
GLN HE21 H N N 105 
GLN HE22 H N N 106 
GLN HXT  H N N 107 
GLU N    N N N 108 
GLU CA   C N S 109 
GLU C    C N N 110 
GLU O    O N N 111 
GLU CB   C N N 112 
GLU CG   C N N 113 
GLU CD   C N N 114 
GLU OE1  O N N 115 
GLU OE2  O N N 116 
GLU OXT  O N N 117 
GLU H    H N N 118 
GLU H2   H N N 119 
GLU HA   H N N 120 
GLU HB2  H N N 121 
GLU HB3  H N N 122 
GLU HG2  H N N 123 
GLU HG3  H N N 124 
GLU HE2  H N N 125 
GLU HXT  H N N 126 
GLY N    N N N 127 
GLY CA   C N N 128 
GLY C    C N N 129 
GLY O    O N N 130 
GLY OXT  O N N 131 
GLY H    H N N 132 
GLY H2   H N N 133 
GLY HA2  H N N 134 
GLY HA3  H N N 135 
GLY HXT  H N N 136 
HIS N    N N N 137 
HIS CA   C N S 138 
HIS C    C N N 139 
HIS O    O N N 140 
HIS CB   C N N 141 
HIS CG   C Y N 142 
HIS ND1  N Y N 143 
HIS CD2  C Y N 144 
HIS CE1  C Y N 145 
HIS NE2  N Y N 146 
HIS OXT  O N N 147 
HIS H    H N N 148 
HIS H2   H N N 149 
HIS HA   H N N 150 
HIS HB2  H N N 151 
HIS HB3  H N N 152 
HIS HD1  H N N 153 
HIS HD2  H N N 154 
HIS HE1  H N N 155 
HIS HE2  H N N 156 
HIS HXT  H N N 157 
HOH O    O N N 158 
HOH H1   H N N 159 
HOH H2   H N N 160 
ILE N    N N N 161 
ILE CA   C N S 162 
ILE C    C N N 163 
ILE O    O N N 164 
ILE CB   C N S 165 
ILE CG1  C N N 166 
ILE CG2  C N N 167 
ILE CD1  C N N 168 
ILE OXT  O N N 169 
ILE H    H N N 170 
ILE H2   H N N 171 
ILE HA   H N N 172 
ILE HB   H N N 173 
ILE HG12 H N N 174 
ILE HG13 H N N 175 
ILE HG21 H N N 176 
ILE HG22 H N N 177 
ILE HG23 H N N 178 
ILE HD11 H N N 179 
ILE HD12 H N N 180 
ILE HD13 H N N 181 
ILE HXT  H N N 182 
LEU N    N N N 183 
LEU CA   C N S 184 
LEU C    C N N 185 
LEU O    O N N 186 
LEU CB   C N N 187 
LEU CG   C N N 188 
LEU CD1  C N N 189 
LEU CD2  C N N 190 
LEU OXT  O N N 191 
LEU H    H N N 192 
LEU H2   H N N 193 
LEU HA   H N N 194 
LEU HB2  H N N 195 
LEU HB3  H N N 196 
LEU HG   H N N 197 
LEU HD11 H N N 198 
LEU HD12 H N N 199 
LEU HD13 H N N 200 
LEU HD21 H N N 201 
LEU HD22 H N N 202 
LEU HD23 H N N 203 
LEU HXT  H N N 204 
LYS N    N N N 205 
LYS CA   C N S 206 
LYS C    C N N 207 
LYS O    O N N 208 
LYS CB   C N N 209 
LYS CG   C N N 210 
LYS CD   C N N 211 
LYS CE   C N N 212 
LYS NZ   N N N 213 
LYS OXT  O N N 214 
LYS H    H N N 215 
LYS H2   H N N 216 
LYS HA   H N N 217 
LYS HB2  H N N 218 
LYS HB3  H N N 219 
LYS HG2  H N N 220 
LYS HG3  H N N 221 
LYS HD2  H N N 222 
LYS HD3  H N N 223 
LYS HE2  H N N 224 
LYS HE3  H N N 225 
LYS HZ1  H N N 226 
LYS HZ2  H N N 227 
LYS HZ3  H N N 228 
LYS HXT  H N N 229 
MET N    N N N 230 
MET CA   C N S 231 
MET C    C N N 232 
MET O    O N N 233 
MET CB   C N N 234 
MET CG   C N N 235 
MET SD   S N N 236 
MET CE   C N N 237 
MET OXT  O N N 238 
MET H    H N N 239 
MET H2   H N N 240 
MET HA   H N N 241 
MET HB2  H N N 242 
MET HB3  H N N 243 
MET HG2  H N N 244 
MET HG3  H N N 245 
MET HE1  H N N 246 
MET HE2  H N N 247 
MET HE3  H N N 248 
MET HXT  H N N 249 
PHE N    N N N 250 
PHE CA   C N S 251 
PHE C    C N N 252 
PHE O    O N N 253 
PHE CB   C N N 254 
PHE CG   C Y N 255 
PHE CD1  C Y N 256 
PHE CD2  C Y N 257 
PHE CE1  C Y N 258 
PHE CE2  C Y N 259 
PHE CZ   C Y N 260 
PHE OXT  O N N 261 
PHE H    H N N 262 
PHE H2   H N N 263 
PHE HA   H N N 264 
PHE HB2  H N N 265 
PHE HB3  H N N 266 
PHE HD1  H N N 267 
PHE HD2  H N N 268 
PHE HE1  H N N 269 
PHE HE2  H N N 270 
PHE HZ   H N N 271 
PHE HXT  H N N 272 
PRO N    N N N 273 
PRO CA   C N S 274 
PRO C    C N N 275 
PRO O    O N N 276 
PRO CB   C N N 277 
PRO CG   C N N 278 
PRO CD   C N N 279 
PRO OXT  O N N 280 
PRO H    H N N 281 
PRO HA   H N N 282 
PRO HB2  H N N 283 
PRO HB3  H N N 284 
PRO HG2  H N N 285 
PRO HG3  H N N 286 
PRO HD2  H N N 287 
PRO HD3  H N N 288 
PRO HXT  H N N 289 
SER N    N N N 290 
SER CA   C N S 291 
SER C    C N N 292 
SER O    O N N 293 
SER CB   C N N 294 
SER OG   O N N 295 
SER OXT  O N N 296 
SER H    H N N 297 
SER H2   H N N 298 
SER HA   H N N 299 
SER HB2  H N N 300 
SER HB3  H N N 301 
SER HG   H N N 302 
SER HXT  H N N 303 
THR N    N N N 304 
THR CA   C N S 305 
THR C    C N N 306 
THR O    O N N 307 
THR CB   C N R 308 
THR OG1  O N N 309 
THR CG2  C N N 310 
THR OXT  O N N 311 
THR H    H N N 312 
THR H2   H N N 313 
THR HA   H N N 314 
THR HB   H N N 315 
THR HG1  H N N 316 
THR HG21 H N N 317 
THR HG22 H N N 318 
THR HG23 H N N 319 
THR HXT  H N N 320 
TYR N    N N N 321 
TYR CA   C N S 322 
TYR C    C N N 323 
TYR O    O N N 324 
TYR CB   C N N 325 
TYR CG   C Y N 326 
TYR CD1  C Y N 327 
TYR CD2  C Y N 328 
TYR CE1  C Y N 329 
TYR CE2  C Y N 330 
TYR CZ   C Y N 331 
TYR OH   O N N 332 
TYR OXT  O N N 333 
TYR H    H N N 334 
TYR H2   H N N 335 
TYR HA   H N N 336 
TYR HB2  H N N 337 
TYR HB3  H N N 338 
TYR HD1  H N N 339 
TYR HD2  H N N 340 
TYR HE1  H N N 341 
TYR HE2  H N N 342 
TYR HH   H N N 343 
TYR HXT  H N N 344 
VAL N    N N N 345 
VAL CA   C N S 346 
VAL C    C N N 347 
VAL O    O N N 348 
VAL CB   C N N 349 
VAL CG1  C N N 350 
VAL CG2  C N N 351 
VAL OXT  O N N 352 
VAL H    H N N 353 
VAL H2   H N N 354 
VAL HA   H N N 355 
VAL HB   H N N 356 
VAL HG11 H N N 357 
VAL HG12 H N N 358 
VAL HG13 H N N 359 
VAL HG21 H N N 360 
VAL HG22 H N N 361 
VAL HG23 H N N 362 
VAL HXT  H N N 363 
# 
loop_
_chem_comp_bond.comp_id 
_chem_comp_bond.atom_id_1 
_chem_comp_bond.atom_id_2 
_chem_comp_bond.value_order 
_chem_comp_bond.pdbx_aromatic_flag 
_chem_comp_bond.pdbx_stereo_config 
_chem_comp_bond.pdbx_ordinal 
ALA N   CA   sing N N 1   
ALA N   H    sing N N 2   
ALA N   H2   sing N N 3   
ALA CA  C    sing N N 4   
ALA CA  CB   sing N N 5   
ALA CA  HA   sing N N 6   
ALA C   O    doub N N 7   
ALA C   OXT  sing N N 8   
ALA CB  HB1  sing N N 9   
ALA CB  HB2  sing N N 10  
ALA CB  HB3  sing N N 11  
ALA OXT HXT  sing N N 12  
ARG N   CA   sing N N 13  
ARG N   H    sing N N 14  
ARG N   H2   sing N N 15  
ARG CA  C    sing N N 16  
ARG CA  CB   sing N N 17  
ARG CA  HA   sing N N 18  
ARG C   O    doub N N 19  
ARG C   OXT  sing N N 20  
ARG CB  CG   sing N N 21  
ARG CB  HB2  sing N N 22  
ARG CB  HB3  sing N N 23  
ARG CG  CD   sing N N 24  
ARG CG  HG2  sing N N 25  
ARG CG  HG3  sing N N 26  
ARG CD  NE   sing N N 27  
ARG CD  HD2  sing N N 28  
ARG CD  HD3  sing N N 29  
ARG NE  CZ   sing N N 30  
ARG NE  HE   sing N N 31  
ARG CZ  NH1  sing N N 32  
ARG CZ  NH2  doub N N 33  
ARG NH1 HH11 sing N N 34  
ARG NH1 HH12 sing N N 35  
ARG NH2 HH21 sing N N 36  
ARG NH2 HH22 sing N N 37  
ARG OXT HXT  sing N N 38  
ASN N   CA   sing N N 39  
ASN N   H    sing N N 40  
ASN N   H2   sing N N 41  
ASN CA  C    sing N N 42  
ASN CA  CB   sing N N 43  
ASN CA  HA   sing N N 44  
ASN C   O    doub N N 45  
ASN C   OXT  sing N N 46  
ASN CB  CG   sing N N 47  
ASN CB  HB2  sing N N 48  
ASN CB  HB3  sing N N 49  
ASN CG  OD1  doub N N 50  
ASN CG  ND2  sing N N 51  
ASN ND2 HD21 sing N N 52  
ASN ND2 HD22 sing N N 53  
ASN OXT HXT  sing N N 54  
ASP N   CA   sing N N 55  
ASP N   H    sing N N 56  
ASP N   H2   sing N N 57  
ASP CA  C    sing N N 58  
ASP CA  CB   sing N N 59  
ASP CA  HA   sing N N 60  
ASP C   O    doub N N 61  
ASP C   OXT  sing N N 62  
ASP CB  CG   sing N N 63  
ASP CB  HB2  sing N N 64  
ASP CB  HB3  sing N N 65  
ASP CG  OD1  doub N N 66  
ASP CG  OD2  sing N N 67  
ASP OD2 HD2  sing N N 68  
ASP OXT HXT  sing N N 69  
CYS N   CA   sing N N 70  
CYS N   H    sing N N 71  
CYS N   H2   sing N N 72  
CYS CA  C    sing N N 73  
CYS CA  CB   sing N N 74  
CYS CA  HA   sing N N 75  
CYS C   O    doub N N 76  
CYS C   OXT  sing N N 77  
CYS CB  SG   sing N N 78  
CYS CB  HB2  sing N N 79  
CYS CB  HB3  sing N N 80  
CYS SG  HG   sing N N 81  
CYS OXT HXT  sing N N 82  
GLN N   CA   sing N N 83  
GLN N   H    sing N N 84  
GLN N   H2   sing N N 85  
GLN CA  C    sing N N 86  
GLN CA  CB   sing N N 87  
GLN CA  HA   sing N N 88  
GLN C   O    doub N N 89  
GLN C   OXT  sing N N 90  
GLN CB  CG   sing N N 91  
GLN CB  HB2  sing N N 92  
GLN CB  HB3  sing N N 93  
GLN CG  CD   sing N N 94  
GLN CG  HG2  sing N N 95  
GLN CG  HG3  sing N N 96  
GLN CD  OE1  doub N N 97  
GLN CD  NE2  sing N N 98  
GLN NE2 HE21 sing N N 99  
GLN NE2 HE22 sing N N 100 
GLN OXT HXT  sing N N 101 
GLU N   CA   sing N N 102 
GLU N   H    sing N N 103 
GLU N   H2   sing N N 104 
GLU CA  C    sing N N 105 
GLU CA  CB   sing N N 106 
GLU CA  HA   sing N N 107 
GLU C   O    doub N N 108 
GLU C   OXT  sing N N 109 
GLU CB  CG   sing N N 110 
GLU CB  HB2  sing N N 111 
GLU CB  HB3  sing N N 112 
GLU CG  CD   sing N N 113 
GLU CG  HG2  sing N N 114 
GLU CG  HG3  sing N N 115 
GLU CD  OE1  doub N N 116 
GLU CD  OE2  sing N N 117 
GLU OE2 HE2  sing N N 118 
GLU OXT HXT  sing N N 119 
GLY N   CA   sing N N 120 
GLY N   H    sing N N 121 
GLY N   H2   sing N N 122 
GLY CA  C    sing N N 123 
GLY CA  HA2  sing N N 124 
GLY CA  HA3  sing N N 125 
GLY C   O    doub N N 126 
GLY C   OXT  sing N N 127 
GLY OXT HXT  sing N N 128 
HIS N   CA   sing N N 129 
HIS N   H    sing N N 130 
HIS N   H2   sing N N 131 
HIS CA  C    sing N N 132 
HIS CA  CB   sing N N 133 
HIS CA  HA   sing N N 134 
HIS C   O    doub N N 135 
HIS C   OXT  sing N N 136 
HIS CB  CG   sing N N 137 
HIS CB  HB2  sing N N 138 
HIS CB  HB3  sing N N 139 
HIS CG  ND1  sing Y N 140 
HIS CG  CD2  doub Y N 141 
HIS ND1 CE1  doub Y N 142 
HIS ND1 HD1  sing N N 143 
HIS CD2 NE2  sing Y N 144 
HIS CD2 HD2  sing N N 145 
HIS CE1 NE2  sing Y N 146 
HIS CE1 HE1  sing N N 147 
HIS NE2 HE2  sing N N 148 
HIS OXT HXT  sing N N 149 
HOH O   H1   sing N N 150 
HOH O   H2   sing N N 151 
ILE N   CA   sing N N 152 
ILE N   H    sing N N 153 
ILE N   H2   sing N N 154 
ILE CA  C    sing N N 155 
ILE CA  CB   sing N N 156 
ILE CA  HA   sing N N 157 
ILE C   O    doub N N 158 
ILE C   OXT  sing N N 159 
ILE CB  CG1  sing N N 160 
ILE CB  CG2  sing N N 161 
ILE CB  HB   sing N N 162 
ILE CG1 CD1  sing N N 163 
ILE CG1 HG12 sing N N 164 
ILE CG1 HG13 sing N N 165 
ILE CG2 HG21 sing N N 166 
ILE CG2 HG22 sing N N 167 
ILE CG2 HG23 sing N N 168 
ILE CD1 HD11 sing N N 169 
ILE CD1 HD12 sing N N 170 
ILE CD1 HD13 sing N N 171 
ILE OXT HXT  sing N N 172 
LEU N   CA   sing N N 173 
LEU N   H    sing N N 174 
LEU N   H2   sing N N 175 
LEU CA  C    sing N N 176 
LEU CA  CB   sing N N 177 
LEU CA  HA   sing N N 178 
LEU C   O    doub N N 179 
LEU C   OXT  sing N N 180 
LEU CB  CG   sing N N 181 
LEU CB  HB2  sing N N 182 
LEU CB  HB3  sing N N 183 
LEU CG  CD1  sing N N 184 
LEU CG  CD2  sing N N 185 
LEU CG  HG   sing N N 186 
LEU CD1 HD11 sing N N 187 
LEU CD1 HD12 sing N N 188 
LEU CD1 HD13 sing N N 189 
LEU CD2 HD21 sing N N 190 
LEU CD2 HD22 sing N N 191 
LEU CD2 HD23 sing N N 192 
LEU OXT HXT  sing N N 193 
LYS N   CA   sing N N 194 
LYS N   H    sing N N 195 
LYS N   H2   sing N N 196 
LYS CA  C    sing N N 197 
LYS CA  CB   sing N N 198 
LYS CA  HA   sing N N 199 
LYS C   O    doub N N 200 
LYS C   OXT  sing N N 201 
LYS CB  CG   sing N N 202 
LYS CB  HB2  sing N N 203 
LYS CB  HB3  sing N N 204 
LYS CG  CD   sing N N 205 
LYS CG  HG2  sing N N 206 
LYS CG  HG3  sing N N 207 
LYS CD  CE   sing N N 208 
LYS CD  HD2  sing N N 209 
LYS CD  HD3  sing N N 210 
LYS CE  NZ   sing N N 211 
LYS CE  HE2  sing N N 212 
LYS CE  HE3  sing N N 213 
LYS NZ  HZ1  sing N N 214 
LYS NZ  HZ2  sing N N 215 
LYS NZ  HZ3  sing N N 216 
LYS OXT HXT  sing N N 217 
MET N   CA   sing N N 218 
MET N   H    sing N N 219 
MET N   H2   sing N N 220 
MET CA  C    sing N N 221 
MET CA  CB   sing N N 222 
MET CA  HA   sing N N 223 
MET C   O    doub N N 224 
MET C   OXT  sing N N 225 
MET CB  CG   sing N N 226 
MET CB  HB2  sing N N 227 
MET CB  HB3  sing N N 228 
MET CG  SD   sing N N 229 
MET CG  HG2  sing N N 230 
MET CG  HG3  sing N N 231 
MET SD  CE   sing N N 232 
MET CE  HE1  sing N N 233 
MET CE  HE2  sing N N 234 
MET CE  HE3  sing N N 235 
MET OXT HXT  sing N N 236 
PHE N   CA   sing N N 237 
PHE N   H    sing N N 238 
PHE N   H2   sing N N 239 
PHE CA  C    sing N N 240 
PHE CA  CB   sing N N 241 
PHE CA  HA   sing N N 242 
PHE C   O    doub N N 243 
PHE C   OXT  sing N N 244 
PHE CB  CG   sing N N 245 
PHE CB  HB2  sing N N 246 
PHE CB  HB3  sing N N 247 
PHE CG  CD1  doub Y N 248 
PHE CG  CD2  sing Y N 249 
PHE CD1 CE1  sing Y N 250 
PHE CD1 HD1  sing N N 251 
PHE CD2 CE2  doub Y N 252 
PHE CD2 HD2  sing N N 253 
PHE CE1 CZ   doub Y N 254 
PHE CE1 HE1  sing N N 255 
PHE CE2 CZ   sing Y N 256 
PHE CE2 HE2  sing N N 257 
PHE CZ  HZ   sing N N 258 
PHE OXT HXT  sing N N 259 
PRO N   CA   sing N N 260 
PRO N   CD   sing N N 261 
PRO N   H    sing N N 262 
PRO CA  C    sing N N 263 
PRO CA  CB   sing N N 264 
PRO CA  HA   sing N N 265 
PRO C   O    doub N N 266 
PRO C   OXT  sing N N 267 
PRO CB  CG   sing N N 268 
PRO CB  HB2  sing N N 269 
PRO CB  HB3  sing N N 270 
PRO CG  CD   sing N N 271 
PRO CG  HG2  sing N N 272 
PRO CG  HG3  sing N N 273 
PRO CD  HD2  sing N N 274 
PRO CD  HD3  sing N N 275 
PRO OXT HXT  sing N N 276 
SER N   CA   sing N N 277 
SER N   H    sing N N 278 
SER N   H2   sing N N 279 
SER CA  C    sing N N 280 
SER CA  CB   sing N N 281 
SER CA  HA   sing N N 282 
SER C   O    doub N N 283 
SER C   OXT  sing N N 284 
SER CB  OG   sing N N 285 
SER CB  HB2  sing N N 286 
SER CB  HB3  sing N N 287 
SER OG  HG   sing N N 288 
SER OXT HXT  sing N N 289 
THR N   CA   sing N N 290 
THR N   H    sing N N 291 
THR N   H2   sing N N 292 
THR CA  C    sing N N 293 
THR CA  CB   sing N N 294 
THR CA  HA   sing N N 295 
THR C   O    doub N N 296 
THR C   OXT  sing N N 297 
THR CB  OG1  sing N N 298 
THR CB  CG2  sing N N 299 
THR CB  HB   sing N N 300 
THR OG1 HG1  sing N N 301 
THR CG2 HG21 sing N N 302 
THR CG2 HG22 sing N N 303 
THR CG2 HG23 sing N N 304 
THR OXT HXT  sing N N 305 
TYR N   CA   sing N N 306 
TYR N   H    sing N N 307 
TYR N   H2   sing N N 308 
TYR CA  C    sing N N 309 
TYR CA  CB   sing N N 310 
TYR CA  HA   sing N N 311 
TYR C   O    doub N N 312 
TYR C   OXT  sing N N 313 
TYR CB  CG   sing N N 314 
TYR CB  HB2  sing N N 315 
TYR CB  HB3  sing N N 316 
TYR CG  CD1  doub Y N 317 
TYR CG  CD2  sing Y N 318 
TYR CD1 CE1  sing Y N 319 
TYR CD1 HD1  sing N N 320 
TYR CD2 CE2  doub Y N 321 
TYR CD2 HD2  sing N N 322 
TYR CE1 CZ   doub Y N 323 
TYR CE1 HE1  sing N N 324 
TYR CE2 CZ   sing Y N 325 
TYR CE2 HE2  sing N N 326 
TYR CZ  OH   sing N N 327 
TYR OH  HH   sing N N 328 
TYR OXT HXT  sing N N 329 
VAL N   CA   sing N N 330 
VAL N   H    sing N N 331 
VAL N   H2   sing N N 332 
VAL CA  C    sing N N 333 
VAL CA  CB   sing N N 334 
VAL CA  HA   sing N N 335 
VAL C   O    doub N N 336 
VAL C   OXT  sing N N 337 
VAL CB  CG1  sing N N 338 
VAL CB  CG2  sing N N 339 
VAL CB  HB   sing N N 340 
VAL CG1 HG11 sing N N 341 
VAL CG1 HG12 sing N N 342 
VAL CG1 HG13 sing N N 343 
VAL CG2 HG21 sing N N 344 
VAL CG2 HG22 sing N N 345 
VAL CG2 HG23 sing N N 346 
VAL OXT HXT  sing N N 347 
# 
_pdbx_entity_nonpoly.entity_id   2 
_pdbx_entity_nonpoly.name        water 
_pdbx_entity_nonpoly.comp_id     HOH 
# 
_pdbx_initial_refinement_model.id               1 
_pdbx_initial_refinement_model.entity_id_list   ? 
_pdbx_initial_refinement_model.type             'experimental model' 
_pdbx_initial_refinement_model.source_name      PDB 
_pdbx_initial_refinement_model.accession_code   1IO0 
_pdbx_initial_refinement_model.details          'PDB entry 1IO0' 
# 
